data_4NKV
#
_entry.id   4NKV
#
_cell.length_a   90.670
_cell.length_b   153.251
_cell.length_c   167.664
_cell.angle_alpha   90.00
_cell.angle_beta   90.00
_cell.angle_gamma   90.00
#
_symmetry.space_group_name_H-M   'P 21 21 21'
#
loop_
_entity.id
_entity.type
_entity.pdbx_description
1 polymer 'Steroid 17-alpha-hydroxylase/17,20 lyase'
2 non-polymer 'PROTOPORPHYRIN IX CONTAINING FE'
3 non-polymer Abiraterone
4 water water
#
_entity_poly.entity_id   1
_entity_poly.type   'polypeptide(L)'
_entity_poly.pdbx_seq_one_letter_code
;MAKKTGAKYPKSLLSLPLVGSLPFLPRHGHMHNNFFKLQKKYGPIYSVRMGTKTTVIVGHHQLAKEVLIKKGKDFSGRPQ
MATLDILSNNRKGIAFADSGAHWQLHRRLAMATFALFKDGDQKLEKIICQEISTLCDMLATHNGQSIDISFPVFVAVTNV
ISLICFNTSYKNGDPELNVIQNYNEGIIDNLSKDSLVDLVPWLKIFPNKTLEKLKSHVKIRNDLLNKILENYKEKFRSDS
ITNMLDTLMQAKMNSDNGNAGPDQDSELLSDNHILTTIGDIFGAGVETTTSVVKWTLAFLLHNPQVKKKLYEEIDQNVGF
SRTPTISDRNRLLLLEATIREVLRLRPVAPMLIPHKANVDSSIGEFAVDKGTEVIINLWALHHNEKEWHQPDQFMPERFL
NPAGTQLISPSVSYLPFGAGPRSCIGEILARQELFLIMAWLLQRFDLEVPDDGQLPSLEGIPKVVFLIDSFKVKIKVRQA
WREAQAEGSTHHHH
;
_entity_poly.pdbx_strand_id   A,B,C,D
#
loop_
_chem_comp.id
_chem_comp.type
_chem_comp.name
_chem_comp.formula
AER non-polymer Abiraterone 'C24 H31 N O'
HEM non-polymer 'PROTOPORPHYRIN IX CONTAINING FE' 'C34 H32 Fe N4 O4'
#
# COMPACT_ATOMS: atom_id res chain seq x y z
N LEU A 13 6.99 38.32 -28.17
CA LEU A 13 7.31 36.92 -27.86
C LEU A 13 6.34 35.95 -28.50
N LEU A 14 6.86 34.92 -29.15
CA LEU A 14 6.04 33.98 -29.89
C LEU A 14 5.62 32.77 -29.10
N SER A 15 4.66 32.04 -29.66
CA SER A 15 4.09 30.90 -29.00
C SER A 15 4.55 29.63 -29.67
N LEU A 16 4.86 28.62 -28.86
CA LEU A 16 5.40 27.37 -29.32
C LEU A 16 4.49 26.63 -30.26
N PRO A 17 5.06 25.96 -31.24
CA PRO A 17 4.20 25.06 -32.00
C PRO A 17 3.72 23.91 -31.14
N LEU A 18 2.44 23.60 -31.28
CA LEU A 18 1.80 22.59 -30.49
C LEU A 18 1.57 21.41 -31.41
N VAL A 19 2.10 20.25 -31.03
CA VAL A 19 1.96 19.04 -31.85
C VAL A 19 0.98 18.06 -31.24
N GLY A 20 0.46 18.39 -30.07
CA GLY A 20 -0.45 17.50 -29.39
C GLY A 20 -1.15 18.22 -28.26
N SER A 21 -2.38 17.82 -27.97
CA SER A 21 -3.16 18.43 -26.91
C SER A 21 -4.27 17.51 -26.45
N LEU A 22 -4.30 17.22 -25.14
CA LEU A 22 -5.40 16.47 -24.54
C LEU A 22 -6.03 17.29 -23.40
N PRO A 23 -7.34 17.19 -23.23
CA PRO A 23 -7.99 18.10 -22.28
C PRO A 23 -7.78 17.75 -20.82
N PHE A 24 -7.32 16.55 -20.51
CA PHE A 24 -6.99 16.23 -19.13
C PHE A 24 -5.85 15.23 -19.03
N LEU A 25 -5.35 14.98 -17.82
CA LEU A 25 -4.23 14.05 -17.64
C LEU A 25 -4.65 12.60 -17.85
N PRO A 26 -3.84 11.86 -18.59
CA PRO A 26 -4.17 10.44 -18.72
C PRO A 26 -3.84 9.72 -17.43
N ARG A 27 -4.62 8.69 -17.15
CA ARG A 27 -4.43 7.87 -15.96
C ARG A 27 -4.51 8.70 -14.68
N HIS A 28 -5.37 9.70 -14.66
CA HIS A 28 -5.62 10.43 -13.44
C HIS A 28 -7.13 10.67 -13.26
N GLY A 29 -7.70 10.08 -12.23
CA GLY A 29 -9.15 10.06 -12.07
C GLY A 29 -9.75 9.02 -12.98
N HIS A 30 -11.06 8.84 -12.90
CA HIS A 30 -11.74 7.89 -13.77
C HIS A 30 -12.19 8.55 -15.08
N MET A 31 -11.92 7.88 -16.18
CA MET A 31 -12.26 8.38 -17.50
C MET A 31 -13.67 8.92 -17.60
N HIS A 32 -14.66 8.11 -17.19
CA HIS A 32 -16.06 8.50 -17.33
C HIS A 32 -16.33 9.80 -16.58
N ASN A 33 -15.62 10.01 -15.48
CA ASN A 33 -15.81 11.24 -14.75
C ASN A 33 -15.10 12.40 -15.41
N ASN A 34 -13.92 12.15 -15.96
CA ASN A 34 -13.16 13.22 -16.58
C ASN A 34 -13.88 13.76 -17.80
N PHE A 35 -14.54 12.88 -18.52
CA PHE A 35 -15.33 13.26 -19.68
C PHE A 35 -16.54 14.07 -19.23
N PHE A 36 -17.11 13.67 -18.10
CA PHE A 36 -18.26 14.36 -17.53
C PHE A 36 -17.91 15.80 -17.16
N LYS A 37 -16.81 15.97 -16.42
CA LYS A 37 -16.37 17.28 -15.98
C LYS A 37 -16.09 18.20 -17.17
N LEU A 38 -15.67 17.61 -18.29
CA LEU A 38 -15.38 18.39 -19.47
C LEU A 38 -16.64 19.02 -20.07
N GLN A 39 -17.81 18.49 -19.73
CA GLN A 39 -19.06 18.97 -20.33
C GLN A 39 -19.36 20.40 -19.93
N LYS A 40 -18.91 20.82 -18.76
CA LYS A 40 -19.12 22.19 -18.32
C LYS A 40 -18.51 23.20 -19.28
N LYS A 41 -17.38 22.85 -19.86
CA LYS A 41 -16.67 23.72 -20.80
C LYS A 41 -17.20 23.55 -22.22
N TYR A 42 -17.37 22.31 -22.63
CA TYR A 42 -17.49 22.03 -24.05
C TYR A 42 -18.85 21.55 -24.47
N GLY A 43 -19.75 21.35 -23.50
CA GLY A 43 -21.10 20.94 -23.80
C GLY A 43 -21.25 19.44 -23.74
N PRO A 44 -22.44 18.95 -24.09
CA PRO A 44 -22.81 17.54 -23.93
C PRO A 44 -22.26 16.59 -25.01
N ILE A 45 -21.58 17.12 -26.01
CA ILE A 45 -21.06 16.29 -27.08
C ILE A 45 -19.83 16.94 -27.66
N TYR A 46 -18.75 16.16 -27.75
CA TYR A 46 -17.49 16.65 -28.27
C TYR A 46 -16.64 15.50 -28.75
N SER A 47 -15.52 15.81 -29.39
CA SER A 47 -14.72 14.79 -30.06
C SER A 47 -13.23 14.93 -29.78
N VAL A 48 -12.53 13.80 -29.95
CA VAL A 48 -11.09 13.73 -29.77
C VAL A 48 -10.48 12.94 -30.91
N ARG A 49 -9.35 13.42 -31.44
CA ARG A 49 -8.70 12.74 -32.56
C ARG A 49 -7.37 12.14 -32.10
N MET A 50 -7.18 10.88 -32.44
CA MET A 50 -6.01 10.14 -32.01
C MET A 50 -5.40 9.53 -33.25
N GLY A 51 -4.35 10.16 -33.76
CA GLY A 51 -3.81 9.80 -35.04
C GLY A 51 -4.89 9.84 -36.10
N THR A 52 -5.31 8.67 -36.53
CA THR A 52 -6.28 8.55 -37.61
C THR A 52 -7.71 8.45 -37.06
N LYS A 53 -7.86 7.85 -35.88
CA LYS A 53 -9.17 7.59 -35.31
C LYS A 53 -9.77 8.83 -34.66
N THR A 54 -11.07 8.99 -34.84
CA THR A 54 -11.83 10.04 -34.18
C THR A 54 -12.84 9.40 -33.27
N THR A 55 -13.01 9.98 -32.10
CA THR A 55 -13.95 9.46 -31.12
C THR A 55 -14.90 10.57 -30.67
N VAL A 56 -16.17 10.23 -30.55
CA VAL A 56 -17.18 11.14 -30.06
C VAL A 56 -17.75 10.66 -28.75
N ILE A 57 -17.79 11.56 -27.76
CA ILE A 57 -18.33 11.27 -26.47
C ILE A 57 -19.64 12.03 -26.31
N VAL A 58 -20.67 11.31 -25.88
CA VAL A 58 -22.01 11.85 -25.74
C VAL A 58 -22.48 11.73 -24.30
N GLY A 59 -22.99 12.82 -23.74
CA GLY A 59 -23.30 12.85 -22.32
C GLY A 59 -24.61 13.50 -21.95
N HIS A 60 -25.62 13.36 -22.81
CA HIS A 60 -26.95 13.85 -22.50
C HIS A 60 -27.98 12.87 -23.04
N HIS A 61 -29.04 12.66 -22.30
CA HIS A 61 -29.95 11.54 -22.59
C HIS A 61 -30.57 11.68 -23.97
N GLN A 62 -30.81 12.92 -24.39
CA GLN A 62 -31.47 13.15 -25.66
C GLN A 62 -30.59 12.69 -26.79
N LEU A 63 -29.31 13.07 -26.74
CA LEU A 63 -28.38 12.68 -27.77
C LEU A 63 -28.08 11.19 -27.70
N ALA A 64 -28.11 10.64 -26.49
CA ALA A 64 -27.77 9.24 -26.30
C ALA A 64 -28.85 8.36 -26.88
N LYS A 65 -30.10 8.74 -26.66
CA LYS A 65 -31.22 8.00 -27.24
C LYS A 65 -31.24 8.10 -28.76
N GLU A 66 -30.79 9.22 -29.31
CA GLU A 66 -30.64 9.34 -30.74
C GLU A 66 -29.64 8.32 -31.29
N VAL A 67 -28.56 8.07 -30.55
CA VAL A 67 -27.52 7.13 -30.97
C VAL A 67 -27.93 5.67 -30.77
N LEU A 68 -28.57 5.40 -29.64
CA LEU A 68 -28.95 4.04 -29.29
C LEU A 68 -30.27 3.60 -29.94
N ILE A 69 -31.23 4.50 -30.05
CA ILE A 69 -32.58 4.10 -30.48
C ILE A 69 -32.95 4.64 -31.87
N LYS A 70 -33.23 5.94 -31.95
CA LYS A 70 -33.67 6.57 -33.19
C LYS A 70 -32.80 6.25 -34.39
N LYS A 71 -31.49 6.30 -34.21
CA LYS A 71 -30.57 5.95 -35.28
C LYS A 71 -29.75 4.73 -34.92
N GLY A 72 -30.34 3.89 -34.08
CA GLY A 72 -29.73 2.64 -33.63
C GLY A 72 -28.94 1.87 -34.67
N LYS A 73 -29.56 1.60 -35.82
CA LYS A 73 -28.90 0.84 -36.87
C LYS A 73 -27.62 1.52 -37.33
N ASP A 74 -27.63 2.85 -37.39
CA ASP A 74 -26.47 3.62 -37.90
C ASP A 74 -25.25 3.53 -37.01
N PHE A 75 -25.47 3.33 -35.72
CA PHE A 75 -24.41 3.38 -34.74
C PHE A 75 -24.24 2.06 -33.99
N SER A 76 -24.61 0.96 -34.64
CA SER A 76 -24.64 -0.34 -33.96
C SER A 76 -23.37 -1.14 -34.13
N GLY A 77 -22.35 -0.53 -34.72
CA GLY A 77 -21.09 -1.21 -34.91
C GLY A 77 -20.23 -1.21 -33.64
N ARG A 78 -19.15 -1.98 -33.68
CA ARG A 78 -18.17 -1.98 -32.61
C ARG A 78 -16.77 -1.71 -33.18
N PRO A 79 -16.01 -0.80 -32.54
CA PRO A 79 -14.65 -0.59 -33.03
C PRO A 79 -13.76 -1.81 -32.78
N GLN A 80 -12.70 -1.96 -33.56
CA GLN A 80 -11.80 -3.06 -33.37
C GLN A 80 -10.69 -2.63 -32.42
N MET A 81 -10.33 -3.53 -31.51
CA MET A 81 -9.22 -3.28 -30.59
C MET A 81 -8.41 -4.54 -30.45
N ALA A 82 -7.10 -4.38 -30.35
CA ALA A 82 -6.20 -5.54 -30.29
C ALA A 82 -6.54 -6.49 -29.14
N THR A 83 -6.78 -5.96 -27.95
CA THR A 83 -7.12 -6.82 -26.83
C THR A 83 -8.41 -7.56 -27.10
N LEU A 84 -9.41 -6.87 -27.65
CA LEU A 84 -10.71 -7.48 -27.88
C LEU A 84 -10.65 -8.52 -29.00
N ASP A 85 -9.78 -8.33 -29.97
CA ASP A 85 -9.59 -9.30 -31.05
C ASP A 85 -9.24 -10.66 -30.46
N ILE A 86 -8.42 -10.65 -29.43
CA ILE A 86 -7.96 -11.89 -28.83
C ILE A 86 -9.08 -12.58 -28.06
N LEU A 87 -9.75 -11.84 -27.20
CA LEU A 87 -10.84 -12.41 -26.42
C LEU A 87 -11.96 -12.93 -27.30
N SER A 88 -12.21 -12.24 -28.41
CA SER A 88 -13.39 -12.53 -29.22
C SER A 88 -13.04 -13.36 -30.45
N ASN A 89 -11.80 -13.85 -30.50
CA ASN A 89 -11.31 -14.61 -31.64
C ASN A 89 -11.61 -13.87 -32.92
N ASN A 90 -11.03 -12.68 -33.01
CA ASN A 90 -11.24 -11.78 -34.14
C ASN A 90 -12.71 -11.46 -34.41
N ARG A 91 -13.32 -10.81 -33.42
CA ARG A 91 -14.61 -10.16 -33.59
C ARG A 91 -15.74 -11.14 -33.86
N LYS A 92 -15.68 -12.30 -33.23
CA LYS A 92 -16.82 -13.21 -33.23
C LYS A 92 -17.61 -13.01 -31.94
N GLY A 93 -18.59 -13.87 -31.70
CA GLY A 93 -19.42 -13.73 -30.52
C GLY A 93 -20.48 -12.66 -30.69
N ILE A 94 -20.87 -12.03 -29.59
CA ILE A 94 -21.95 -11.04 -29.61
C ILE A 94 -21.47 -9.65 -29.23
N ALA A 95 -20.85 -9.55 -28.05
CA ALA A 95 -20.55 -8.26 -27.46
C ALA A 95 -19.51 -7.45 -28.22
N PHE A 96 -18.52 -8.13 -28.79
CA PHE A 96 -17.44 -7.41 -29.44
C PHE A 96 -17.40 -7.63 -30.94
N ALA A 97 -18.46 -8.23 -31.47
CA ALA A 97 -18.58 -8.44 -32.90
C ALA A 97 -19.18 -7.20 -33.55
N ASP A 98 -18.67 -6.85 -34.71
CA ASP A 98 -19.24 -5.76 -35.48
C ASP A 98 -20.66 -6.12 -35.90
N SER A 99 -21.44 -5.12 -36.26
CA SER A 99 -22.77 -5.38 -36.78
C SER A 99 -22.62 -6.11 -38.10
N GLY A 100 -23.54 -7.02 -38.37
CA GLY A 100 -23.40 -7.91 -39.50
C GLY A 100 -24.19 -9.16 -39.27
N ALA A 101 -24.02 -10.11 -40.17
CA ALA A 101 -24.82 -11.32 -40.13
C ALA A 101 -24.51 -12.18 -38.90
N HIS A 102 -23.22 -12.33 -38.58
CA HIS A 102 -22.82 -13.13 -37.42
C HIS A 102 -23.43 -12.58 -36.14
N TRP A 103 -23.25 -11.29 -35.91
CA TRP A 103 -23.76 -10.65 -34.72
C TRP A 103 -25.27 -10.88 -34.62
N GLN A 104 -25.99 -10.59 -35.71
CA GLN A 104 -27.44 -10.61 -35.67
C GLN A 104 -27.96 -12.01 -35.37
N LEU A 105 -27.37 -13.00 -36.03
CA LEU A 105 -27.78 -14.38 -35.86
C LEU A 105 -27.57 -14.85 -34.44
N HIS A 106 -26.35 -14.69 -33.94
CA HIS A 106 -26.00 -15.23 -32.63
C HIS A 106 -26.72 -14.52 -31.51
N ARG A 107 -26.88 -13.21 -31.65
CA ARG A 107 -27.67 -12.45 -30.69
C ARG A 107 -29.08 -12.99 -30.65
N ARG A 108 -29.66 -13.22 -31.83
CA ARG A 108 -31.03 -13.69 -31.94
C ARG A 108 -31.17 -15.08 -31.32
N LEU A 109 -30.21 -15.95 -31.63
CA LEU A 109 -30.21 -17.30 -31.07
C LEU A 109 -30.07 -17.29 -29.56
N ALA A 110 -29.21 -16.43 -29.05
CA ALA A 110 -29.02 -16.32 -27.61
C ALA A 110 -30.30 -15.85 -26.94
N MET A 111 -30.97 -14.88 -27.55
CA MET A 111 -32.22 -14.38 -27.00
C MET A 111 -33.29 -15.45 -27.04
N ALA A 112 -33.31 -16.23 -28.12
CA ALA A 112 -34.30 -17.27 -28.30
C ALA A 112 -34.17 -18.33 -27.23
N THR A 113 -32.96 -18.50 -26.72
CA THR A 113 -32.69 -19.49 -25.70
C THR A 113 -33.33 -19.12 -24.37
N PHE A 114 -33.37 -17.85 -24.04
CA PHE A 114 -33.93 -17.43 -22.76
C PHE A 114 -35.44 -17.66 -22.71
N ALA A 115 -36.03 -17.84 -23.89
CA ALA A 115 -37.45 -18.16 -23.98
C ALA A 115 -37.70 -19.54 -23.41
N LEU A 116 -36.75 -20.45 -23.63
CA LEU A 116 -36.88 -21.82 -23.14
C LEU A 116 -36.88 -21.92 -21.61
N PHE A 117 -36.72 -20.78 -20.92
CA PHE A 117 -36.62 -20.79 -19.46
C PHE A 117 -37.68 -19.92 -18.78
N LYS A 118 -38.69 -19.47 -19.54
CA LYS A 118 -39.67 -18.52 -19.02
C LYS A 118 -40.74 -19.20 -18.15
N ASP A 119 -41.05 -20.46 -18.44
CA ASP A 119 -41.91 -21.23 -17.56
C ASP A 119 -41.60 -22.72 -17.66
N GLY A 120 -42.34 -23.53 -16.93
CA GLY A 120 -42.24 -24.97 -17.07
C GLY A 120 -41.36 -25.67 -16.04
N ASP A 121 -40.80 -26.80 -16.48
CA ASP A 121 -40.01 -27.65 -15.61
C ASP A 121 -38.67 -27.01 -15.29
N GLN A 122 -38.00 -26.47 -16.30
CA GLN A 122 -36.72 -25.78 -16.11
C GLN A 122 -36.93 -24.26 -16.08
N LYS A 123 -37.79 -23.81 -15.19
CA LYS A 123 -38.07 -22.39 -15.05
C LYS A 123 -36.89 -21.67 -14.45
N LEU A 124 -36.54 -20.54 -15.04
CA LEU A 124 -35.39 -19.75 -14.64
C LEU A 124 -35.35 -19.49 -13.14
N GLU A 125 -36.51 -19.19 -12.58
CA GLU A 125 -36.62 -18.90 -11.17
C GLU A 125 -36.16 -20.06 -10.30
N LYS A 126 -36.51 -21.28 -10.67
CA LYS A 126 -36.18 -22.44 -9.86
C LYS A 126 -34.70 -22.77 -9.97
N ILE A 127 -34.17 -22.68 -11.19
CA ILE A 127 -32.75 -22.88 -11.40
C ILE A 127 -31.95 -21.95 -10.48
N ILE A 128 -32.35 -20.69 -10.43
CA ILE A 128 -31.69 -19.70 -9.60
C ILE A 128 -31.89 -20.01 -8.12
N CYS A 129 -33.11 -20.31 -7.71
CA CYS A 129 -33.36 -20.56 -6.30
C CYS A 129 -32.62 -21.83 -5.84
N GLN A 130 -32.43 -22.76 -6.76
CA GLN A 130 -31.71 -23.97 -6.43
C GLN A 130 -30.31 -23.64 -5.95
N GLU A 131 -29.64 -22.77 -6.69
CA GLU A 131 -28.25 -22.45 -6.39
C GLU A 131 -28.11 -21.46 -5.24
N ILE A 132 -29.11 -20.63 -5.05
CA ILE A 132 -29.09 -19.72 -3.91
C ILE A 132 -29.23 -20.50 -2.60
N SER A 133 -29.88 -21.66 -2.67
CA SER A 133 -30.04 -22.51 -1.49
C SER A 133 -28.70 -23.02 -1.06
N THR A 134 -27.97 -23.59 -2.01
CA THR A 134 -26.62 -24.05 -1.77
C THR A 134 -25.73 -22.91 -1.23
N LEU A 135 -25.87 -21.73 -1.82
CA LEU A 135 -25.10 -20.58 -1.40
C LEU A 135 -25.35 -20.24 0.05
N CYS A 136 -26.62 -20.18 0.41
CA CYS A 136 -27.02 -19.83 1.77
C CYS A 136 -26.59 -20.87 2.79
N ASP A 137 -26.70 -22.15 2.45
CA ASP A 137 -26.25 -23.22 3.34
C ASP A 137 -24.75 -23.08 3.58
N MET A 138 -23.99 -22.84 2.52
CA MET A 138 -22.55 -22.66 2.62
C MET A 138 -22.23 -21.45 3.49
N LEU A 139 -22.87 -20.30 3.22
CA LEU A 139 -22.55 -19.09 3.95
C LEU A 139 -22.88 -19.22 5.44
N ALA A 140 -23.90 -20.00 5.75
CA ALA A 140 -24.32 -20.17 7.13
C ALA A 140 -23.25 -20.87 7.96
N THR A 141 -22.40 -21.66 7.31
CA THR A 141 -21.33 -22.34 8.05
C THR A 141 -20.31 -21.34 8.57
N HIS A 142 -20.27 -20.16 7.94
CA HIS A 142 -19.36 -19.10 8.34
C HIS A 142 -20.00 -18.19 9.38
N ASN A 143 -21.02 -18.69 10.05
CA ASN A 143 -21.70 -17.92 11.10
C ASN A 143 -20.77 -17.40 12.18
N GLY A 144 -20.71 -16.08 12.30
CA GLY A 144 -19.89 -15.45 13.32
C GLY A 144 -18.61 -14.86 12.77
N GLN A 145 -18.26 -15.25 11.55
CA GLN A 145 -17.00 -14.87 10.94
C GLN A 145 -17.15 -13.74 9.93
N SER A 146 -16.06 -13.02 9.66
CA SER A 146 -16.00 -12.07 8.56
C SER A 146 -15.36 -12.73 7.35
N ILE A 147 -15.94 -12.52 6.18
CA ILE A 147 -15.48 -13.17 4.95
C ILE A 147 -15.70 -12.31 3.73
N ASP A 148 -15.05 -12.68 2.64
CA ASP A 148 -15.27 -12.08 1.34
C ASP A 148 -16.23 -12.97 0.58
N ILE A 149 -17.37 -12.44 0.18
CA ILE A 149 -18.42 -13.26 -0.42
C ILE A 149 -18.26 -13.42 -1.92
N SER A 150 -17.17 -12.93 -2.47
CA SER A 150 -16.93 -13.03 -3.90
C SER A 150 -17.01 -14.44 -4.46
N PHE A 151 -16.19 -15.35 -3.95
CA PHE A 151 -16.14 -16.70 -4.50
C PHE A 151 -17.46 -17.47 -4.33
N PRO A 152 -18.05 -17.43 -3.13
CA PRO A 152 -19.31 -18.16 -2.97
C PRO A 152 -20.41 -17.70 -3.94
N VAL A 153 -20.47 -16.40 -4.17
CA VAL A 153 -21.44 -15.85 -5.09
C VAL A 153 -21.06 -16.20 -6.52
N PHE A 154 -19.76 -16.21 -6.78
CA PHE A 154 -19.23 -16.58 -8.09
C PHE A 154 -19.67 -17.98 -8.50
N VAL A 155 -19.56 -18.92 -7.56
CA VAL A 155 -20.00 -20.28 -7.79
C VAL A 155 -21.49 -20.30 -8.10
N ALA A 156 -22.29 -19.56 -7.34
CA ALA A 156 -23.73 -19.65 -7.48
C ALA A 156 -24.15 -19.25 -8.90
N VAL A 157 -23.68 -18.09 -9.36
CA VAL A 157 -24.07 -17.60 -10.67
C VAL A 157 -23.39 -18.38 -11.78
N THR A 158 -22.25 -18.99 -11.50
CA THR A 158 -21.59 -19.78 -12.51
C THR A 158 -22.42 -21.01 -12.81
N ASN A 159 -22.97 -21.63 -11.78
CA ASN A 159 -23.81 -22.82 -11.96
C ASN A 159 -25.07 -22.49 -12.70
N VAL A 160 -25.67 -21.35 -12.41
CA VAL A 160 -26.87 -20.93 -13.08
C VAL A 160 -26.61 -20.78 -14.58
N ILE A 161 -25.51 -20.12 -14.93
CA ILE A 161 -25.25 -19.86 -16.33
C ILE A 161 -24.81 -21.13 -17.02
N SER A 162 -24.23 -22.06 -16.25
CA SER A 162 -23.80 -23.33 -16.82
C SER A 162 -24.99 -24.20 -17.14
N LEU A 163 -25.99 -24.18 -16.26
CA LEU A 163 -27.23 -24.91 -16.48
C LEU A 163 -27.95 -24.38 -17.72
N ILE A 164 -27.88 -23.07 -17.93
CA ILE A 164 -28.51 -22.44 -19.08
C ILE A 164 -27.75 -22.74 -20.38
N CYS A 165 -26.44 -22.90 -20.29
CA CYS A 165 -25.64 -23.13 -21.49
C CYS A 165 -25.51 -24.60 -21.85
N PHE A 166 -25.48 -25.46 -20.83
CA PHE A 166 -25.12 -26.87 -21.05
C PHE A 166 -26.00 -27.86 -20.29
N ASN A 167 -26.91 -27.37 -19.45
CA ASN A 167 -27.63 -28.22 -18.52
C ASN A 167 -26.68 -28.99 -17.60
N THR A 168 -25.58 -28.36 -17.20
CA THR A 168 -24.70 -28.94 -16.19
C THR A 168 -24.37 -27.92 -15.11
N SER A 169 -23.91 -28.42 -13.97
CA SER A 169 -23.44 -27.55 -12.90
C SER A 169 -22.27 -28.21 -12.23
N TYR A 170 -21.69 -27.53 -11.25
CA TYR A 170 -20.50 -28.02 -10.55
C TYR A 170 -20.80 -28.36 -9.09
N LYS A 171 -20.30 -29.49 -8.64
CA LYS A 171 -20.45 -29.89 -7.26
C LYS A 171 -19.59 -28.99 -6.42
N ASN A 172 -19.87 -28.95 -5.11
CA ASN A 172 -18.98 -28.26 -4.21
C ASN A 172 -17.58 -28.79 -4.44
N GLY A 173 -16.62 -27.89 -4.49
CA GLY A 173 -15.23 -28.30 -4.46
C GLY A 173 -14.61 -28.63 -5.80
N ASP A 174 -15.40 -28.63 -6.86
CA ASP A 174 -14.81 -28.89 -8.18
C ASP A 174 -13.76 -27.82 -8.48
N PRO A 175 -12.50 -28.23 -8.69
CA PRO A 175 -11.43 -27.26 -8.87
C PRO A 175 -11.50 -26.54 -10.21
N GLU A 176 -12.40 -26.95 -11.07
CA GLU A 176 -12.58 -26.26 -12.33
C GLU A 176 -13.14 -24.84 -12.06
N LEU A 177 -13.80 -24.68 -10.91
CA LEU A 177 -14.30 -23.39 -10.50
C LEU A 177 -13.16 -22.45 -10.15
N ASN A 178 -12.13 -22.99 -9.50
CA ASN A 178 -10.96 -22.19 -9.19
C ASN A 178 -10.21 -21.85 -10.46
N VAL A 179 -10.23 -22.75 -11.45
CA VAL A 179 -9.57 -22.52 -12.72
C VAL A 179 -10.23 -21.37 -13.49
N ILE A 180 -11.55 -21.41 -13.55
CA ILE A 180 -12.31 -20.39 -14.26
C ILE A 180 -12.08 -19.04 -13.60
N GLN A 181 -12.12 -19.00 -12.28
CA GLN A 181 -11.96 -17.75 -11.56
C GLN A 181 -10.61 -17.11 -11.91
N ASN A 182 -9.58 -17.95 -12.03
CA ASN A 182 -8.21 -17.48 -12.25
C ASN A 182 -8.15 -16.81 -13.60
N TYR A 183 -8.65 -17.47 -14.62
CA TYR A 183 -8.56 -16.89 -15.96
C TYR A 183 -9.52 -15.71 -16.14
N ASN A 184 -10.68 -15.75 -15.49
CA ASN A 184 -11.58 -14.60 -15.49
C ASN A 184 -10.87 -13.37 -14.95
N GLU A 185 -10.13 -13.55 -13.88
CA GLU A 185 -9.45 -12.44 -13.26
C GLU A 185 -8.32 -11.96 -14.13
N GLY A 186 -7.62 -12.89 -14.75
CA GLY A 186 -6.49 -12.53 -15.57
C GLY A 186 -6.88 -11.85 -16.85
N ILE A 187 -7.95 -12.33 -17.48
CA ILE A 187 -8.44 -11.71 -18.69
C ILE A 187 -8.93 -10.30 -18.40
N ILE A 188 -9.72 -10.15 -17.34
CA ILE A 188 -10.25 -8.83 -17.02
C ILE A 188 -9.11 -7.88 -16.70
N ASP A 189 -8.09 -8.40 -16.01
CA ASP A 189 -6.94 -7.58 -15.65
C ASP A 189 -6.16 -7.06 -16.86
N ASN A 190 -6.05 -7.87 -17.92
CA ASN A 190 -5.21 -7.50 -19.06
C ASN A 190 -5.99 -7.02 -20.29
N LEU A 191 -7.31 -7.03 -20.22
CA LEU A 191 -8.11 -6.60 -21.35
C LEU A 191 -8.03 -5.10 -21.51
N SER A 192 -7.87 -4.42 -20.40
CA SER A 192 -7.69 -2.99 -20.38
C SER A 192 -7.07 -2.64 -19.04
N LYS A 193 -6.31 -1.57 -19.00
CA LYS A 193 -5.74 -1.12 -17.75
C LYS A 193 -6.88 -0.60 -16.89
N ASP A 194 -7.66 0.31 -17.47
CA ASP A 194 -8.81 0.84 -16.78
C ASP A 194 -10.02 0.57 -17.66
N SER A 195 -10.76 1.61 -18.05
CA SER A 195 -11.88 1.45 -18.95
C SER A 195 -11.41 0.91 -20.31
N LEU A 196 -12.32 0.44 -21.15
CA LEU A 196 -11.97 0.08 -22.51
C LEU A 196 -11.60 1.32 -23.29
N VAL A 197 -12.15 2.45 -22.88
CA VAL A 197 -11.86 3.73 -23.49
C VAL A 197 -10.50 4.23 -23.02
N ASP A 198 -9.62 4.46 -23.97
CA ASP A 198 -8.23 4.73 -23.68
C ASP A 198 -7.71 5.73 -24.70
N LEU A 199 -7.62 6.99 -24.30
CA LEU A 199 -7.21 8.06 -25.21
C LEU A 199 -5.94 7.71 -25.94
N VAL A 200 -4.86 7.52 -25.20
CA VAL A 200 -3.58 7.17 -25.80
C VAL A 200 -3.42 5.66 -25.84
N PRO A 201 -3.04 5.11 -27.00
CA PRO A 201 -2.85 3.66 -27.09
C PRO A 201 -1.43 3.28 -26.69
N TRP A 202 -1.20 3.26 -25.38
CA TRP A 202 0.11 2.95 -24.84
C TRP A 202 0.56 1.57 -25.29
N LEU A 203 -0.43 0.70 -25.50
CA LEU A 203 -0.22 -0.68 -25.88
C LEU A 203 0.71 -0.84 -27.07
N LYS A 204 0.67 0.13 -27.97
CA LYS A 204 1.42 0.02 -29.21
C LYS A 204 2.62 0.96 -29.20
N ILE A 205 2.75 1.75 -28.14
CA ILE A 205 3.83 2.73 -28.05
C ILE A 205 5.08 2.22 -27.35
N PHE A 206 4.89 1.48 -26.26
CA PHE A 206 6.01 0.99 -25.45
C PHE A 206 6.02 -0.52 -25.40
N PRO A 207 7.21 -1.10 -25.34
CA PRO A 207 7.26 -2.57 -25.26
C PRO A 207 6.56 -3.06 -24.00
N ASN A 208 5.70 -4.04 -24.17
CA ASN A 208 4.97 -4.59 -23.03
C ASN A 208 4.50 -5.99 -23.33
N LYS A 209 4.00 -6.67 -22.31
CA LYS A 209 3.63 -8.07 -22.42
C LYS A 209 2.15 -8.31 -22.19
N THR A 210 1.34 -7.27 -22.42
CA THR A 210 -0.08 -7.37 -22.16
C THR A 210 -0.73 -8.42 -23.06
N LEU A 211 -0.50 -8.31 -24.37
CA LEU A 211 -1.09 -9.25 -25.31
C LEU A 211 -0.67 -10.68 -25.02
N GLU A 212 0.60 -10.87 -24.67
CA GLU A 212 1.13 -12.19 -24.30
C GLU A 212 0.37 -12.78 -23.12
N LYS A 213 0.31 -12.03 -22.03
CA LYS A 213 -0.43 -12.48 -20.84
C LYS A 213 -1.88 -12.75 -21.19
N LEU A 214 -2.48 -11.85 -21.95
CA LEU A 214 -3.88 -11.98 -22.29
C LEU A 214 -4.16 -13.25 -23.08
N LYS A 215 -3.27 -13.57 -24.02
CA LYS A 215 -3.39 -14.78 -24.80
C LYS A 215 -3.30 -16.05 -23.96
N SER A 216 -2.40 -16.04 -22.98
CA SER A 216 -2.20 -17.21 -22.16
C SER A 216 -3.46 -17.50 -21.36
N HIS A 217 -4.13 -16.46 -20.86
CA HIS A 217 -5.35 -16.67 -20.09
C HIS A 217 -6.51 -17.07 -21.01
N VAL A 218 -6.57 -16.46 -22.19
CA VAL A 218 -7.62 -16.79 -23.13
C VAL A 218 -7.48 -18.23 -23.63
N LYS A 219 -6.25 -18.65 -23.85
CA LYS A 219 -5.98 -20.00 -24.30
C LYS A 219 -6.59 -21.02 -23.33
N ILE A 220 -6.40 -20.80 -22.04
CA ILE A 220 -6.94 -21.70 -21.05
C ILE A 220 -8.47 -21.73 -21.11
N ARG A 221 -9.09 -20.56 -21.31
CA ARG A 221 -10.56 -20.51 -21.38
C ARG A 221 -10.98 -21.28 -22.61
N ASN A 222 -10.35 -20.98 -23.74
CA ASN A 222 -10.71 -21.63 -24.99
C ASN A 222 -10.50 -23.14 -24.96
N ASP A 223 -9.39 -23.59 -24.36
CA ASP A 223 -9.15 -25.03 -24.24
C ASP A 223 -10.28 -25.68 -23.47
N LEU A 224 -10.73 -25.04 -22.41
CA LEU A 224 -11.79 -25.60 -21.57
C LEU A 224 -13.12 -25.61 -22.30
N LEU A 225 -13.36 -24.62 -23.15
CA LEU A 225 -14.62 -24.58 -23.87
C LEU A 225 -14.61 -25.61 -24.99
N ASN A 226 -13.48 -25.75 -25.68
CA ASN A 226 -13.37 -26.77 -26.71
C ASN A 226 -13.60 -28.14 -26.12
N LYS A 227 -13.04 -28.37 -24.94
CA LYS A 227 -13.19 -29.65 -24.28
C LYS A 227 -14.67 -29.93 -24.10
N ILE A 228 -15.42 -28.91 -23.69
CA ILE A 228 -16.85 -29.07 -23.43
C ILE A 228 -17.66 -29.33 -24.70
N LEU A 229 -17.33 -28.63 -25.78
CA LEU A 229 -18.03 -28.81 -27.04
C LEU A 229 -17.84 -30.22 -27.59
N GLU A 230 -16.59 -30.68 -27.59
CA GLU A 230 -16.26 -32.00 -28.11
C GLU A 230 -17.01 -33.08 -27.34
N ASN A 231 -17.02 -32.98 -26.01
CA ASN A 231 -17.74 -33.94 -25.18
C ASN A 231 -19.25 -33.89 -25.37
N TYR A 232 -19.74 -32.79 -25.94
CA TYR A 232 -21.18 -32.58 -26.06
C TYR A 232 -21.70 -32.97 -27.44
N LYS A 233 -20.80 -33.05 -28.42
CA LYS A 233 -21.18 -33.49 -29.75
C LYS A 233 -21.90 -34.84 -29.72
N GLU A 234 -21.63 -35.64 -28.70
CA GLU A 234 -22.23 -36.96 -28.56
C GLU A 234 -23.60 -36.91 -27.89
N LYS A 235 -23.75 -36.05 -26.88
CA LYS A 235 -25.00 -35.96 -26.12
C LYS A 235 -26.07 -35.19 -26.86
N PHE A 236 -25.71 -34.52 -27.94
CA PHE A 236 -26.67 -33.71 -28.65
C PHE A 236 -27.72 -34.58 -29.33
N ARG A 237 -28.97 -34.28 -29.05
CA ARG A 237 -30.10 -34.93 -29.69
C ARG A 237 -31.03 -33.86 -30.27
N SER A 238 -31.43 -34.06 -31.52
CA SER A 238 -32.19 -33.06 -32.25
C SER A 238 -33.57 -32.77 -31.66
N ASP A 239 -34.25 -33.79 -31.14
CA ASP A 239 -35.60 -33.58 -30.63
C ASP A 239 -35.60 -32.88 -29.29
N SER A 240 -34.43 -32.74 -28.67
CA SER A 240 -34.33 -32.17 -27.33
C SER A 240 -33.46 -30.92 -27.29
N ILE A 241 -34.11 -29.76 -27.28
CA ILE A 241 -33.44 -28.47 -27.26
C ILE A 241 -33.75 -27.75 -25.96
N THR A 242 -32.83 -27.82 -25.01
CA THR A 242 -33.10 -27.33 -23.66
C THR A 242 -32.10 -26.31 -23.16
N ASN A 243 -31.08 -26.03 -23.96
CA ASN A 243 -30.03 -25.11 -23.55
C ASN A 243 -29.43 -24.35 -24.72
N MET A 244 -28.49 -23.46 -24.42
CA MET A 244 -27.95 -22.58 -25.44
C MET A 244 -27.12 -23.32 -26.45
N LEU A 245 -26.43 -24.36 -26.01
CA LEU A 245 -25.58 -25.11 -26.91
C LEU A 245 -26.47 -25.88 -27.88
N ASP A 246 -27.56 -26.44 -27.35
CA ASP A 246 -28.53 -27.13 -28.19
C ASP A 246 -29.00 -26.22 -29.30
N THR A 247 -29.39 -25.01 -28.93
CA THR A 247 -29.94 -24.04 -29.88
C THR A 247 -28.95 -23.71 -31.00
N LEU A 248 -27.68 -23.57 -30.63
CA LEU A 248 -26.66 -23.19 -31.60
C LEU A 248 -26.35 -24.33 -32.52
N MET A 249 -26.29 -25.55 -31.98
CA MET A 249 -26.02 -26.73 -32.79
C MET A 249 -27.20 -27.06 -33.70
N GLN A 250 -28.42 -26.89 -33.19
CA GLN A 250 -29.60 -27.13 -34.00
C GLN A 250 -29.62 -26.22 -35.23
N ALA A 251 -29.13 -25.00 -35.07
CA ALA A 251 -29.13 -24.04 -36.16
C ALA A 251 -28.12 -24.43 -37.25
N LYS A 252 -26.94 -24.88 -36.85
CA LYS A 252 -25.89 -25.22 -37.81
C LYS A 252 -26.33 -26.36 -38.70
N MET A 253 -26.92 -27.40 -38.10
CA MET A 253 -27.37 -28.54 -38.88
C MET A 253 -28.51 -28.10 -39.79
N ASN A 254 -29.36 -27.20 -39.31
CA ASN A 254 -30.49 -26.72 -40.09
C ASN A 254 -30.02 -26.10 -41.40
N SER A 255 -28.72 -25.94 -41.53
CA SER A 255 -28.10 -25.64 -42.82
C SER A 255 -27.00 -26.68 -43.09
N ASP A 256 -27.30 -27.73 -43.86
CA ASP A 256 -28.66 -28.06 -44.31
C ASP A 256 -28.74 -29.59 -44.38
N GLN A 264 -26.48 -19.82 -46.85
CA GLN A 264 -25.80 -18.58 -46.52
C GLN A 264 -25.52 -18.47 -45.01
N ASP A 265 -25.97 -19.48 -44.26
CA ASP A 265 -26.00 -19.40 -42.80
C ASP A 265 -24.95 -20.26 -42.10
N SER A 266 -24.36 -21.21 -42.80
CA SER A 266 -23.58 -22.26 -42.14
C SER A 266 -22.16 -21.84 -41.80
N GLU A 267 -21.58 -20.94 -42.59
CA GLU A 267 -20.23 -20.45 -42.32
C GLU A 267 -20.23 -19.60 -41.05
N LEU A 268 -21.40 -19.13 -40.65
CA LEU A 268 -21.54 -18.27 -39.49
C LEU A 268 -21.78 -19.06 -38.22
N LEU A 269 -21.77 -20.38 -38.32
CA LEU A 269 -21.95 -21.21 -37.14
C LEU A 269 -20.84 -22.23 -36.98
N SER A 270 -19.60 -21.83 -37.29
CA SER A 270 -18.46 -22.71 -37.11
C SER A 270 -18.31 -23.02 -35.63
N ASP A 271 -17.43 -23.94 -35.31
CA ASP A 271 -17.16 -24.25 -33.91
C ASP A 271 -16.71 -22.98 -33.16
N ASN A 272 -15.78 -22.23 -33.75
CA ASN A 272 -15.31 -21.00 -33.12
C ASN A 272 -16.40 -19.95 -32.90
N HIS A 273 -17.32 -19.81 -33.85
CA HIS A 273 -18.42 -18.87 -33.67
C HIS A 273 -19.28 -19.27 -32.48
N ILE A 274 -19.47 -20.57 -32.31
CA ILE A 274 -20.31 -21.08 -31.25
C ILE A 274 -19.62 -20.97 -29.90
N LEU A 275 -18.32 -21.22 -29.86
CA LEU A 275 -17.62 -21.16 -28.59
C LEU A 275 -17.49 -19.72 -28.10
N THR A 276 -17.22 -18.79 -29.01
CA THR A 276 -17.07 -17.40 -28.64
C THR A 276 -18.38 -16.88 -28.09
N THR A 277 -19.50 -17.30 -28.65
CA THR A 277 -20.80 -16.83 -28.21
C THR A 277 -21.09 -17.35 -26.82
N ILE A 278 -20.81 -18.64 -26.62
CA ILE A 278 -20.96 -19.27 -25.33
C ILE A 278 -20.03 -18.59 -24.34
N GLY A 279 -18.85 -18.20 -24.82
CA GLY A 279 -17.87 -17.51 -24.00
C GLY A 279 -18.33 -16.14 -23.52
N ASP A 280 -18.93 -15.37 -24.42
CA ASP A 280 -19.49 -14.07 -24.07
C ASP A 280 -20.57 -14.23 -23.00
N ILE A 281 -21.44 -15.22 -23.18
CA ILE A 281 -22.54 -15.44 -22.27
C ILE A 281 -22.06 -15.96 -20.92
N PHE A 282 -21.11 -16.88 -20.96
CA PHE A 282 -20.58 -17.45 -19.73
C PHE A 282 -19.87 -16.38 -18.91
N GLY A 283 -19.11 -15.54 -19.60
CA GLY A 283 -18.40 -14.46 -18.96
C GLY A 283 -19.31 -13.40 -18.40
N ALA A 284 -20.22 -12.89 -19.22
CA ALA A 284 -21.13 -11.83 -18.80
C ALA A 284 -22.08 -12.28 -17.72
N GLY A 285 -22.55 -13.52 -17.83
CA GLY A 285 -23.52 -14.03 -16.89
C GLY A 285 -22.96 -14.07 -15.48
N VAL A 286 -21.65 -14.13 -15.37
CA VAL A 286 -21.01 -14.34 -14.09
C VAL A 286 -20.39 -13.08 -13.49
N GLU A 287 -19.65 -12.33 -14.31
CA GLU A 287 -18.89 -11.22 -13.77
C GLU A 287 -19.74 -9.98 -13.53
N THR A 288 -20.77 -9.79 -14.34
CA THR A 288 -21.66 -8.65 -14.14
C THR A 288 -22.45 -8.80 -12.85
N THR A 289 -23.15 -9.93 -12.72
CA THR A 289 -24.05 -10.13 -11.60
C THR A 289 -23.29 -10.23 -10.30
N THR A 290 -22.15 -10.90 -10.32
CA THR A 290 -21.31 -10.97 -9.14
C THR A 290 -20.90 -9.58 -8.69
N SER A 291 -20.49 -8.73 -9.64
CA SER A 291 -20.05 -7.39 -9.30
C SER A 291 -21.18 -6.56 -8.68
N VAL A 292 -22.37 -6.60 -9.28
CA VAL A 292 -23.49 -5.82 -8.77
C VAL A 292 -23.90 -6.27 -7.37
N VAL A 293 -23.73 -7.56 -7.06
CA VAL A 293 -24.09 -8.05 -5.74
C VAL A 293 -23.15 -7.47 -4.69
N LYS A 294 -21.86 -7.49 -4.99
CA LYS A 294 -20.86 -6.96 -4.07
C LYS A 294 -21.09 -5.47 -3.86
N TRP A 295 -21.41 -4.76 -4.95
CA TRP A 295 -21.71 -3.33 -4.85
C TRP A 295 -22.91 -3.07 -3.94
N THR A 296 -23.94 -3.88 -4.07
CA THR A 296 -25.14 -3.68 -3.28
C THR A 296 -24.85 -3.86 -1.81
N LEU A 297 -24.22 -4.97 -1.43
CA LEU A 297 -23.83 -5.17 -0.03
C LEU A 297 -23.04 -3.98 0.48
N ALA A 298 -22.06 -3.54 -0.31
CA ALA A 298 -21.18 -2.49 0.11
C ALA A 298 -21.97 -1.24 0.45
N PHE A 299 -22.99 -0.92 -0.36
CA PHE A 299 -23.78 0.26 -0.09
C PHE A 299 -24.58 0.10 1.19
N LEU A 300 -25.07 -1.10 1.44
CA LEU A 300 -25.88 -1.37 2.63
C LEU A 300 -25.07 -1.30 3.93
N LEU A 301 -23.77 -1.56 3.84
CA LEU A 301 -22.91 -1.44 5.00
C LEU A 301 -22.66 0.03 5.34
N HIS A 302 -22.76 0.89 4.32
CA HIS A 302 -22.59 2.32 4.50
C HIS A 302 -23.89 2.99 4.87
N ASN A 303 -25.00 2.26 4.72
CA ASN A 303 -26.32 2.81 4.97
C ASN A 303 -27.18 1.89 5.80
N PRO A 304 -26.89 1.79 7.10
CA PRO A 304 -27.62 0.87 7.97
C PRO A 304 -29.11 1.20 8.12
N GLN A 305 -29.48 2.47 8.00
CA GLN A 305 -30.90 2.85 8.04
C GLN A 305 -31.69 2.21 6.91
N VAL A 306 -31.14 2.21 5.71
CA VAL A 306 -31.79 1.56 4.59
C VAL A 306 -31.86 0.07 4.80
N LYS A 307 -30.79 -0.49 5.34
CA LYS A 307 -30.68 -1.92 5.53
C LYS A 307 -31.77 -2.41 6.48
N LYS A 308 -31.95 -1.68 7.56
CA LYS A 308 -33.00 -1.95 8.53
C LYS A 308 -34.37 -1.96 7.88
N LYS A 309 -34.64 -0.95 7.04
CA LYS A 309 -35.95 -0.85 6.42
C LYS A 309 -36.17 -2.02 5.48
N LEU A 310 -35.08 -2.64 5.02
CA LEU A 310 -35.21 -3.76 4.10
C LEU A 310 -35.55 -5.04 4.84
N TYR A 311 -35.00 -5.17 6.06
CA TYR A 311 -35.29 -6.31 6.91
C TYR A 311 -36.76 -6.26 7.34
N GLU A 312 -37.17 -5.09 7.83
CA GLU A 312 -38.57 -4.85 8.20
C GLU A 312 -39.49 -5.22 7.06
N GLU A 313 -39.16 -4.79 5.85
CA GLU A 313 -40.02 -5.00 4.70
C GLU A 313 -40.15 -6.47 4.35
N ILE A 314 -39.07 -7.21 4.47
CA ILE A 314 -39.08 -8.60 4.04
C ILE A 314 -39.74 -9.50 5.08
N ASP A 315 -39.59 -9.14 6.35
CA ASP A 315 -40.22 -9.87 7.44
C ASP A 315 -41.72 -9.76 7.37
N GLN A 316 -42.20 -8.60 6.93
CA GLN A 316 -43.62 -8.33 6.92
C GLN A 316 -44.32 -8.87 5.69
N ASN A 317 -43.58 -9.03 4.60
CA ASN A 317 -44.20 -9.41 3.34
C ASN A 317 -43.91 -10.85 2.93
N VAL A 318 -42.94 -11.48 3.58
CA VAL A 318 -42.59 -12.85 3.26
C VAL A 318 -42.43 -13.66 4.54
N GLY A 319 -41.82 -13.05 5.55
CA GLY A 319 -41.66 -13.71 6.83
C GLY A 319 -40.66 -14.85 6.76
N PHE A 320 -41.01 -15.97 7.38
CA PHE A 320 -40.07 -17.07 7.55
C PHE A 320 -40.66 -18.46 7.27
N SER A 321 -41.88 -18.52 6.74
CA SER A 321 -42.52 -19.81 6.50
C SER A 321 -42.18 -20.38 5.13
N ARG A 322 -41.75 -19.51 4.22
CA ARG A 322 -41.27 -19.95 2.92
C ARG A 322 -40.09 -19.10 2.49
N THR A 323 -39.49 -19.43 1.37
CA THR A 323 -38.41 -18.62 0.83
C THR A 323 -38.92 -17.75 -0.30
N PRO A 324 -38.28 -16.58 -0.49
CA PRO A 324 -38.65 -15.60 -1.52
C PRO A 324 -38.73 -16.18 -2.91
N THR A 325 -39.60 -15.59 -3.70
CA THR A 325 -39.81 -16.00 -5.08
C THR A 325 -39.89 -14.74 -5.94
N ILE A 326 -39.87 -14.93 -7.25
CA ILE A 326 -39.94 -13.80 -8.16
C ILE A 326 -41.17 -12.95 -7.91
N SER A 327 -42.29 -13.58 -7.59
CA SER A 327 -43.55 -12.86 -7.43
C SER A 327 -43.48 -11.88 -6.27
N ASP A 328 -42.48 -12.05 -5.42
CA ASP A 328 -42.31 -11.17 -4.27
C ASP A 328 -41.83 -9.78 -4.67
N ARG A 329 -41.42 -9.60 -5.92
CA ARG A 329 -40.98 -8.29 -6.34
C ARG A 329 -42.15 -7.32 -6.42
N ASN A 330 -43.37 -7.85 -6.41
CA ASN A 330 -44.58 -7.03 -6.38
C ASN A 330 -44.81 -6.43 -5.01
N ARG A 331 -44.16 -7.00 -3.99
CA ARG A 331 -44.38 -6.56 -2.62
C ARG A 331 -43.13 -5.96 -1.97
N LEU A 332 -41.94 -6.39 -2.39
CA LEU A 332 -40.69 -5.90 -1.80
C LEU A 332 -40.15 -4.72 -2.58
N LEU A 333 -40.80 -3.57 -2.44
CA LEU A 333 -40.54 -2.45 -3.34
C LEU A 333 -39.26 -1.71 -3.05
N LEU A 334 -38.91 -1.57 -1.78
CA LEU A 334 -37.68 -0.88 -1.42
C LEU A 334 -36.47 -1.67 -1.90
N LEU A 335 -36.60 -3.00 -1.93
CA LEU A 335 -35.53 -3.83 -2.42
C LEU A 335 -35.32 -3.62 -3.91
N GLU A 336 -36.41 -3.65 -4.67
CA GLU A 336 -36.31 -3.46 -6.12
C GLU A 336 -35.78 -2.09 -6.41
N ALA A 337 -36.06 -1.15 -5.50
CA ALA A 337 -35.62 0.22 -5.70
C ALA A 337 -34.15 0.37 -5.36
N THR A 338 -33.72 -0.33 -4.32
CA THR A 338 -32.32 -0.32 -3.92
C THR A 338 -31.43 -0.81 -5.07
N ILE A 339 -31.85 -1.90 -5.71
CA ILE A 339 -31.13 -2.43 -6.86
C ILE A 339 -31.04 -1.42 -8.00
N ARG A 340 -32.15 -0.76 -8.30
CA ARG A 340 -32.18 0.26 -9.33
C ARG A 340 -31.20 1.37 -9.02
N GLU A 341 -31.06 1.71 -7.75
CA GLU A 341 -30.25 2.85 -7.35
C GLU A 341 -28.78 2.51 -7.37
N VAL A 342 -28.46 1.23 -7.21
CA VAL A 342 -27.08 0.81 -7.36
C VAL A 342 -26.73 0.87 -8.83
N LEU A 343 -27.66 0.45 -9.69
CA LEU A 343 -27.42 0.42 -11.12
C LEU A 343 -27.33 1.82 -11.69
N ARG A 344 -27.80 2.81 -10.92
CA ARG A 344 -27.68 4.19 -11.33
C ARG A 344 -26.35 4.78 -10.90
N LEU A 345 -26.03 4.62 -9.62
CA LEU A 345 -24.84 5.20 -9.03
C LEU A 345 -23.54 4.55 -9.47
N ARG A 346 -23.57 3.24 -9.68
CA ARG A 346 -22.40 2.51 -10.07
C ARG A 346 -22.80 1.55 -11.16
N PRO A 347 -22.96 2.08 -12.37
CA PRO A 347 -23.38 1.23 -13.49
C PRO A 347 -22.33 0.20 -13.77
N VAL A 348 -22.77 -0.98 -14.18
CA VAL A 348 -21.85 -2.04 -14.56
C VAL A 348 -20.94 -1.53 -15.66
N ALA A 349 -21.53 -0.87 -16.65
CA ALA A 349 -20.80 -0.30 -17.76
C ALA A 349 -21.07 1.19 -17.85
N PRO A 350 -20.22 2.00 -17.20
CA PRO A 350 -20.46 3.43 -17.12
C PRO A 350 -20.29 4.16 -18.43
N MET A 351 -19.71 3.49 -19.41
CA MET A 351 -19.60 4.06 -20.74
C MET A 351 -20.06 3.02 -21.75
N LEU A 352 -20.99 2.19 -21.30
CA LEU A 352 -21.52 1.09 -22.09
C LEU A 352 -20.38 0.27 -22.65
N ILE A 353 -20.52 -0.12 -23.90
CA ILE A 353 -19.42 -0.66 -24.69
C ILE A 353 -19.33 0.28 -25.88
N PRO A 354 -18.14 0.54 -26.38
CA PRO A 354 -18.08 1.53 -27.46
C PRO A 354 -18.89 1.14 -28.69
N HIS A 355 -19.55 2.14 -29.26
CA HIS A 355 -20.29 1.99 -30.50
C HIS A 355 -19.46 2.53 -31.66
N LYS A 356 -19.90 2.27 -32.88
CA LYS A 356 -19.24 2.79 -34.06
C LYS A 356 -20.30 3.09 -35.10
N ALA A 357 -20.08 4.17 -35.84
CA ALA A 357 -20.97 4.53 -36.94
C ALA A 357 -20.70 3.64 -38.14
N ASN A 358 -21.74 2.94 -38.57
CA ASN A 358 -21.63 2.08 -39.74
C ASN A 358 -21.70 2.87 -41.04
N VAL A 359 -22.24 4.08 -40.97
CA VAL A 359 -22.46 4.89 -42.15
C VAL A 359 -22.31 6.34 -41.76
N ASP A 360 -22.12 7.22 -42.74
CA ASP A 360 -22.15 8.64 -42.46
C ASP A 360 -23.51 8.93 -41.85
N SER A 361 -23.53 9.68 -40.77
CA SER A 361 -24.78 9.97 -40.10
C SER A 361 -24.65 11.26 -39.30
N SER A 362 -25.48 11.42 -38.28
CA SER A 362 -25.42 12.63 -37.48
C SER A 362 -25.88 12.38 -36.04
N ILE A 363 -25.50 13.29 -35.15
CA ILE A 363 -26.00 13.27 -33.78
C ILE A 363 -26.26 14.69 -33.36
N GLY A 364 -27.49 14.97 -32.95
CA GLY A 364 -27.87 16.33 -32.59
C GLY A 364 -27.53 17.34 -33.67
N GLU A 365 -27.62 16.90 -34.92
CA GLU A 365 -27.45 17.75 -36.11
C GLU A 365 -26.00 18.00 -36.44
N PHE A 366 -25.10 17.40 -35.66
CA PHE A 366 -23.67 17.41 -35.98
C PHE A 366 -23.28 16.22 -36.81
N ALA A 367 -22.34 16.43 -37.73
CA ALA A 367 -21.93 15.39 -38.65
C ALA A 367 -21.05 14.34 -37.95
N VAL A 368 -21.27 13.09 -38.33
CA VAL A 368 -20.46 12.00 -37.84
C VAL A 368 -20.15 11.06 -38.98
N ASP A 369 -18.87 11.00 -39.35
CA ASP A 369 -18.41 10.13 -40.44
C ASP A 369 -18.49 8.63 -40.13
N LYS A 370 -18.67 7.85 -41.18
CA LYS A 370 -18.54 6.40 -41.13
C LYS A 370 -17.23 6.01 -40.50
N GLY A 371 -17.29 5.06 -39.55
CA GLY A 371 -16.11 4.51 -38.92
C GLY A 371 -15.70 5.17 -37.62
N THR A 372 -16.42 6.21 -37.25
CA THR A 372 -16.11 6.98 -36.07
C THR A 372 -16.57 6.26 -34.82
N GLU A 373 -15.73 6.26 -33.79
CA GLU A 373 -16.08 5.65 -32.52
C GLU A 373 -17.00 6.59 -31.78
N VAL A 374 -18.05 6.04 -31.18
CA VAL A 374 -18.99 6.84 -30.44
C VAL A 374 -19.20 6.23 -29.07
N ILE A 375 -19.05 7.05 -28.03
CA ILE A 375 -19.18 6.57 -26.69
C ILE A 375 -20.27 7.30 -25.91
N ILE A 376 -21.14 6.52 -25.29
CA ILE A 376 -22.18 7.06 -24.44
C ILE A 376 -21.71 7.10 -23.01
N ASN A 377 -21.62 8.30 -22.45
CA ASN A 377 -21.24 8.44 -21.08
C ASN A 377 -22.45 8.28 -20.19
N LEU A 378 -22.77 7.04 -19.87
CA LEU A 378 -23.91 6.72 -19.03
C LEU A 378 -23.74 7.33 -17.65
N TRP A 379 -22.50 7.40 -17.20
CA TRP A 379 -22.20 7.97 -15.89
C TRP A 379 -22.73 9.41 -15.84
N ALA A 380 -22.53 10.13 -16.93
CA ALA A 380 -22.99 11.51 -17.02
C ALA A 380 -24.51 11.53 -17.00
N LEU A 381 -25.13 10.60 -17.71
CA LEU A 381 -26.58 10.52 -17.75
C LEU A 381 -27.14 10.28 -16.36
N HIS A 382 -26.44 9.45 -15.59
CA HIS A 382 -26.94 9.03 -14.29
C HIS A 382 -26.62 10.02 -13.19
N HIS A 383 -25.82 11.03 -13.51
CA HIS A 383 -25.39 12.01 -12.52
C HIS A 383 -25.69 13.44 -12.93
N ASN A 384 -26.45 13.60 -14.01
CA ASN A 384 -26.86 14.92 -14.46
C ASN A 384 -27.68 15.63 -13.39
N GLU A 385 -27.17 16.76 -12.91
CA GLU A 385 -27.79 17.47 -11.79
C GLU A 385 -29.19 18.01 -12.10
N LYS A 386 -29.46 18.32 -13.36
CA LYS A 386 -30.78 18.84 -13.73
C LYS A 386 -31.81 17.74 -13.90
N GLU A 387 -31.38 16.48 -13.84
CA GLU A 387 -32.30 15.36 -14.06
C GLU A 387 -32.48 14.48 -12.83
N TRP A 388 -31.64 14.70 -11.82
CA TRP A 388 -31.66 13.90 -10.61
C TRP A 388 -31.49 14.80 -9.43
N HIS A 389 -32.18 14.49 -8.36
CA HIS A 389 -32.02 15.21 -7.11
C HIS A 389 -30.86 14.61 -6.32
N GLN A 390 -29.84 15.41 -6.05
CA GLN A 390 -28.64 14.99 -5.32
C GLN A 390 -28.08 13.67 -5.84
N PRO A 391 -27.58 13.69 -7.07
CA PRO A 391 -27.21 12.47 -7.80
C PRO A 391 -26.06 11.68 -7.18
N ASP A 392 -25.21 12.32 -6.38
CA ASP A 392 -24.08 11.61 -5.80
C ASP A 392 -24.48 10.88 -4.52
N GLN A 393 -25.75 10.95 -4.15
CA GLN A 393 -26.25 10.26 -2.96
C GLN A 393 -26.91 8.93 -3.30
N PHE A 394 -26.76 7.97 -2.40
CA PHE A 394 -27.46 6.71 -2.47
C PHE A 394 -28.83 6.86 -1.81
N MET A 395 -29.85 7.06 -2.61
CA MET A 395 -31.21 7.24 -2.11
C MET A 395 -32.17 6.38 -2.88
N PRO A 396 -32.39 5.14 -2.45
CA PRO A 396 -33.38 4.29 -3.14
C PRO A 396 -34.78 4.90 -3.14
N GLU A 397 -35.05 5.82 -2.22
CA GLU A 397 -36.33 6.50 -2.13
C GLU A 397 -36.75 7.17 -3.45
N ARG A 398 -35.78 7.61 -4.23
CA ARG A 398 -36.05 8.34 -5.44
C ARG A 398 -36.83 7.51 -6.46
N PHE A 399 -36.79 6.18 -6.32
CA PHE A 399 -37.51 5.29 -7.22
C PHE A 399 -38.85 4.84 -6.65
N LEU A 400 -39.27 5.48 -5.57
CA LEU A 400 -40.59 5.25 -5.00
C LEU A 400 -41.40 6.54 -4.99
N ASN A 401 -42.73 6.39 -5.00
CA ASN A 401 -43.58 7.54 -4.81
C ASN A 401 -43.37 8.02 -3.38
N PRO A 402 -43.87 9.22 -3.06
CA PRO A 402 -43.58 9.72 -1.71
C PRO A 402 -44.20 8.85 -0.63
N ALA A 403 -45.29 8.20 -0.95
CA ALA A 403 -45.99 7.33 -0.02
C ALA A 403 -45.10 6.17 0.37
N GLY A 404 -44.55 5.51 -0.64
CA GLY A 404 -43.72 4.34 -0.42
C GLY A 404 -44.39 3.09 -0.98
N THR A 405 -45.46 3.29 -1.75
CA THR A 405 -46.34 2.18 -2.09
C THR A 405 -46.23 1.71 -3.54
N GLN A 406 -45.51 2.44 -4.37
CA GLN A 406 -45.22 1.91 -5.70
C GLN A 406 -43.95 2.50 -6.30
N LEU A 407 -43.38 1.78 -7.25
CA LEU A 407 -42.16 2.18 -7.94
C LEU A 407 -42.46 3.20 -9.01
N ILE A 408 -41.58 4.18 -9.15
CA ILE A 408 -41.72 5.19 -10.18
C ILE A 408 -40.42 5.35 -10.96
N SER A 409 -40.50 5.98 -12.14
CA SER A 409 -39.33 6.35 -12.92
C SER A 409 -39.07 7.85 -12.88
N PRO A 410 -38.28 8.32 -11.90
CA PRO A 410 -38.13 9.75 -11.65
C PRO A 410 -37.39 10.52 -12.75
N SER A 411 -36.66 9.82 -13.60
CA SER A 411 -35.91 10.49 -14.64
C SER A 411 -35.92 9.70 -15.95
N VAL A 412 -35.91 10.45 -17.04
CA VAL A 412 -35.85 9.88 -18.37
C VAL A 412 -34.40 9.58 -18.70
N SER A 413 -33.49 9.99 -17.80
CA SER A 413 -32.06 9.87 -18.03
C SER A 413 -31.48 8.69 -17.25
N TYR A 414 -31.93 7.49 -17.61
CA TYR A 414 -31.59 6.27 -16.89
C TYR A 414 -31.66 5.11 -17.88
N LEU A 415 -30.52 4.48 -18.11
CA LEU A 415 -30.40 3.40 -19.08
C LEU A 415 -29.37 2.38 -18.65
N PRO A 416 -29.58 1.77 -17.49
CA PRO A 416 -28.58 0.84 -16.98
C PRO A 416 -28.27 -0.29 -17.93
N PHE A 417 -29.26 -0.80 -18.66
CA PHE A 417 -29.02 -1.89 -19.58
C PHE A 417 -28.93 -1.43 -21.02
N GLY A 418 -28.79 -0.13 -21.21
CA GLY A 418 -28.71 0.44 -22.54
C GLY A 418 -30.04 0.40 -23.25
N ALA A 419 -30.01 0.60 -24.57
CA ALA A 419 -31.21 0.49 -25.38
C ALA A 419 -30.86 0.30 -26.86
N GLY A 420 -31.87 -0.06 -27.65
CA GLY A 420 -31.69 -0.28 -29.07
C GLY A 420 -31.05 -1.62 -29.38
N PRO A 421 -30.46 -1.73 -30.58
CA PRO A 421 -29.90 -2.95 -31.15
C PRO A 421 -28.83 -3.63 -30.32
N ARG A 422 -28.00 -2.89 -29.59
CA ARG A 422 -26.90 -3.52 -28.84
C ARG A 422 -27.20 -3.56 -27.35
N SER A 423 -28.46 -3.37 -26.99
CA SER A 423 -28.85 -3.41 -25.59
C SER A 423 -28.54 -4.76 -24.94
N CYS A 424 -28.49 -4.77 -23.62
CA CYS A 424 -28.19 -6.00 -22.88
C CYS A 424 -29.21 -7.07 -23.19
N ILE A 425 -28.73 -8.26 -23.51
CA ILE A 425 -29.62 -9.39 -23.73
C ILE A 425 -29.81 -10.24 -22.48
N GLY A 426 -29.07 -9.95 -21.43
CA GLY A 426 -29.17 -10.71 -20.20
C GLY A 426 -29.96 -10.01 -19.12
N GLU A 427 -30.70 -8.97 -19.49
CA GLU A 427 -31.40 -8.15 -18.51
C GLU A 427 -32.36 -8.94 -17.64
N ILE A 428 -33.16 -9.81 -18.25
CA ILE A 428 -34.14 -10.56 -17.48
C ILE A 428 -33.44 -11.42 -16.43
N LEU A 429 -32.43 -12.15 -16.88
CA LEU A 429 -31.64 -12.99 -15.99
C LEU A 429 -31.01 -12.20 -14.86
N ALA A 430 -30.39 -11.08 -15.20
CA ALA A 430 -29.73 -10.24 -14.20
C ALA A 430 -30.69 -9.78 -13.13
N ARG A 431 -31.82 -9.24 -13.55
CA ARG A 431 -32.79 -8.69 -12.62
C ARG A 431 -33.29 -9.76 -11.68
N GLN A 432 -33.49 -10.97 -12.19
CA GLN A 432 -34.00 -12.04 -11.36
C GLN A 432 -32.94 -12.52 -10.39
N GLU A 433 -31.73 -12.74 -10.89
CA GLU A 433 -30.61 -13.17 -10.05
C GLU A 433 -30.37 -12.18 -8.93
N LEU A 434 -30.30 -10.90 -9.27
CA LEU A 434 -30.04 -9.88 -8.28
C LEU A 434 -31.13 -9.80 -7.22
N PHE A 435 -32.38 -9.84 -7.63
CA PHE A 435 -33.50 -9.73 -6.69
C PHE A 435 -33.55 -10.91 -5.74
N LEU A 436 -33.41 -12.11 -6.31
CA LEU A 436 -33.52 -13.31 -5.49
C LEU A 436 -32.35 -13.46 -4.52
N ILE A 437 -31.13 -13.16 -4.99
CA ILE A 437 -29.95 -13.27 -4.14
C ILE A 437 -30.08 -12.34 -2.94
N MET A 438 -30.38 -11.08 -3.18
CA MET A 438 -30.50 -10.14 -2.07
C MET A 438 -31.63 -10.51 -1.16
N ALA A 439 -32.72 -11.01 -1.75
CA ALA A 439 -33.90 -11.39 -0.98
C ALA A 439 -33.59 -12.50 0.00
N TRP A 440 -32.98 -13.58 -0.51
CA TRP A 440 -32.70 -14.74 0.32
C TRP A 440 -31.67 -14.45 1.37
N LEU A 441 -30.73 -13.58 1.05
CA LEU A 441 -29.66 -13.26 2.00
C LEU A 441 -30.22 -12.49 3.16
N LEU A 442 -31.07 -11.51 2.86
CA LEU A 442 -31.59 -10.62 3.89
C LEU A 442 -32.54 -11.36 4.82
N GLN A 443 -33.31 -12.27 4.24
CA GLN A 443 -34.19 -13.12 5.04
C GLN A 443 -33.39 -13.81 6.13
N ARG A 444 -32.21 -14.30 5.75
CA ARG A 444 -31.51 -15.29 6.55
C ARG A 444 -30.31 -14.75 7.35
N PHE A 445 -29.67 -13.66 6.89
CA PHE A 445 -28.42 -13.19 7.48
C PHE A 445 -28.38 -11.74 7.91
N ASP A 446 -27.82 -11.51 9.09
CA ASP A 446 -27.32 -10.19 9.47
C ASP A 446 -26.02 -10.02 8.72
N LEU A 447 -25.85 -8.89 8.08
CA LEU A 447 -24.65 -8.62 7.30
C LEU A 447 -24.07 -7.32 7.81
N GLU A 448 -22.97 -7.43 8.54
CA GLU A 448 -22.48 -6.32 9.32
C GLU A 448 -21.02 -6.00 9.02
N VAL A 449 -20.61 -4.81 9.44
CA VAL A 449 -19.22 -4.40 9.34
C VAL A 449 -18.36 -5.33 10.18
N PRO A 450 -17.18 -5.73 9.65
CA PRO A 450 -16.31 -6.62 10.42
C PRO A 450 -15.80 -5.96 11.68
N ASP A 451 -15.14 -6.75 12.54
CA ASP A 451 -14.84 -6.28 13.89
C ASP A 451 -13.70 -5.28 13.98
N ASP A 452 -12.83 -5.23 12.98
CA ASP A 452 -12.00 -4.05 12.76
C ASP A 452 -12.77 -3.20 11.79
N GLY A 453 -13.40 -2.15 12.29
CA GLY A 453 -14.51 -1.49 11.60
C GLY A 453 -14.26 -0.91 10.22
N GLN A 454 -13.71 -1.71 9.33
CA GLN A 454 -13.37 -1.27 7.98
C GLN A 454 -14.57 -1.36 7.05
N LEU A 455 -14.87 -0.25 6.39
CA LEU A 455 -15.95 -0.19 5.43
C LEU A 455 -15.37 -0.27 4.01
N PRO A 456 -16.14 -0.85 3.08
CA PRO A 456 -15.61 -0.95 1.72
C PRO A 456 -15.51 0.41 1.06
N SER A 457 -14.48 0.59 0.24
CA SER A 457 -14.36 1.79 -0.55
C SER A 457 -15.40 1.75 -1.63
N LEU A 458 -16.08 2.86 -1.84
CA LEU A 458 -17.11 2.93 -2.87
C LEU A 458 -16.59 3.62 -4.10
N GLU A 459 -15.30 3.91 -4.11
CA GLU A 459 -14.67 4.63 -5.21
C GLU A 459 -14.78 3.79 -6.48
N GLY A 460 -14.50 2.50 -6.36
CA GLY A 460 -14.58 1.58 -7.48
C GLY A 460 -13.30 1.44 -8.28
N ILE A 461 -13.27 0.43 -9.14
CA ILE A 461 -12.17 0.18 -10.03
C ILE A 461 -12.68 -0.03 -11.45
N PRO A 462 -12.48 0.94 -12.31
CA PRO A 462 -12.98 0.74 -13.67
C PRO A 462 -12.14 -0.24 -14.46
N LYS A 463 -12.75 -1.34 -14.88
CA LYS A 463 -12.17 -2.21 -15.87
C LYS A 463 -13.19 -2.32 -16.99
N VAL A 464 -13.25 -3.46 -17.68
CA VAL A 464 -14.26 -3.65 -18.70
C VAL A 464 -15.62 -3.63 -18.01
N VAL A 465 -15.61 -3.99 -16.73
CA VAL A 465 -16.75 -3.84 -15.87
C VAL A 465 -16.32 -2.92 -14.74
N PHE A 466 -17.27 -2.19 -14.15
CA PHE A 466 -16.98 -1.30 -13.04
C PHE A 466 -17.00 -2.10 -11.73
N LEU A 467 -15.80 -2.46 -11.27
CA LEU A 467 -15.64 -3.36 -10.13
C LEU A 467 -15.46 -2.60 -8.82
N ILE A 468 -15.60 -3.31 -7.71
CA ILE A 468 -15.35 -2.73 -6.40
C ILE A 468 -14.18 -3.48 -5.73
N ASP A 469 -13.37 -2.76 -4.96
CA ASP A 469 -12.33 -3.36 -4.15
C ASP A 469 -12.91 -4.45 -3.29
N SER A 470 -12.20 -5.56 -3.16
CA SER A 470 -12.69 -6.63 -2.31
C SER A 470 -12.77 -6.16 -0.88
N PHE A 471 -13.76 -6.69 -0.17
CA PHE A 471 -14.01 -6.31 1.21
C PHE A 471 -14.63 -7.50 1.92
N LYS A 472 -14.64 -7.43 3.24
CA LYS A 472 -15.20 -8.48 4.07
C LYS A 472 -16.48 -8.04 4.75
N VAL A 473 -17.34 -9.00 5.03
CA VAL A 473 -18.57 -8.75 5.73
C VAL A 473 -18.73 -9.77 6.85
N LYS A 474 -19.04 -9.31 8.05
CA LYS A 474 -19.38 -10.20 9.13
C LYS A 474 -20.76 -10.73 8.86
N ILE A 475 -20.88 -12.05 8.86
CA ILE A 475 -22.15 -12.68 8.56
C ILE A 475 -22.62 -13.48 9.75
N LYS A 476 -23.89 -13.29 10.09
CA LYS A 476 -24.48 -14.02 11.20
C LYS A 476 -25.88 -14.43 10.83
N VAL A 477 -26.25 -15.67 11.13
CA VAL A 477 -27.62 -16.09 10.97
C VAL A 477 -28.52 -15.27 11.88
N ARG A 478 -29.72 -14.93 11.40
CA ARG A 478 -30.62 -14.06 12.15
C ARG A 478 -31.34 -14.83 13.23
N GLN A 479 -31.49 -14.21 14.40
CA GLN A 479 -32.25 -14.81 15.49
C GLN A 479 -33.63 -15.23 15.01
N ALA A 480 -34.30 -14.32 14.32
CA ALA A 480 -35.64 -14.58 13.80
C ALA A 480 -35.71 -15.79 12.86
N TRP A 481 -34.71 -15.94 11.99
CA TRP A 481 -34.71 -17.08 11.08
C TRP A 481 -34.52 -18.37 11.87
N ARG A 482 -33.72 -18.33 12.92
CA ARG A 482 -33.46 -19.53 13.70
C ARG A 482 -34.72 -19.95 14.45
N GLU A 483 -35.26 -19.03 15.24
CA GLU A 483 -36.49 -19.26 16.00
C GLU A 483 -37.59 -19.94 15.17
N ALA A 484 -37.69 -19.55 13.89
CA ALA A 484 -38.76 -20.04 13.03
C ALA A 484 -38.43 -21.38 12.38
N GLN A 485 -37.53 -22.14 13.01
CA GLN A 485 -37.25 -23.49 12.54
C GLN A 485 -37.70 -24.50 13.58
N SER B 12 27.64 24.68 35.72
CA SER B 12 27.34 23.39 35.10
C SER B 12 25.83 23.12 35.04
N LEU B 13 25.40 22.49 33.97
CA LEU B 13 24.00 22.12 33.79
C LEU B 13 23.81 20.67 34.19
N LEU B 14 22.79 20.40 34.99
CA LEU B 14 22.49 19.04 35.39
C LEU B 14 21.95 18.31 34.19
N SER B 15 21.79 17.00 34.35
CA SER B 15 21.15 16.22 33.33
C SER B 15 19.85 15.70 33.89
N LEU B 16 18.89 15.48 33.00
CA LEU B 16 17.51 15.22 33.37
C LEU B 16 17.26 13.93 34.13
N PRO B 17 16.31 13.95 35.07
CA PRO B 17 15.93 12.68 35.64
C PRO B 17 15.32 11.75 34.61
N LEU B 18 15.63 10.47 34.75
CA LEU B 18 15.25 9.46 33.79
C LEU B 18 14.29 8.49 34.48
N VAL B 19 13.11 8.38 33.91
CA VAL B 19 12.05 7.58 34.45
C VAL B 19 11.97 6.22 33.75
N GLY B 20 12.62 6.12 32.60
CA GLY B 20 12.54 4.92 31.80
C GLY B 20 13.54 4.90 30.65
N SER B 21 13.93 3.71 30.25
CA SER B 21 14.94 3.57 29.23
C SER B 21 14.83 2.23 28.52
N LEU B 22 14.72 2.26 27.20
CA LEU B 22 14.81 1.06 26.40
C LEU B 22 15.89 1.21 25.32
N PRO B 23 16.60 0.11 25.04
CA PRO B 23 17.81 0.22 24.23
C PRO B 23 17.52 0.42 22.77
N PHE B 24 16.30 0.11 22.33
CA PHE B 24 15.93 0.36 20.93
C PHE B 24 14.46 0.73 20.80
N LEU B 25 14.07 1.16 19.61
CA LEU B 25 12.71 1.63 19.40
C LEU B 25 11.74 0.46 19.36
N PRO B 26 10.63 0.59 20.08
CA PRO B 26 9.63 -0.46 19.98
C PRO B 26 8.93 -0.38 18.62
N ARG B 27 8.50 -1.54 18.14
CA ARG B 27 7.84 -1.64 16.85
C ARG B 27 8.62 -1.04 15.67
N HIS B 28 9.95 -1.07 15.75
CA HIS B 28 10.78 -0.72 14.63
C HIS B 28 11.76 -1.86 14.38
N GLY B 29 11.65 -2.51 13.23
CA GLY B 29 12.42 -3.71 12.95
C GLY B 29 11.83 -4.95 13.61
N HIS B 30 12.43 -6.11 13.38
CA HIS B 30 12.01 -7.33 14.04
C HIS B 30 12.73 -7.52 15.37
N MET B 31 11.97 -7.85 16.42
CA MET B 31 12.48 -8.02 17.78
C MET B 31 13.72 -8.91 17.86
N HIS B 32 13.64 -10.10 17.26
CA HIS B 32 14.75 -11.04 17.33
C HIS B 32 16.02 -10.43 16.76
N ASN B 33 15.89 -9.59 15.74
CA ASN B 33 17.05 -8.96 15.18
C ASN B 33 17.53 -7.80 16.05
N ASN B 34 16.59 -7.06 16.64
CA ASN B 34 16.98 -5.96 17.51
C ASN B 34 17.73 -6.46 18.74
N PHE B 35 17.32 -7.61 19.28
CA PHE B 35 18.01 -8.22 20.40
C PHE B 35 19.38 -8.74 19.98
N PHE B 36 19.45 -9.26 18.76
CA PHE B 36 20.72 -9.72 18.21
C PHE B 36 21.72 -8.57 18.07
N LYS B 37 21.30 -7.49 17.41
CA LYS B 37 22.14 -6.31 17.23
C LYS B 37 22.67 -5.79 18.55
N LEU B 38 21.90 -5.95 19.61
CA LEU B 38 22.31 -5.42 20.91
C LEU B 38 23.51 -6.15 21.50
N GLN B 39 23.78 -7.34 20.99
CA GLN B 39 24.79 -8.21 21.59
C GLN B 39 26.20 -7.66 21.40
N LYS B 40 26.38 -6.86 20.34
CA LYS B 40 27.66 -6.24 20.07
C LYS B 40 28.05 -5.34 21.24
N LYS B 41 27.06 -4.69 21.85
CA LYS B 41 27.26 -3.72 22.90
C LYS B 41 27.30 -4.40 24.26
N TYR B 42 26.38 -5.34 24.49
CA TYR B 42 26.12 -5.81 25.83
C TYR B 42 26.47 -7.27 26.06
N GLY B 43 26.88 -7.97 25.03
CA GLY B 43 27.22 -9.38 25.17
C GLY B 43 26.06 -10.31 24.88
N PRO B 44 26.28 -11.62 25.07
CA PRO B 44 25.32 -12.67 24.71
C PRO B 44 24.19 -12.89 25.70
N ILE B 45 24.18 -12.17 26.81
CA ILE B 45 23.14 -12.35 27.79
C ILE B 45 22.92 -11.05 28.58
N TYR B 46 21.68 -10.61 28.62
CA TYR B 46 21.34 -9.35 29.27
C TYR B 46 19.87 -9.34 29.64
N SER B 47 19.48 -8.39 30.46
CA SER B 47 18.12 -8.36 30.98
C SER B 47 17.44 -7.02 30.83
N VAL B 48 16.12 -7.06 30.90
CA VAL B 48 15.26 -5.87 30.84
C VAL B 48 14.19 -5.97 31.93
N ARG B 49 13.88 -4.86 32.58
CA ARG B 49 12.82 -4.84 33.61
C ARG B 49 11.64 -4.02 33.13
N MET B 50 10.47 -4.62 33.24
CA MET B 50 9.24 -3.98 32.82
C MET B 50 8.32 -3.95 34.02
N GLY B 51 8.29 -2.81 34.70
CA GLY B 51 7.62 -2.75 35.99
C GLY B 51 8.21 -3.81 36.90
N THR B 52 7.42 -4.83 37.16
CA THR B 52 7.78 -5.85 38.14
C THR B 52 8.46 -7.06 37.50
N LYS B 53 8.11 -7.32 36.24
CA LYS B 53 8.63 -8.47 35.51
C LYS B 53 10.04 -8.22 34.99
N THR B 54 10.88 -9.24 35.09
CA THR B 54 12.21 -9.19 34.50
C THR B 54 12.32 -10.28 33.46
N THR B 55 13.03 -9.95 32.38
CA THR B 55 13.20 -10.85 31.27
C THR B 55 14.67 -10.96 30.91
N VAL B 56 15.13 -12.18 30.68
CA VAL B 56 16.48 -12.41 30.25
C VAL B 56 16.49 -12.86 28.82
N ILE B 57 17.39 -12.30 28.03
CA ILE B 57 17.54 -12.70 26.63
C ILE B 57 18.90 -13.33 26.44
N VAL B 58 18.90 -14.51 25.85
CA VAL B 58 20.07 -15.33 25.69
C VAL B 58 20.34 -15.54 24.21
N GLY B 59 21.57 -15.31 23.78
CA GLY B 59 21.90 -15.34 22.37
C GLY B 59 23.22 -16.00 22.00
N HIS B 60 23.60 -17.02 22.75
CA HIS B 60 24.77 -17.81 22.40
C HIS B 60 24.50 -19.28 22.70
N HIS B 61 24.88 -20.16 21.79
CA HIS B 61 24.52 -21.58 21.88
C HIS B 61 24.88 -22.25 23.21
N GLN B 62 25.96 -21.81 23.84
CA GLN B 62 26.41 -22.44 25.06
C GLN B 62 25.46 -22.13 26.21
N LEU B 63 25.09 -20.85 26.32
CA LEU B 63 24.14 -20.42 27.35
C LEU B 63 22.76 -20.96 27.08
N ALA B 64 22.41 -21.10 25.81
CA ALA B 64 21.10 -21.58 25.44
C ALA B 64 20.97 -23.06 25.78
N LYS B 65 22.02 -23.83 25.55
CA LYS B 65 21.96 -25.24 25.86
C LYS B 65 21.93 -25.45 27.37
N GLU B 66 22.49 -24.50 28.12
CA GLU B 66 22.42 -24.57 29.58
C GLU B 66 20.98 -24.41 30.04
N VAL B 67 20.25 -23.51 29.39
CA VAL B 67 18.87 -23.24 29.73
C VAL B 67 17.95 -24.37 29.27
N LEU B 68 18.21 -24.89 28.07
CA LEU B 68 17.34 -25.89 27.47
C LEU B 68 17.64 -27.31 27.92
N ILE B 69 18.93 -27.64 28.07
CA ILE B 69 19.32 -29.02 28.34
C ILE B 69 19.89 -29.24 29.76
N LYS B 70 21.07 -28.69 30.03
CA LYS B 70 21.75 -28.91 31.30
C LYS B 70 20.91 -28.56 32.51
N LYS B 71 20.20 -27.44 32.43
CA LYS B 71 19.33 -27.03 33.51
C LYS B 71 17.87 -26.98 33.05
N GLY B 72 17.56 -27.78 32.03
CA GLY B 72 16.23 -27.90 31.48
C GLY B 72 15.06 -27.82 32.43
N LYS B 73 15.06 -28.69 33.44
CA LYS B 73 13.99 -28.71 34.44
C LYS B 73 13.79 -27.36 35.08
N ASP B 74 14.89 -26.64 35.31
CA ASP B 74 14.82 -25.38 36.04
C ASP B 74 14.11 -24.29 35.25
N PHE B 75 14.23 -24.34 33.93
CA PHE B 75 13.72 -23.27 33.08
C PHE B 75 12.61 -23.76 32.16
N SER B 76 11.89 -24.78 32.59
CA SER B 76 10.89 -25.41 31.73
C SER B 76 9.51 -24.80 31.89
N GLY B 77 9.41 -23.67 32.59
CA GLY B 77 8.14 -23.03 32.78
C GLY B 77 7.73 -22.18 31.59
N ARG B 78 6.47 -21.74 31.59
CA ARG B 78 5.98 -20.78 30.60
C ARG B 78 5.41 -19.59 31.34
N PRO B 79 5.71 -18.38 30.88
CA PRO B 79 5.10 -17.23 31.56
C PRO B 79 3.62 -17.09 31.24
N GLN B 80 2.88 -16.40 32.11
CA GLN B 80 1.46 -16.16 31.89
C GLN B 80 1.27 -14.90 31.06
N MET B 81 0.46 -15.01 30.02
CA MET B 81 0.10 -13.86 29.22
C MET B 81 -1.40 -13.86 29.00
N ALA B 82 -2.00 -12.67 29.03
CA ALA B 82 -3.44 -12.53 28.85
C ALA B 82 -3.89 -13.18 27.56
N THR B 83 -3.15 -12.92 26.51
CA THR B 83 -3.54 -13.42 25.22
C THR B 83 -3.47 -14.95 25.21
N LEU B 84 -2.43 -15.53 25.82
CA LEU B 84 -2.27 -16.98 25.78
C LEU B 84 -3.25 -17.66 26.72
N ASP B 85 -3.67 -16.96 27.78
CA ASP B 85 -4.67 -17.50 28.71
C ASP B 85 -5.95 -17.87 27.97
N ILE B 86 -6.31 -17.06 26.99
CA ILE B 86 -7.54 -17.27 26.26
C ILE B 86 -7.42 -18.44 25.30
N LEU B 87 -6.38 -18.46 24.51
CA LEU B 87 -6.18 -19.55 23.58
C LEU B 87 -6.07 -20.88 24.28
N SER B 88 -5.38 -20.91 25.42
CA SER B 88 -5.08 -22.16 26.13
C SER B 88 -6.07 -22.50 27.24
N ASN B 89 -7.18 -21.77 27.33
CA ASN B 89 -8.16 -21.97 28.39
C ASN B 89 -7.53 -21.95 29.79
N ASN B 90 -6.82 -20.87 30.06
CA ASN B 90 -6.07 -20.68 31.29
C ASN B 90 -5.01 -21.75 31.49
N ARG B 91 -4.05 -21.75 30.57
CA ARG B 91 -2.79 -22.49 30.71
C ARG B 91 -2.96 -24.02 30.75
N LYS B 92 -3.91 -24.51 29.97
CA LYS B 92 -4.03 -25.94 29.75
C LYS B 92 -3.36 -26.24 28.45
N GLY B 93 -3.45 -27.49 28.00
CA GLY B 93 -2.80 -27.90 26.78
C GLY B 93 -1.34 -28.20 27.02
N ILE B 94 -0.52 -28.07 25.98
CA ILE B 94 0.90 -28.39 26.09
C ILE B 94 1.79 -27.16 25.94
N ALA B 95 1.66 -26.46 24.82
CA ALA B 95 2.59 -25.41 24.45
C ALA B 95 2.62 -24.24 25.40
N PHE B 96 1.47 -23.87 25.94
CA PHE B 96 1.38 -22.69 26.80
C PHE B 96 1.01 -23.03 28.23
N ALA B 97 1.13 -24.30 28.58
CA ALA B 97 0.89 -24.76 29.93
C ALA B 97 2.18 -24.69 30.72
N ASP B 98 2.09 -24.26 31.97
CA ASP B 98 3.25 -24.21 32.85
C ASP B 98 3.72 -25.62 33.09
N SER B 99 4.97 -25.76 33.50
CA SER B 99 5.48 -27.07 33.88
C SER B 99 4.71 -27.52 35.11
N GLY B 100 4.50 -28.82 35.20
CA GLY B 100 3.63 -29.36 36.22
C GLY B 100 3.01 -30.65 35.76
N ALA B 101 2.05 -31.14 36.52
CA ALA B 101 1.48 -32.45 36.27
C ALA B 101 0.74 -32.48 34.93
N HIS B 102 -0.10 -31.48 34.69
CA HIS B 102 -0.90 -31.48 33.46
C HIS B 102 -0.03 -31.42 32.20
N TRP B 103 0.96 -30.52 32.17
CA TRP B 103 1.87 -30.46 31.05
C TRP B 103 2.59 -31.78 30.80
N GLN B 104 3.09 -32.38 31.86
CA GLN B 104 3.89 -33.59 31.72
C GLN B 104 3.05 -34.74 31.19
N LEU B 105 1.85 -34.88 31.73
CA LEU B 105 0.94 -35.94 31.32
C LEU B 105 0.54 -35.80 29.87
N HIS B 106 0.01 -34.63 29.51
CA HIS B 106 -0.51 -34.44 28.16
C HIS B 106 0.59 -34.51 27.11
N ARG B 107 1.77 -33.99 27.44
CA ARG B 107 2.90 -34.09 26.54
C ARG B 107 3.27 -35.54 26.30
N ARG B 108 3.28 -36.34 27.37
CA ARG B 108 3.63 -37.75 27.28
C ARG B 108 2.61 -38.49 26.43
N LEU B 109 1.33 -38.23 26.67
CA LEU B 109 0.26 -38.89 25.94
C LEU B 109 0.31 -38.54 24.46
N ALA B 110 0.60 -37.28 24.15
CA ALA B 110 0.66 -36.85 22.77
C ALA B 110 1.80 -37.56 22.08
N MET B 111 2.92 -37.68 22.78
CA MET B 111 4.07 -38.36 22.22
C MET B 111 3.76 -39.83 22.00
N ALA B 112 3.04 -40.42 22.95
CA ALA B 112 2.71 -41.84 22.87
C ALA B 112 1.82 -42.11 21.69
N THR B 113 1.12 -41.09 21.24
CA THR B 113 0.20 -41.25 20.14
C THR B 113 0.94 -41.38 18.82
N PHE B 114 2.04 -40.66 18.66
CA PHE B 114 2.81 -40.73 17.43
C PHE B 114 3.42 -42.12 17.26
N ALA B 115 3.50 -42.86 18.36
CA ALA B 115 4.01 -44.22 18.35
C ALA B 115 3.06 -45.14 17.59
N LEU B 116 1.77 -44.83 17.66
CA LEU B 116 0.75 -45.61 16.95
C LEU B 116 0.79 -45.45 15.44
N PHE B 117 1.74 -44.66 14.94
CA PHE B 117 1.83 -44.38 13.51
C PHE B 117 3.22 -44.67 12.95
N LYS B 118 4.02 -45.43 13.68
CA LYS B 118 5.41 -45.65 13.29
C LYS B 118 5.53 -46.75 12.25
N ASP B 119 4.61 -47.72 12.28
CA ASP B 119 4.52 -48.70 11.22
C ASP B 119 3.11 -49.22 11.11
N GLY B 120 2.92 -50.14 10.17
CA GLY B 120 1.64 -50.82 10.02
C GLY B 120 0.73 -50.26 8.95
N ASP B 121 -0.56 -50.49 9.16
CA ASP B 121 -1.59 -50.15 8.20
C ASP B 121 -1.74 -48.65 8.09
N GLN B 122 -1.82 -48.00 9.26
CA GLN B 122 -1.94 -46.54 9.36
C GLN B 122 -0.55 -45.94 9.62
N LYS B 123 0.40 -46.28 8.76
CA LYS B 123 1.76 -45.76 8.88
C LYS B 123 1.79 -44.29 8.48
N LEU B 124 2.51 -43.49 9.25
CA LEU B 124 2.54 -42.04 9.07
C LEU B 124 2.86 -41.65 7.65
N GLU B 125 3.80 -42.37 7.05
CA GLU B 125 4.22 -42.08 5.69
C GLU B 125 3.08 -42.19 4.68
N LYS B 126 2.16 -43.13 4.88
CA LYS B 126 1.13 -43.40 3.88
C LYS B 126 -0.02 -42.45 4.04
N ILE B 127 -0.33 -42.13 5.29
CA ILE B 127 -1.31 -41.10 5.58
C ILE B 127 -0.92 -39.82 4.86
N ILE B 128 0.36 -39.47 4.98
CA ILE B 128 0.86 -38.26 4.35
C ILE B 128 0.83 -38.35 2.83
N CYS B 129 1.36 -39.45 2.28
CA CYS B 129 1.41 -39.59 0.84
C CYS B 129 0.02 -39.61 0.22
N GLN B 130 -0.96 -40.11 0.97
CA GLN B 130 -2.33 -40.15 0.55
C GLN B 130 -2.80 -38.74 0.25
N GLU B 131 -2.57 -37.85 1.20
CA GLU B 131 -3.05 -36.47 1.07
C GLU B 131 -2.25 -35.65 0.07
N ILE B 132 -0.97 -35.98 -0.10
CA ILE B 132 -0.14 -35.28 -1.06
C ILE B 132 -0.56 -35.67 -2.48
N SER B 133 -1.14 -36.86 -2.64
CA SER B 133 -1.65 -37.27 -3.93
C SER B 133 -2.81 -36.39 -4.32
N THR B 134 -3.73 -36.19 -3.38
CA THR B 134 -4.89 -35.34 -3.60
C THR B 134 -4.46 -33.92 -3.87
N LEU B 135 -3.44 -33.46 -3.14
CA LEU B 135 -2.90 -32.13 -3.33
C LEU B 135 -2.36 -31.95 -4.75
N CYS B 136 -1.62 -32.94 -5.23
CA CYS B 136 -1.00 -32.84 -6.53
C CYS B 136 -2.01 -32.93 -7.67
N ASP B 137 -3.06 -33.71 -7.48
CA ASP B 137 -4.09 -33.81 -8.50
C ASP B 137 -4.80 -32.48 -8.59
N MET B 138 -5.11 -31.89 -7.45
CA MET B 138 -5.75 -30.59 -7.40
C MET B 138 -4.88 -29.55 -8.06
N LEU B 139 -3.60 -29.52 -7.74
CA LEU B 139 -2.72 -28.48 -8.25
C LEU B 139 -2.57 -28.58 -9.76
N ALA B 140 -2.65 -29.80 -10.29
CA ALA B 140 -2.41 -30.01 -11.69
C ALA B 140 -3.53 -29.43 -12.52
N THR B 141 -4.69 -29.24 -11.91
CA THR B 141 -5.79 -28.62 -12.62
C THR B 141 -5.50 -27.14 -12.89
N HIS B 142 -4.59 -26.55 -12.11
CA HIS B 142 -4.19 -25.16 -12.29
C HIS B 142 -2.98 -25.03 -13.21
N ASN B 143 -2.71 -26.08 -13.99
CA ASN B 143 -1.60 -26.06 -14.95
C ASN B 143 -1.63 -24.83 -15.85
N GLY B 144 -0.56 -24.04 -15.80
CA GLY B 144 -0.43 -22.87 -16.65
C GLY B 144 -0.71 -21.58 -15.93
N GLN B 145 -1.39 -21.68 -14.79
CA GLN B 145 -1.83 -20.51 -14.06
C GLN B 145 -0.90 -20.17 -12.90
N SER B 146 -0.93 -18.92 -12.47
CA SER B 146 -0.26 -18.52 -11.23
C SER B 146 -1.26 -18.52 -10.09
N ILE B 147 -0.86 -19.07 -8.96
CA ILE B 147 -1.76 -19.21 -7.81
C ILE B 147 -1.02 -19.07 -6.48
N ASP B 148 -1.79 -18.89 -5.41
CA ASP B 148 -1.28 -18.96 -4.05
C ASP B 148 -1.53 -20.37 -3.55
N ILE B 149 -0.47 -21.09 -3.18
CA ILE B 149 -0.60 -22.47 -2.78
C ILE B 149 -0.97 -22.65 -1.31
N SER B 150 -1.19 -21.56 -0.60
CA SER B 150 -1.49 -21.63 0.84
C SER B 150 -2.66 -22.56 1.16
N PHE B 151 -3.82 -22.32 0.57
CA PHE B 151 -5.00 -23.08 0.95
C PHE B 151 -4.86 -24.56 0.59
N PRO B 152 -4.46 -24.87 -0.64
CA PRO B 152 -4.31 -26.28 -1.00
C PRO B 152 -3.40 -27.06 -0.05
N VAL B 153 -2.28 -26.46 0.33
CA VAL B 153 -1.36 -27.09 1.27
C VAL B 153 -1.97 -27.21 2.67
N PHE B 154 -2.65 -26.16 3.10
CA PHE B 154 -3.38 -26.13 4.36
C PHE B 154 -4.35 -27.30 4.48
N VAL B 155 -5.06 -27.59 3.40
CA VAL B 155 -6.00 -28.69 3.38
C VAL B 155 -5.29 -30.03 3.56
N ALA B 156 -4.17 -30.19 2.86
CA ALA B 156 -3.44 -31.44 2.88
C ALA B 156 -2.98 -31.75 4.29
N VAL B 157 -2.27 -30.82 4.92
CA VAL B 157 -1.78 -31.03 6.27
C VAL B 157 -2.90 -31.05 7.30
N THR B 158 -4.01 -30.39 7.02
CA THR B 158 -5.14 -30.39 7.94
C THR B 158 -5.76 -31.78 8.01
N ASN B 159 -5.81 -32.44 6.87
CA ASN B 159 -6.36 -33.77 6.80
C ASN B 159 -5.45 -34.77 7.47
N VAL B 160 -4.15 -34.62 7.28
CA VAL B 160 -3.17 -35.43 7.98
C VAL B 160 -3.35 -35.33 9.49
N ILE B 161 -3.40 -34.12 10.02
CA ILE B 161 -3.47 -33.99 11.47
C ILE B 161 -4.84 -34.42 11.99
N SER B 162 -5.86 -34.35 11.13
CA SER B 162 -7.20 -34.76 11.52
C SER B 162 -7.29 -36.29 11.60
N LEU B 163 -6.65 -36.97 10.66
CA LEU B 163 -6.57 -38.42 10.70
C LEU B 163 -5.83 -38.89 11.95
N ILE B 164 -4.79 -38.17 12.33
CA ILE B 164 -4.01 -38.51 13.50
C ILE B 164 -4.78 -38.23 14.79
N CYS B 165 -5.61 -37.20 14.79
CA CYS B 165 -6.34 -36.83 15.98
C CYS B 165 -7.64 -37.60 16.12
N PHE B 166 -8.34 -37.84 14.99
CA PHE B 166 -9.70 -38.35 15.03
C PHE B 166 -10.00 -39.49 14.06
N ASN B 167 -9.00 -39.90 13.27
CA ASN B 167 -9.25 -40.83 12.15
C ASN B 167 -10.35 -40.31 11.23
N THR B 168 -10.34 -39.01 10.95
CA THR B 168 -11.24 -38.44 9.96
C THR B 168 -10.51 -37.41 9.12
N SER B 169 -11.06 -37.14 7.95
CA SER B 169 -10.53 -36.13 7.06
C SER B 169 -11.68 -35.47 6.32
N TYR B 170 -11.37 -34.45 5.52
CA TYR B 170 -12.39 -33.68 4.82
C TYR B 170 -12.33 -33.93 3.31
N LYS B 171 -13.51 -33.98 2.70
CA LYS B 171 -13.65 -34.05 1.25
C LYS B 171 -13.26 -32.69 0.68
N ASN B 172 -12.84 -32.66 -0.59
CA ASN B 172 -12.64 -31.37 -1.25
C ASN B 172 -13.95 -30.63 -1.19
N GLY B 173 -13.90 -29.37 -0.79
CA GLY B 173 -15.08 -28.54 -0.85
C GLY B 173 -15.83 -28.44 0.46
N ASP B 174 -15.47 -29.24 1.46
CA ASP B 174 -16.12 -29.12 2.76
C ASP B 174 -15.84 -27.72 3.28
N PRO B 175 -16.91 -26.98 3.60
CA PRO B 175 -16.71 -25.59 4.03
C PRO B 175 -16.16 -25.45 5.44
N GLU B 176 -16.09 -26.54 6.18
CA GLU B 176 -15.51 -26.50 7.50
C GLU B 176 -14.03 -26.17 7.37
N LEU B 177 -13.45 -26.40 6.19
CA LEU B 177 -12.06 -26.08 5.94
C LEU B 177 -11.88 -24.57 5.89
N ASN B 178 -12.82 -23.90 5.25
CA ASN B 178 -12.79 -22.46 5.16
C ASN B 178 -13.03 -21.83 6.52
N VAL B 179 -13.82 -22.51 7.35
CA VAL B 179 -14.11 -21.99 8.68
C VAL B 179 -12.87 -22.04 9.55
N ILE B 180 -12.17 -23.17 9.51
CA ILE B 180 -10.96 -23.32 10.28
C ILE B 180 -9.91 -22.29 9.86
N GLN B 181 -9.75 -22.10 8.55
CA GLN B 181 -8.75 -21.16 8.07
C GLN B 181 -9.04 -19.77 8.60
N ASN B 182 -10.30 -19.37 8.52
CA ASN B 182 -10.73 -18.08 9.04
C ASN B 182 -10.31 -17.86 10.50
N TYR B 183 -10.64 -18.79 11.39
CA TYR B 183 -10.33 -18.58 12.80
C TYR B 183 -8.86 -18.79 13.09
N ASN B 184 -8.19 -19.63 12.31
CA ASN B 184 -6.73 -19.77 12.47
C ASN B 184 -6.07 -18.42 12.20
N GLU B 185 -6.51 -17.77 11.13
CA GLU B 185 -5.96 -16.50 10.73
C GLU B 185 -6.27 -15.41 11.74
N GLY B 186 -7.47 -15.43 12.30
CA GLY B 186 -7.89 -14.41 13.23
C GLY B 186 -7.22 -14.53 14.58
N ILE B 187 -7.07 -15.77 15.03
CA ILE B 187 -6.36 -16.05 16.27
C ILE B 187 -4.89 -15.66 16.12
N ILE B 188 -4.26 -16.04 15.01
CA ILE B 188 -2.85 -15.74 14.84
C ILE B 188 -2.64 -14.24 14.78
N ASP B 189 -3.55 -13.57 14.10
CA ASP B 189 -3.49 -12.12 13.96
C ASP B 189 -3.57 -11.38 15.30
N ASN B 190 -4.46 -11.84 16.20
CA ASN B 190 -4.71 -11.16 17.47
C ASN B 190 -3.98 -11.74 18.69
N LEU B 191 -3.25 -12.83 18.51
CA LEU B 191 -2.53 -13.42 19.62
C LEU B 191 -1.38 -12.52 20.04
N SER B 192 -0.82 -11.83 19.06
CA SER B 192 0.25 -10.88 19.30
C SER B 192 0.30 -9.98 18.07
N LYS B 193 0.83 -8.77 18.23
CA LYS B 193 0.96 -7.90 17.10
C LYS B 193 2.09 -8.43 16.22
N ASP B 194 3.22 -8.70 16.87
CA ASP B 194 4.37 -9.26 16.19
C ASP B 194 4.75 -10.53 16.92
N SER B 195 5.98 -10.61 17.41
CA SER B 195 6.43 -11.73 18.20
C SER B 195 5.62 -11.82 19.49
N LEU B 196 5.67 -12.96 20.18
CA LEU B 196 5.06 -13.07 21.50
C LEU B 196 5.83 -12.23 22.51
N VAL B 197 7.10 -12.02 22.22
CA VAL B 197 7.92 -11.17 23.05
C VAL B 197 7.58 -9.73 22.77
N ASP B 198 7.19 -9.01 23.81
CA ASP B 198 6.70 -7.66 23.69
C ASP B 198 7.22 -6.85 24.87
N LEU B 199 8.20 -6.00 24.63
CA LEU B 199 8.79 -5.21 25.70
C LEU B 199 7.72 -4.45 26.48
N VAL B 200 7.05 -3.49 25.83
CA VAL B 200 5.97 -2.74 26.47
C VAL B 200 4.65 -3.48 26.29
N PRO B 201 3.89 -3.68 27.39
CA PRO B 201 2.56 -4.30 27.25
C PRO B 201 1.51 -3.25 26.89
N TRP B 202 1.45 -2.90 25.61
CA TRP B 202 0.52 -1.91 25.13
C TRP B 202 -0.90 -2.36 25.40
N LEU B 203 -1.08 -3.66 25.38
CA LEU B 203 -2.36 -4.30 25.58
C LEU B 203 -3.08 -3.82 26.83
N LYS B 204 -2.28 -3.46 27.84
CA LYS B 204 -2.83 -3.09 29.13
C LYS B 204 -2.75 -1.61 29.37
N ILE B 205 -2.27 -0.87 28.39
CA ILE B 205 -2.05 0.57 28.54
C ILE B 205 -3.11 1.43 27.87
N PHE B 206 -3.48 1.04 26.64
CA PHE B 206 -4.44 1.79 25.86
C PHE B 206 -5.68 0.97 25.61
N PRO B 207 -6.83 1.64 25.54
CA PRO B 207 -8.06 0.91 25.25
C PRO B 207 -7.99 0.29 23.86
N ASN B 208 -8.31 -1.00 23.78
CA ASN B 208 -8.26 -1.72 22.52
C ASN B 208 -9.18 -2.92 22.61
N LYS B 209 -9.40 -3.58 21.48
CA LYS B 209 -10.37 -4.66 21.40
C LYS B 209 -9.74 -5.99 21.08
N THR B 210 -8.44 -6.11 21.35
CA THR B 210 -7.71 -7.31 20.99
C THR B 210 -8.27 -8.56 21.68
N LEU B 211 -8.41 -8.51 23.01
CA LEU B 211 -8.95 -9.66 23.74
C LEU B 211 -10.38 -10.01 23.29
N GLU B 212 -11.19 -9.01 22.99
CA GLU B 212 -12.54 -9.25 22.48
C GLU B 212 -12.50 -10.02 21.16
N LYS B 213 -11.75 -9.50 20.19
CA LYS B 213 -11.63 -10.17 18.91
C LYS B 213 -11.10 -11.60 19.08
N LEU B 214 -10.07 -11.73 19.91
CA LEU B 214 -9.43 -13.02 20.13
C LEU B 214 -10.39 -14.05 20.69
N LYS B 215 -11.20 -13.65 21.66
CA LYS B 215 -12.24 -14.52 22.22
C LYS B 215 -13.26 -14.96 21.19
N SER B 216 -13.60 -14.07 20.25
CA SER B 216 -14.60 -14.42 19.24
C SER B 216 -14.10 -15.56 18.39
N HIS B 217 -12.86 -15.47 17.98
CA HIS B 217 -12.27 -16.49 17.13
C HIS B 217 -12.04 -17.78 17.90
N VAL B 218 -11.58 -17.65 19.14
CA VAL B 218 -11.34 -18.83 19.95
C VAL B 218 -12.66 -19.54 20.27
N LYS B 219 -13.72 -18.76 20.48
CA LYS B 219 -15.03 -19.32 20.74
C LYS B 219 -15.49 -20.25 19.62
N ILE B 220 -15.30 -19.81 18.38
CA ILE B 220 -15.67 -20.62 17.23
C ILE B 220 -14.84 -21.90 17.16
N ARG B 221 -13.55 -21.80 17.43
CA ARG B 221 -12.71 -22.98 17.44
C ARG B 221 -13.18 -23.93 18.52
N ASN B 222 -13.44 -23.41 19.71
CA ASN B 222 -13.84 -24.26 20.82
C ASN B 222 -15.21 -24.87 20.63
N ASP B 223 -16.13 -24.15 20.00
CA ASP B 223 -17.45 -24.72 19.74
C ASP B 223 -17.31 -25.90 18.79
N LEU B 224 -16.42 -25.79 17.82
CA LEU B 224 -16.22 -26.85 16.84
C LEU B 224 -15.52 -28.05 17.47
N LEU B 225 -14.62 -27.82 18.41
CA LEU B 225 -13.94 -28.93 19.07
C LEU B 225 -14.88 -29.64 20.03
N ASN B 226 -15.64 -28.88 20.81
CA ASN B 226 -16.67 -29.47 21.66
C ASN B 226 -17.65 -30.31 20.87
N LYS B 227 -18.13 -29.79 19.74
CA LYS B 227 -19.02 -30.55 18.89
C LYS B 227 -18.37 -31.89 18.51
N ILE B 228 -17.10 -31.87 18.12
CA ILE B 228 -16.40 -33.08 17.73
C ILE B 228 -16.32 -34.07 18.90
N LEU B 229 -16.00 -33.57 20.10
CA LEU B 229 -15.84 -34.43 21.26
C LEU B 229 -17.14 -35.13 21.64
N GLU B 230 -18.25 -34.38 21.69
CA GLU B 230 -19.52 -34.97 22.11
C GLU B 230 -19.97 -36.04 21.12
N ASN B 231 -19.75 -35.79 19.83
CA ASN B 231 -20.10 -36.77 18.82
C ASN B 231 -19.22 -38.00 18.86
N TYR B 232 -18.07 -37.90 19.53
CA TYR B 232 -17.11 -39.00 19.56
C TYR B 232 -17.28 -39.85 20.82
N LYS B 233 -17.89 -39.28 21.85
CA LYS B 233 -18.13 -40.01 23.10
C LYS B 233 -18.81 -41.35 22.83
N GLU B 234 -19.56 -41.44 21.75
CA GLU B 234 -20.32 -42.64 21.42
C GLU B 234 -19.46 -43.64 20.64
N LYS B 235 -18.64 -43.15 19.73
CA LYS B 235 -17.85 -44.03 18.88
C LYS B 235 -16.68 -44.66 19.63
N PHE B 236 -16.37 -44.14 20.83
CA PHE B 236 -15.18 -44.59 21.54
C PHE B 236 -15.37 -45.99 22.09
N ARG B 237 -14.45 -46.88 21.74
CA ARG B 237 -14.39 -48.21 22.34
C ARG B 237 -12.97 -48.45 22.82
N SER B 238 -12.83 -48.83 24.08
CA SER B 238 -11.51 -48.96 24.71
C SER B 238 -10.65 -50.06 24.12
N ASP B 239 -11.24 -50.92 23.31
CA ASP B 239 -10.48 -51.99 22.68
C ASP B 239 -9.82 -51.52 21.39
N SER B 240 -10.11 -50.28 21.02
CA SER B 240 -9.57 -49.73 19.79
C SER B 240 -8.99 -48.34 20.03
N ILE B 241 -7.66 -48.27 20.10
CA ILE B 241 -6.95 -47.03 20.30
C ILE B 241 -6.12 -46.75 19.08
N THR B 242 -6.57 -45.81 18.26
CA THR B 242 -5.96 -45.60 16.95
C THR B 242 -5.58 -44.15 16.69
N ASN B 243 -5.97 -43.26 17.60
CA ASN B 243 -5.74 -41.84 17.39
C ASN B 243 -5.52 -41.10 18.70
N MET B 244 -5.29 -39.79 18.60
CA MET B 244 -4.97 -39.01 19.78
C MET B 244 -6.16 -38.89 20.73
N LEU B 245 -7.37 -38.82 20.19
CA LEU B 245 -8.52 -38.65 21.04
C LEU B 245 -8.76 -39.93 21.82
N ASP B 246 -8.51 -41.06 21.17
CA ASP B 246 -8.63 -42.35 21.83
C ASP B 246 -7.68 -42.40 23.01
N THR B 247 -6.44 -42.04 22.77
CA THR B 247 -5.41 -42.12 23.79
C THR B 247 -5.80 -41.30 25.00
N LEU B 248 -6.36 -40.13 24.76
CA LEU B 248 -6.66 -39.22 25.85
C LEU B 248 -7.84 -39.73 26.65
N MET B 249 -8.86 -40.23 25.96
CA MET B 249 -10.03 -40.78 26.63
C MET B 249 -9.71 -42.08 27.38
N GLN B 250 -8.82 -42.89 26.84
CA GLN B 250 -8.42 -44.13 27.49
C GLN B 250 -7.74 -43.84 28.81
N ALA B 251 -6.92 -42.80 28.82
CA ALA B 251 -6.21 -42.41 30.03
C ALA B 251 -7.20 -41.86 31.05
N LYS B 252 -8.19 -41.13 30.57
CA LYS B 252 -9.22 -40.62 31.45
C LYS B 252 -9.91 -41.80 32.11
N MET B 253 -10.33 -42.76 31.30
CA MET B 253 -11.09 -43.90 31.78
C MET B 253 -10.31 -44.75 32.78
N ASN B 254 -9.06 -45.08 32.45
CA ASN B 254 -8.24 -45.88 33.33
C ASN B 254 -8.03 -45.21 34.67
N SER B 255 -8.06 -43.89 34.69
CA SER B 255 -7.84 -43.13 35.92
C SER B 255 -9.13 -42.89 36.69
N ASP B 256 -10.23 -43.50 36.27
CA ASP B 256 -11.47 -43.38 37.01
C ASP B 256 -11.77 -44.67 37.76
N ASN B 257 -10.85 -45.62 37.66
CA ASN B 257 -11.02 -46.93 38.29
C ASN B 257 -9.69 -47.43 38.84
N ASP B 265 -5.06 -37.26 39.09
CA ASP B 265 -4.86 -37.88 37.80
C ASP B 265 -6.08 -37.73 36.91
N SER B 266 -7.28 -37.77 37.50
CA SER B 266 -8.51 -37.68 36.71
C SER B 266 -8.97 -36.23 36.55
N GLU B 267 -8.58 -35.38 37.50
CA GLU B 267 -8.93 -33.95 37.44
C GLU B 267 -8.22 -33.27 36.28
N LEU B 268 -7.08 -33.83 35.87
CA LEU B 268 -6.30 -33.20 34.81
C LEU B 268 -6.53 -33.84 33.45
N LEU B 269 -7.62 -34.58 33.33
CA LEU B 269 -8.08 -35.03 32.02
C LEU B 269 -9.53 -34.67 31.81
N SER B 270 -9.94 -33.51 32.31
CA SER B 270 -11.28 -33.00 32.06
C SER B 270 -11.50 -32.81 30.57
N ASP B 271 -12.71 -32.47 30.18
CA ASP B 271 -13.00 -32.25 28.77
C ASP B 271 -12.16 -31.09 28.25
N ASN B 272 -12.10 -30.02 29.02
CA ASN B 272 -11.30 -28.87 28.65
C ASN B 272 -9.81 -29.14 28.50
N HIS B 273 -9.27 -30.01 29.35
CA HIS B 273 -7.87 -30.39 29.22
C HIS B 273 -7.64 -31.13 27.93
N ILE B 274 -8.59 -31.96 27.55
CA ILE B 274 -8.43 -32.78 26.36
C ILE B 274 -8.60 -31.94 25.10
N LEU B 275 -9.52 -30.99 25.12
CA LEU B 275 -9.78 -30.19 23.94
C LEU B 275 -8.68 -29.21 23.67
N THR B 276 -8.11 -28.65 24.74
CA THR B 276 -7.03 -27.71 24.58
C THR B 276 -5.80 -28.41 24.03
N THR B 277 -5.55 -29.64 24.45
CA THR B 277 -4.42 -30.40 23.95
C THR B 277 -4.60 -30.75 22.49
N ILE B 278 -5.76 -31.28 22.14
CA ILE B 278 -6.10 -31.50 20.74
C ILE B 278 -5.97 -30.22 19.91
N GLY B 279 -6.36 -29.09 20.51
CA GLY B 279 -6.27 -27.81 19.85
C GLY B 279 -4.85 -27.38 19.57
N ASP B 280 -3.95 -27.55 20.55
CA ASP B 280 -2.54 -27.26 20.36
C ASP B 280 -1.95 -28.09 19.21
N ILE B 281 -2.29 -29.36 19.18
CA ILE B 281 -1.77 -30.24 18.15
C ILE B 281 -2.35 -29.89 16.78
N PHE B 282 -3.67 -29.72 16.72
CA PHE B 282 -4.34 -29.39 15.47
C PHE B 282 -3.78 -28.10 14.89
N GLY B 283 -3.62 -27.09 15.74
CA GLY B 283 -3.10 -25.80 15.29
C GLY B 283 -1.66 -25.86 14.86
N ALA B 284 -0.81 -26.47 15.68
CA ALA B 284 0.61 -26.57 15.37
C ALA B 284 0.84 -27.46 14.15
N GLY B 285 0.12 -28.57 14.08
CA GLY B 285 0.33 -29.51 13.01
C GLY B 285 0.14 -28.86 11.66
N VAL B 286 -0.67 -27.82 11.63
CA VAL B 286 -1.08 -27.21 10.38
C VAL B 286 -0.31 -25.93 10.04
N GLU B 287 -0.26 -24.98 10.98
CA GLU B 287 0.30 -23.67 10.66
C GLU B 287 1.81 -23.64 10.56
N THR B 288 2.49 -24.53 11.28
CA THR B 288 3.95 -24.59 11.21
C THR B 288 4.39 -25.16 9.88
N THR B 289 3.86 -26.33 9.52
CA THR B 289 4.29 -27.00 8.32
C THR B 289 3.91 -26.23 7.07
N THR B 290 2.71 -25.67 7.07
CA THR B 290 2.28 -24.84 5.96
C THR B 290 3.25 -23.67 5.74
N SER B 291 3.67 -23.04 6.83
CA SER B 291 4.52 -21.88 6.72
C SER B 291 5.88 -22.25 6.15
N VAL B 292 6.44 -23.38 6.60
CA VAL B 292 7.76 -23.79 6.16
C VAL B 292 7.77 -24.15 4.68
N VAL B 293 6.68 -24.75 4.21
CA VAL B 293 6.57 -25.08 2.79
C VAL B 293 6.59 -23.80 1.95
N LYS B 294 5.80 -22.81 2.35
CA LYS B 294 5.72 -21.56 1.62
C LYS B 294 7.10 -20.92 1.56
N TRP B 295 7.78 -20.90 2.70
CA TRP B 295 9.13 -20.36 2.78
C TRP B 295 10.09 -21.09 1.83
N THR B 296 9.97 -22.40 1.76
CA THR B 296 10.87 -23.16 0.93
C THR B 296 10.68 -22.82 -0.55
N LEU B 297 9.43 -22.82 -1.02
CA LEU B 297 9.15 -22.40 -2.40
C LEU B 297 9.70 -21.05 -2.66
N ALA B 298 9.47 -20.14 -1.73
CA ALA B 298 9.90 -18.76 -1.88
C ALA B 298 11.39 -18.69 -2.11
N PHE B 299 12.15 -19.45 -1.32
CA PHE B 299 13.60 -19.44 -1.48
C PHE B 299 14.02 -20.04 -2.81
N LEU B 300 13.29 -21.04 -3.29
CA LEU B 300 13.60 -21.65 -4.58
C LEU B 300 13.32 -20.72 -5.76
N LEU B 301 12.33 -19.85 -5.63
CA LEU B 301 12.06 -18.91 -6.69
C LEU B 301 13.15 -17.85 -6.79
N HIS B 302 13.87 -17.62 -5.70
CA HIS B 302 14.96 -16.65 -5.67
C HIS B 302 16.28 -17.29 -6.03
N ASN B 303 16.28 -18.61 -6.09
CA ASN B 303 17.51 -19.37 -6.28
C ASN B 303 17.31 -20.47 -7.31
N PRO B 304 17.09 -20.09 -8.57
CA PRO B 304 16.81 -21.08 -9.62
C PRO B 304 17.94 -22.08 -9.82
N GLN B 305 19.18 -21.69 -9.51
CA GLN B 305 20.30 -22.61 -9.64
C GLN B 305 20.13 -23.80 -8.72
N VAL B 306 19.75 -23.53 -7.48
CA VAL B 306 19.52 -24.59 -6.52
C VAL B 306 18.35 -25.46 -6.94
N LYS B 307 17.32 -24.81 -7.48
CA LYS B 307 16.10 -25.49 -7.90
C LYS B 307 16.40 -26.51 -8.99
N LYS B 308 17.23 -26.09 -9.94
CA LYS B 308 17.68 -26.94 -11.03
C LYS B 308 18.34 -28.21 -10.49
N LYS B 309 19.29 -28.03 -9.59
CA LYS B 309 20.02 -29.17 -9.05
C LYS B 309 19.10 -30.13 -8.32
N LEU B 310 17.98 -29.63 -7.80
CA LEU B 310 17.05 -30.47 -7.06
C LEU B 310 16.22 -31.33 -7.99
N TYR B 311 15.92 -30.81 -9.17
CA TYR B 311 15.20 -31.54 -10.21
C TYR B 311 16.12 -32.66 -10.73
N GLU B 312 17.36 -32.30 -11.05
CA GLU B 312 18.34 -33.26 -11.52
C GLU B 312 18.49 -34.37 -10.50
N GLU B 313 18.54 -34.00 -9.23
CA GLU B 313 18.76 -34.96 -8.17
C GLU B 313 17.60 -35.96 -8.06
N ILE B 314 16.39 -35.46 -8.19
CA ILE B 314 15.22 -36.30 -7.98
C ILE B 314 14.92 -37.17 -9.21
N ASP B 315 15.25 -36.64 -10.39
CA ASP B 315 15.07 -37.38 -11.63
C ASP B 315 16.00 -38.57 -11.68
N GLN B 316 17.20 -38.39 -11.13
CA GLN B 316 18.24 -39.43 -11.18
C GLN B 316 18.11 -40.48 -10.11
N ASN B 317 17.48 -40.13 -8.99
CA ASN B 317 17.39 -41.05 -7.85
C ASN B 317 16.01 -41.66 -7.64
N VAL B 318 15.00 -41.10 -8.29
CA VAL B 318 13.65 -41.63 -8.12
C VAL B 318 13.01 -41.77 -9.48
N GLY B 319 13.19 -40.75 -10.32
CA GLY B 319 12.65 -40.78 -11.67
C GLY B 319 11.14 -40.67 -11.68
N PHE B 320 10.48 -41.48 -12.51
CA PHE B 320 9.06 -41.30 -12.76
C PHE B 320 8.22 -42.59 -12.70
N SER B 321 8.84 -43.70 -12.32
CA SER B 321 8.13 -44.98 -12.28
C SER B 321 7.34 -45.19 -11.00
N ARG B 322 7.74 -44.51 -9.94
CA ARG B 322 7.00 -44.52 -8.68
C ARG B 322 7.02 -43.13 -8.08
N THR B 323 6.31 -42.95 -6.98
CA THR B 323 6.34 -41.69 -6.25
C THR B 323 7.28 -41.81 -5.07
N PRO B 324 7.88 -40.68 -4.66
CA PRO B 324 8.81 -40.60 -3.53
C PRO B 324 8.28 -41.21 -2.25
N THR B 325 9.21 -41.70 -1.44
CA THR B 325 8.88 -42.32 -0.16
C THR B 325 9.87 -41.82 0.87
N ILE B 326 9.56 -42.05 2.14
CA ILE B 326 10.45 -41.60 3.20
C ILE B 326 11.86 -42.11 2.99
N SER B 327 12.03 -43.34 2.52
CA SER B 327 13.37 -43.92 2.41
C SER B 327 14.21 -43.13 1.44
N ASP B 328 13.57 -42.30 0.62
CA ASP B 328 14.29 -41.58 -0.42
C ASP B 328 15.19 -40.52 0.16
N ARG B 329 15.01 -40.21 1.44
CA ARG B 329 15.83 -39.14 2.01
C ARG B 329 17.26 -39.59 2.22
N ASN B 330 17.51 -40.88 2.04
CA ASN B 330 18.88 -41.39 2.07
C ASN B 330 19.60 -41.03 0.79
N ARG B 331 18.83 -40.62 -0.21
CA ARG B 331 19.39 -40.41 -1.54
C ARG B 331 19.20 -38.96 -2.03
N LEU B 332 18.17 -38.31 -1.53
CA LEU B 332 17.88 -36.94 -1.96
C LEU B 332 18.49 -35.95 -0.98
N LEU B 333 19.81 -35.84 -1.04
CA LEU B 333 20.55 -35.16 0.01
C LEU B 333 20.43 -33.65 -0.07
N LEU B 334 20.46 -33.10 -1.29
CA LEU B 334 20.36 -31.66 -1.44
C LEU B 334 18.98 -31.14 -1.04
N LEU B 335 17.97 -32.00 -1.17
CA LEU B 335 16.64 -31.66 -0.71
C LEU B 335 16.59 -31.59 0.81
N GLU B 336 17.13 -32.61 1.48
CA GLU B 336 17.14 -32.63 2.93
C GLU B 336 17.95 -31.47 3.46
N ALA B 337 18.94 -31.05 2.68
CA ALA B 337 19.81 -29.95 3.08
C ALA B 337 19.14 -28.60 2.84
N THR B 338 18.34 -28.51 1.80
CA THR B 338 17.59 -27.31 1.52
C THR B 338 16.62 -27.02 2.66
N ILE B 339 15.92 -28.05 3.10
CA ILE B 339 15.00 -27.91 4.19
C ILE B 339 15.70 -27.46 5.48
N ARG B 340 16.86 -28.04 5.76
CA ARG B 340 17.62 -27.65 6.94
C ARG B 340 18.03 -26.19 6.90
N GLU B 341 18.36 -25.70 5.70
CA GLU B 341 18.85 -24.35 5.53
C GLU B 341 17.72 -23.34 5.65
N VAL B 342 16.50 -23.76 5.31
CA VAL B 342 15.35 -22.88 5.50
C VAL B 342 15.05 -22.77 6.98
N LEU B 343 15.14 -23.89 7.69
CA LEU B 343 14.90 -23.89 9.12
C LEU B 343 15.95 -23.12 9.89
N ARG B 344 17.09 -22.89 9.27
CA ARG B 344 18.12 -22.08 9.88
C ARG B 344 17.85 -20.59 9.64
N LEU B 345 17.62 -20.24 8.38
CA LEU B 345 17.54 -18.85 7.95
C LEU B 345 16.27 -18.18 8.39
N ARG B 346 15.19 -18.95 8.38
CA ARG B 346 13.89 -18.45 8.75
C ARG B 346 13.23 -19.45 9.67
N PRO B 347 13.66 -19.46 10.93
CA PRO B 347 13.11 -20.43 11.87
C PRO B 347 11.62 -20.16 12.11
N VAL B 348 10.86 -21.23 12.28
CA VAL B 348 9.45 -21.13 12.58
C VAL B 348 9.25 -20.27 13.80
N ALA B 349 10.10 -20.48 14.80
CA ALA B 349 10.05 -19.76 16.07
C ALA B 349 11.39 -19.15 16.37
N PRO B 350 11.63 -17.95 15.85
CA PRO B 350 12.96 -17.36 15.96
C PRO B 350 13.37 -17.04 17.38
N MET B 351 12.42 -17.08 18.31
CA MET B 351 12.75 -16.88 19.73
C MET B 351 12.09 -17.98 20.54
N LEU B 352 11.95 -19.14 19.91
CA LEU B 352 11.26 -20.27 20.50
C LEU B 352 9.90 -19.85 21.03
N ILE B 353 9.56 -20.39 22.19
CA ILE B 353 8.44 -19.90 22.97
C ILE B 353 9.07 -19.49 24.30
N PRO B 354 8.53 -18.45 24.96
CA PRO B 354 9.23 -18.00 26.16
C PRO B 354 9.28 -19.03 27.27
N HIS B 355 10.43 -19.12 27.92
CA HIS B 355 10.61 -19.99 29.05
C HIS B 355 10.51 -19.19 30.32
N LYS B 356 10.50 -19.89 31.44
CA LYS B 356 10.44 -19.25 32.75
C LYS B 356 11.19 -20.12 33.73
N ALA B 357 11.91 -19.49 34.64
CA ALA B 357 12.62 -20.19 35.71
C ALA B 357 11.65 -20.64 36.79
N ASN B 358 11.61 -21.94 37.02
CA ASN B 358 10.74 -22.49 38.04
C ASN B 358 11.33 -22.36 39.44
N VAL B 359 12.63 -22.14 39.50
CA VAL B 359 13.33 -22.00 40.76
C VAL B 359 14.46 -21.01 40.58
N ASP B 360 14.98 -20.49 41.69
CA ASP B 360 16.21 -19.70 41.62
C ASP B 360 17.24 -20.58 40.99
N SER B 361 18.03 -20.03 40.08
CA SER B 361 19.00 -20.80 39.33
C SER B 361 20.04 -19.85 38.76
N SER B 362 20.69 -20.27 37.68
CA SER B 362 21.74 -19.45 37.09
C SER B 362 21.96 -19.79 35.63
N ILE B 363 22.52 -18.86 34.90
CA ILE B 363 22.86 -19.06 33.51
C ILE B 363 24.22 -18.43 33.30
N GLY B 364 25.18 -19.22 32.83
CA GLY B 364 26.54 -18.74 32.66
C GLY B 364 27.08 -18.08 33.93
N GLU B 365 26.69 -18.62 35.07
CA GLU B 365 27.16 -18.20 36.39
C GLU B 365 26.53 -16.89 36.87
N PHE B 366 25.56 -16.38 36.09
CA PHE B 366 24.76 -15.22 36.51
C PHE B 366 23.50 -15.68 37.20
N ALA B 367 23.12 -14.98 38.26
CA ALA B 367 21.96 -15.39 39.02
C ALA B 367 20.68 -15.09 38.25
N VAL B 368 19.70 -15.97 38.39
CA VAL B 368 18.40 -15.79 37.77
C VAL B 368 17.32 -16.18 38.75
N ASP B 369 16.49 -15.21 39.15
CA ASP B 369 15.45 -15.47 40.16
C ASP B 369 14.28 -16.31 39.64
N LYS B 370 13.69 -17.08 40.53
CA LYS B 370 12.45 -17.79 40.26
C LYS B 370 11.44 -16.84 39.68
N GLY B 371 10.79 -17.25 38.61
CA GLY B 371 9.71 -16.48 38.01
C GLY B 371 10.14 -15.61 36.85
N THR B 372 11.43 -15.60 36.58
CA THR B 372 11.98 -14.74 35.54
C THR B 372 11.77 -15.33 34.17
N GLU B 373 11.31 -14.49 33.26
CA GLU B 373 11.10 -14.88 31.88
C GLU B 373 12.44 -15.02 31.21
N VAL B 374 12.63 -16.10 30.47
CA VAL B 374 13.88 -16.33 29.78
C VAL B 374 13.58 -16.64 28.35
N ILE B 375 14.26 -15.93 27.45
CA ILE B 375 14.04 -16.09 26.05
C ILE B 375 15.32 -16.45 25.33
N ILE B 376 15.24 -17.49 24.51
CA ILE B 376 16.37 -17.89 23.69
C ILE B 376 16.24 -17.28 22.31
N ASN B 377 17.22 -16.47 21.95
CA ASN B 377 17.21 -15.88 20.63
C ASN B 377 17.82 -16.84 19.62
N LEU B 378 16.99 -17.74 19.12
CA LEU B 378 17.43 -18.71 18.13
C LEU B 378 17.96 -18.04 16.87
N TRP B 379 17.34 -16.93 16.48
CA TRP B 379 17.77 -16.17 15.32
C TRP B 379 19.27 -15.84 15.45
N ALA B 380 19.68 -15.48 16.65
CA ALA B 380 21.06 -15.10 16.91
C ALA B 380 21.99 -16.30 16.82
N LEU B 381 21.53 -17.44 17.36
CA LEU B 381 22.28 -18.67 17.26
C LEU B 381 22.50 -19.04 15.80
N HIS B 382 21.47 -18.84 14.98
CA HIS B 382 21.50 -19.28 13.61
C HIS B 382 22.19 -18.30 12.69
N HIS B 383 22.54 -17.13 13.20
CA HIS B 383 23.19 -16.10 12.38
C HIS B 383 24.55 -15.68 12.92
N ASN B 384 25.01 -16.37 13.97
CA ASN B 384 26.29 -16.03 14.57
C ASN B 384 27.39 -16.18 13.54
N GLU B 385 28.12 -15.09 13.33
CA GLU B 385 29.12 -15.00 12.28
C GLU B 385 30.31 -15.92 12.54
N LYS B 386 30.66 -16.10 13.80
CA LYS B 386 31.78 -16.97 14.14
C LYS B 386 31.44 -18.45 14.07
N GLU B 387 30.17 -18.78 13.84
CA GLU B 387 29.73 -20.17 13.84
C GLU B 387 29.22 -20.64 12.49
N TRP B 388 29.04 -19.70 11.57
CA TRP B 388 28.50 -20.01 10.25
C TRP B 388 29.23 -19.20 9.23
N HIS B 389 29.41 -19.76 8.05
CA HIS B 389 30.00 -19.02 6.95
C HIS B 389 28.91 -18.27 6.19
N GLN B 390 29.03 -16.95 6.14
CA GLN B 390 28.06 -16.08 5.47
C GLN B 390 26.62 -16.41 5.82
N PRO B 391 26.24 -16.14 7.07
CA PRO B 391 24.97 -16.63 7.63
C PRO B 391 23.75 -16.04 6.96
N ASP B 392 23.86 -14.87 6.39
CA ASP B 392 22.69 -14.25 5.76
C ASP B 392 22.45 -14.76 4.34
N GLN B 393 23.26 -15.71 3.88
CA GLN B 393 23.06 -16.30 2.57
C GLN B 393 22.33 -17.64 2.64
N PHE B 394 21.54 -17.91 1.62
CA PHE B 394 20.86 -19.19 1.47
C PHE B 394 21.80 -20.14 0.73
N MET B 395 22.42 -21.04 1.47
CA MET B 395 23.38 -21.98 0.90
C MET B 395 23.13 -23.36 1.48
N PRO B 396 22.25 -24.15 0.87
CA PRO B 396 22.05 -25.51 1.36
C PRO B 396 23.35 -26.33 1.36
N GLU B 397 24.34 -25.87 0.62
CA GLU B 397 25.63 -26.53 0.51
C GLU B 397 26.27 -26.75 1.86
N ARG B 398 26.03 -25.82 2.78
CA ARG B 398 26.72 -25.82 4.07
C ARG B 398 26.42 -27.08 4.86
N PHE B 399 25.33 -27.76 4.51
CA PHE B 399 24.91 -28.97 5.19
C PHE B 399 25.29 -30.22 4.40
N LEU B 400 26.18 -30.06 3.44
CA LEU B 400 26.75 -31.20 2.73
C LEU B 400 28.26 -31.16 2.84
N ASN B 401 28.90 -32.31 2.71
CA ASN B 401 30.36 -32.32 2.62
C ASN B 401 30.74 -31.63 1.32
N PRO B 402 32.03 -31.32 1.17
CA PRO B 402 32.41 -30.65 -0.07
C PRO B 402 32.11 -31.51 -1.31
N ALA B 403 32.15 -32.82 -1.17
CA ALA B 403 31.88 -33.72 -2.28
C ALA B 403 30.44 -33.59 -2.76
N GLY B 404 29.52 -33.60 -1.82
CA GLY B 404 28.10 -33.54 -2.13
C GLY B 404 27.45 -34.87 -1.86
N THR B 405 28.14 -35.72 -1.10
CA THR B 405 27.74 -37.12 -1.01
C THR B 405 27.23 -37.56 0.37
N GLN B 406 27.37 -36.70 1.38
CA GLN B 406 26.66 -36.94 2.64
C GLN B 406 26.36 -35.66 3.41
N LEU B 407 25.34 -35.73 4.27
CA LEU B 407 24.94 -34.61 5.10
C LEU B 407 25.85 -34.43 6.31
N ILE B 408 26.11 -33.18 6.66
CA ILE B 408 26.93 -32.87 7.83
C ILE B 408 26.28 -31.81 8.71
N SER B 409 26.78 -31.70 9.94
CA SER B 409 26.35 -30.67 10.87
C SER B 409 27.47 -29.65 11.04
N PRO B 410 27.44 -28.58 10.24
CA PRO B 410 28.54 -27.62 10.22
C PRO B 410 28.66 -26.79 11.49
N SER B 411 27.59 -26.65 12.26
CA SER B 411 27.64 -25.86 13.47
C SER B 411 26.90 -26.49 14.62
N VAL B 412 27.40 -26.28 15.83
CA VAL B 412 26.71 -26.73 17.01
C VAL B 412 25.68 -25.69 17.44
N SER B 413 25.62 -24.60 16.70
CA SER B 413 24.68 -23.51 17.01
C SER B 413 23.44 -23.58 16.12
N TYR B 414 22.69 -24.66 16.24
CA TYR B 414 21.58 -24.95 15.36
C TYR B 414 20.57 -25.79 16.12
N LEU B 415 19.41 -25.21 16.39
CA LEU B 415 18.38 -25.84 17.19
C LEU B 415 17.00 -25.51 16.71
N PRO B 416 16.69 -25.85 15.44
CA PRO B 416 15.40 -25.48 14.85
C PRO B 416 14.21 -26.04 15.62
N PHE B 417 14.36 -27.18 16.28
CA PHE B 417 13.27 -27.77 17.03
C PHE B 417 13.47 -27.65 18.52
N GLY B 418 14.39 -26.80 18.93
CA GLY B 418 14.66 -26.63 20.34
C GLY B 418 15.35 -27.84 20.92
N ALA B 419 15.36 -27.94 22.25
CA ALA B 419 15.96 -29.07 22.93
C ALA B 419 15.48 -29.15 24.36
N GLY B 420 15.67 -30.32 24.97
CA GLY B 420 15.31 -30.48 26.36
C GLY B 420 13.81 -30.62 26.54
N PRO B 421 13.34 -30.43 27.77
CA PRO B 421 11.97 -30.72 28.20
C PRO B 421 10.87 -30.14 27.33
N ARG B 422 11.12 -29.00 26.69
CA ARG B 422 10.10 -28.31 25.93
C ARG B 422 10.32 -28.39 24.42
N SER B 423 11.21 -29.27 23.99
CA SER B 423 11.51 -29.39 22.57
C SER B 423 10.26 -29.81 21.82
N CYS B 424 10.25 -29.51 20.53
CA CYS B 424 9.13 -29.82 19.68
C CYS B 424 8.78 -31.30 19.73
N ILE B 425 7.51 -31.61 19.94
CA ILE B 425 7.06 -33.00 19.93
C ILE B 425 6.56 -33.41 18.57
N GLY B 426 6.47 -32.46 17.65
CA GLY B 426 6.00 -32.75 16.31
C GLY B 426 7.11 -32.87 15.30
N GLU B 427 8.36 -33.04 15.76
CA GLU B 427 9.49 -33.00 14.87
C GLU B 427 9.43 -34.08 13.82
N ILE B 428 9.14 -35.31 14.24
CA ILE B 428 9.11 -36.42 13.30
C ILE B 428 8.10 -36.13 12.20
N LEU B 429 6.88 -35.80 12.62
CA LEU B 429 5.82 -35.46 11.68
C LEU B 429 6.23 -34.36 10.70
N ALA B 430 6.79 -33.29 11.24
CA ALA B 430 7.18 -32.15 10.42
C ALA B 430 8.18 -32.54 9.38
N ARG B 431 9.22 -33.26 9.79
CA ARG B 431 10.31 -33.59 8.88
C ARG B 431 9.83 -34.47 7.75
N GLN B 432 8.88 -35.35 8.05
CA GLN B 432 8.34 -36.23 7.02
C GLN B 432 7.44 -35.46 6.08
N GLU B 433 6.53 -34.67 6.65
CA GLU B 433 5.64 -33.87 5.84
C GLU B 433 6.42 -32.97 4.89
N LEU B 434 7.41 -32.26 5.41
CA LEU B 434 8.15 -31.32 4.59
C LEU B 434 8.90 -32.04 3.49
N PHE B 435 9.57 -33.13 3.83
CA PHE B 435 10.32 -33.86 2.83
C PHE B 435 9.45 -34.40 1.71
N LEU B 436 8.36 -35.04 2.07
CA LEU B 436 7.49 -35.65 1.09
C LEU B 436 6.78 -34.60 0.22
N ILE B 437 6.31 -33.51 0.82
CA ILE B 437 5.61 -32.49 0.06
C ILE B 437 6.54 -31.94 -1.02
N MET B 438 7.74 -31.52 -0.63
CA MET B 438 8.68 -30.98 -1.59
C MET B 438 9.14 -32.01 -2.62
N ALA B 439 9.24 -33.26 -2.20
CA ALA B 439 9.67 -34.32 -3.10
C ALA B 439 8.64 -34.57 -4.19
N TRP B 440 7.39 -34.78 -3.80
CA TRP B 440 6.32 -35.01 -4.75
C TRP B 440 6.10 -33.82 -5.68
N LEU B 441 6.28 -32.60 -5.16
CA LEU B 441 5.99 -31.41 -5.96
C LEU B 441 7.04 -31.21 -7.04
N LEU B 442 8.29 -31.45 -6.69
CA LEU B 442 9.38 -31.26 -7.61
C LEU B 442 9.38 -32.32 -8.70
N GLN B 443 9.01 -33.53 -8.30
CA GLN B 443 8.83 -34.61 -9.28
C GLN B 443 7.88 -34.14 -10.37
N ARG B 444 6.75 -33.58 -9.96
CA ARG B 444 5.66 -33.35 -10.91
C ARG B 444 5.58 -31.97 -11.55
N PHE B 445 6.05 -30.93 -10.86
CA PHE B 445 5.76 -29.58 -11.31
C PHE B 445 6.98 -28.71 -11.51
N ASP B 446 6.99 -27.98 -12.62
CA ASP B 446 7.82 -26.79 -12.73
C ASP B 446 7.15 -25.73 -11.87
N LEU B 447 7.93 -25.03 -11.05
CA LEU B 447 7.40 -23.99 -10.19
C LEU B 447 8.16 -22.72 -10.47
N GLU B 448 7.51 -21.78 -11.13
CA GLU B 448 8.20 -20.61 -11.65
C GLU B 448 7.62 -19.28 -11.19
N VAL B 449 8.40 -18.24 -11.39
CA VAL B 449 7.95 -16.88 -11.14
C VAL B 449 6.75 -16.57 -12.04
N PRO B 450 5.75 -15.89 -11.49
CA PRO B 450 4.57 -15.54 -12.30
C PRO B 450 4.90 -14.56 -13.41
N ASP B 451 3.99 -14.36 -14.35
CA ASP B 451 4.33 -13.64 -15.57
C ASP B 451 4.51 -12.13 -15.41
N ASP B 452 3.91 -11.55 -14.37
CA ASP B 452 4.39 -10.26 -13.89
C ASP B 452 5.46 -10.63 -12.89
N GLY B 453 6.72 -10.49 -13.28
CA GLY B 453 7.81 -11.16 -12.59
C GLY B 453 8.07 -10.79 -11.14
N GLN B 454 7.03 -10.81 -10.34
CA GLN B 454 7.14 -10.53 -8.91
C GLN B 454 7.72 -11.71 -8.13
N LEU B 455 8.70 -11.43 -7.30
CA LEU B 455 9.27 -12.43 -6.40
C LEU B 455 8.77 -12.17 -4.99
N PRO B 456 8.54 -13.24 -4.22
CA PRO B 456 8.08 -13.07 -2.84
C PRO B 456 9.09 -12.32 -1.97
N SER B 457 8.60 -11.57 -0.99
CA SER B 457 9.47 -10.91 -0.07
C SER B 457 9.93 -11.92 0.94
N LEU B 458 11.22 -11.91 1.22
CA LEU B 458 11.76 -12.85 2.16
C LEU B 458 11.93 -12.22 3.54
N GLU B 459 11.41 -11.01 3.71
CA GLU B 459 11.61 -10.29 4.95
C GLU B 459 10.88 -11.00 6.08
N GLY B 460 9.67 -11.44 5.79
CA GLY B 460 8.89 -12.20 6.74
C GLY B 460 8.06 -11.33 7.64
N ILE B 461 7.10 -11.98 8.30
CA ILE B 461 6.21 -11.31 9.23
C ILE B 461 6.20 -12.06 10.55
N PRO B 462 6.86 -11.51 11.56
CA PRO B 462 6.90 -12.23 12.82
C PRO B 462 5.56 -12.22 13.51
N LYS B 463 5.00 -13.39 13.72
CA LYS B 463 3.85 -13.53 14.60
C LYS B 463 4.23 -14.57 15.61
N VAL B 464 3.26 -15.32 16.12
CA VAL B 464 3.58 -16.42 17.02
C VAL B 464 4.35 -17.47 16.23
N VAL B 465 4.16 -17.44 14.93
CA VAL B 465 5.01 -18.18 14.00
C VAL B 465 5.62 -17.15 13.05
N PHE B 466 6.81 -17.43 12.53
CA PHE B 466 7.47 -16.56 11.57
C PHE B 466 6.92 -16.82 10.18
N LEU B 467 6.01 -15.96 9.72
CA LEU B 467 5.30 -16.16 8.47
C LEU B 467 5.92 -15.42 7.31
N ILE B 468 5.49 -15.75 6.11
CA ILE B 468 5.90 -15.03 4.92
C ILE B 468 4.69 -14.40 4.23
N ASP B 469 4.86 -13.21 3.66
CA ASP B 469 3.83 -12.58 2.85
C ASP B 469 3.35 -13.55 1.79
N SER B 470 2.06 -13.55 1.52
CA SER B 470 1.52 -14.42 0.51
C SER B 470 2.02 -14.01 -0.87
N PHE B 471 2.30 -15.01 -1.69
CA PHE B 471 2.82 -14.80 -3.03
C PHE B 471 2.25 -15.84 -3.95
N LYS B 472 2.45 -15.65 -5.25
CA LYS B 472 1.93 -16.58 -6.24
C LYS B 472 3.06 -17.27 -6.95
N VAL B 473 2.76 -18.46 -7.42
CA VAL B 473 3.74 -19.25 -8.15
C VAL B 473 3.06 -19.79 -9.41
N LYS B 474 3.73 -19.62 -10.53
CA LYS B 474 3.25 -20.21 -11.78
C LYS B 474 3.56 -21.68 -11.72
N ILE B 475 2.55 -22.50 -11.94
CA ILE B 475 2.69 -23.92 -11.83
C ILE B 475 2.38 -24.57 -13.17
N LYS B 476 3.27 -25.44 -13.61
CA LYS B 476 3.06 -26.20 -14.83
C LYS B 476 3.51 -27.64 -14.63
N VAL B 477 2.75 -28.57 -15.18
CA VAL B 477 3.14 -29.97 -15.13
C VAL B 477 4.40 -30.13 -15.96
N ARG B 478 5.30 -31.00 -15.49
CA ARG B 478 6.57 -31.20 -16.17
C ARG B 478 6.43 -32.08 -17.39
N GLN B 479 7.15 -31.70 -18.45
CA GLN B 479 7.15 -32.47 -19.69
C GLN B 479 7.57 -33.91 -19.44
N ALA B 480 8.65 -34.08 -18.67
CA ALA B 480 9.11 -35.40 -18.30
C ALA B 480 8.05 -36.24 -17.56
N TRP B 481 7.31 -35.62 -16.64
CA TRP B 481 6.27 -36.34 -15.91
C TRP B 481 5.12 -36.76 -16.82
N ARG B 482 4.82 -35.96 -17.83
CA ARG B 482 3.76 -36.31 -18.77
C ARG B 482 4.23 -37.47 -19.61
N GLU B 483 5.35 -37.28 -20.28
CA GLU B 483 5.91 -38.27 -21.18
C GLU B 483 5.98 -39.67 -20.56
N ALA B 484 6.25 -39.73 -19.26
CA ALA B 484 6.36 -41.01 -18.58
C ALA B 484 5.01 -41.63 -18.25
N GLN B 485 3.95 -41.11 -18.86
CA GLN B 485 2.62 -41.69 -18.70
C GLN B 485 1.84 -41.67 -20.01
N LEU C 13 25.77 -15.62 42.32
CA LEU C 13 26.49 -14.53 43.02
C LEU C 13 26.80 -13.33 42.11
N LEU C 14 26.79 -13.56 40.80
CA LEU C 14 27.05 -12.50 39.83
C LEU C 14 25.73 -11.90 39.27
N SER C 15 25.82 -10.73 38.63
CA SER C 15 24.63 -10.04 38.13
C SER C 15 24.66 -9.70 36.66
N LEU C 16 23.56 -10.01 35.98
CA LEU C 16 23.39 -9.68 34.58
C LEU C 16 23.39 -8.18 34.35
N PRO C 17 23.77 -7.77 33.15
CA PRO C 17 23.51 -6.36 32.83
C PRO C 17 22.02 -6.12 32.63
N LEU C 18 21.54 -5.03 33.23
CA LEU C 18 20.19 -4.55 32.98
C LEU C 18 20.34 -3.39 32.01
N VAL C 19 19.88 -3.61 30.78
CA VAL C 19 20.10 -2.66 29.70
C VAL C 19 18.81 -1.95 29.30
N GLY C 20 17.76 -2.17 30.09
CA GLY C 20 16.48 -1.53 29.82
C GLY C 20 15.56 -1.67 31.01
N SER C 21 14.81 -0.62 31.28
CA SER C 21 13.97 -0.59 32.47
C SER C 21 12.87 0.44 32.35
N LEU C 22 11.64 -0.01 32.57
CA LEU C 22 10.54 0.90 32.81
C LEU C 22 9.99 0.53 34.16
N PRO C 23 10.42 1.26 35.20
CA PRO C 23 10.16 0.77 36.55
C PRO C 23 8.70 0.91 36.95
N PHE C 24 7.94 1.75 36.25
CA PHE C 24 6.53 1.90 36.56
C PHE C 24 5.70 1.80 35.29
N LEU C 25 4.46 1.32 35.43
CA LEU C 25 3.54 1.25 34.31
C LEU C 25 2.19 1.76 34.74
N PRO C 26 1.55 2.56 33.88
CA PRO C 26 0.22 3.05 34.25
C PRO C 26 -0.79 1.93 34.20
N ARG C 27 -1.88 2.06 34.94
CA ARG C 27 -2.96 1.09 34.85
C ARG C 27 -4.18 1.66 34.11
N HIS C 28 -3.97 1.84 32.81
CA HIS C 28 -5.04 2.06 31.83
C HIS C 28 -5.75 3.42 31.90
N GLY C 29 -5.41 4.25 32.87
CA GLY C 29 -5.96 5.60 32.97
C GLY C 29 -5.52 6.47 31.82
N HIS C 30 -5.64 7.79 31.96
CA HIS C 30 -5.22 8.69 30.88
C HIS C 30 -3.77 9.11 31.05
N MET C 31 -3.05 9.24 29.93
CA MET C 31 -1.64 9.57 29.95
C MET C 31 -1.32 10.82 30.74
N HIS C 32 -2.08 11.89 30.50
CA HIS C 32 -1.81 13.15 31.15
C HIS C 32 -1.97 13.06 32.68
N ASN C 33 -2.86 12.18 33.13
CA ASN C 33 -3.02 11.96 34.55
C ASN C 33 -1.91 11.07 35.14
N ASN C 34 -1.49 10.05 34.39
CA ASN C 34 -0.40 9.20 34.85
C ASN C 34 0.89 9.98 34.90
N PHE C 35 1.13 10.84 33.91
CA PHE C 35 2.33 11.68 33.93
C PHE C 35 2.29 12.62 35.13
N PHE C 36 1.08 13.05 35.50
CA PHE C 36 0.90 13.92 36.64
C PHE C 36 1.26 13.18 37.92
N LYS C 37 0.69 12.01 38.09
CA LYS C 37 0.91 11.23 39.31
C LYS C 37 2.38 10.92 39.50
N LEU C 38 3.09 10.72 38.40
CA LEU C 38 4.52 10.44 38.48
C LEU C 38 5.34 11.60 39.03
N GLN C 39 4.76 12.78 39.08
CA GLN C 39 5.48 13.96 39.55
C GLN C 39 5.75 13.91 41.05
N LYS C 40 4.90 13.21 41.79
CA LYS C 40 5.10 13.08 43.23
C LYS C 40 6.41 12.36 43.51
N LYS C 41 6.73 11.39 42.66
CA LYS C 41 7.96 10.62 42.80
C LYS C 41 9.15 11.32 42.16
N TYR C 42 8.97 11.87 40.95
CA TYR C 42 10.09 12.29 40.12
C TYR C 42 10.21 13.79 39.89
N GLY C 43 9.29 14.57 40.45
CA GLY C 43 9.38 16.01 40.29
C GLY C 43 8.61 16.54 39.08
N PRO C 44 8.72 17.84 38.86
CA PRO C 44 7.96 18.55 37.83
C PRO C 44 8.53 18.38 36.43
N ILE C 45 9.68 17.73 36.31
CA ILE C 45 10.30 17.55 35.01
C ILE C 45 11.14 16.26 34.99
N TYR C 46 10.87 15.40 34.03
CA TYR C 46 11.61 14.15 33.85
C TYR C 46 11.60 13.69 32.40
N SER C 47 12.34 12.63 32.11
CA SER C 47 12.50 12.17 30.74
C SER C 47 12.40 10.66 30.60
N VAL C 48 12.15 10.24 29.37
CA VAL C 48 12.08 8.83 29.02
C VAL C 48 12.90 8.64 27.77
N ARG C 49 13.69 7.57 27.74
CA ARG C 49 14.59 7.33 26.61
C ARG C 49 14.24 6.02 25.92
N MET C 50 14.27 6.03 24.60
CA MET C 50 14.01 4.83 23.83
C MET C 50 14.92 4.86 22.62
N GLY C 51 15.85 3.90 22.59
CA GLY C 51 16.92 3.93 21.62
C GLY C 51 17.55 5.31 21.56
N THR C 52 17.37 5.94 20.42
CA THR C 52 17.97 7.24 20.15
C THR C 52 17.08 8.39 20.65
N LYS C 53 15.78 8.15 20.74
CA LYS C 53 14.84 9.21 21.06
C LYS C 53 14.76 9.47 22.55
N THR C 54 14.58 10.74 22.88
CA THR C 54 14.38 11.17 24.24
C THR C 54 13.19 12.13 24.28
N THR C 55 12.33 11.95 25.26
CA THR C 55 11.21 12.82 25.48
C THR C 55 11.26 13.40 26.87
N VAL C 56 11.01 14.69 26.99
CA VAL C 56 10.88 15.34 28.28
C VAL C 56 9.44 15.74 28.53
N ILE C 57 8.96 15.49 29.74
CA ILE C 57 7.64 15.91 30.15
C ILE C 57 7.74 16.98 31.22
N VAL C 58 7.04 18.09 31.01
CA VAL C 58 7.09 19.24 31.90
C VAL C 58 5.73 19.50 32.53
N GLY C 59 5.71 19.75 33.84
CA GLY C 59 4.47 19.80 34.59
C GLY C 59 4.37 20.88 35.67
N HIS C 60 5.13 21.95 35.50
CA HIS C 60 5.01 23.10 36.38
C HIS C 60 5.02 24.38 35.55
N HIS C 61 4.20 25.36 35.94
CA HIS C 61 4.00 26.53 35.14
C HIS C 61 5.28 27.29 34.85
N GLN C 62 6.21 27.30 35.79
CA GLN C 62 7.43 28.06 35.62
C GLN C 62 8.28 27.44 34.51
N LEU C 63 8.41 26.12 34.53
CA LEU C 63 9.20 25.44 33.53
C LEU C 63 8.52 25.51 32.19
N ALA C 64 7.20 25.40 32.19
CA ALA C 64 6.43 25.46 30.96
C ALA C 64 6.56 26.80 30.28
N LYS C 65 6.48 27.88 31.05
CA LYS C 65 6.60 29.21 30.47
C LYS C 65 8.00 29.45 29.95
N GLU C 66 8.98 28.76 30.51
CA GLU C 66 10.33 28.87 29.99
C GLU C 66 10.40 28.24 28.60
N VAL C 67 9.68 27.14 28.42
CA VAL C 67 9.65 26.43 27.16
C VAL C 67 8.83 27.21 26.13
N LEU C 68 7.69 27.72 26.55
CA LEU C 68 6.76 28.32 25.63
C LEU C 68 7.10 29.77 25.33
N ILE C 69 7.52 30.51 26.34
CA ILE C 69 7.72 31.94 26.18
C ILE C 69 9.17 32.38 26.19
N LYS C 70 9.83 32.28 27.34
CA LYS C 70 11.23 32.74 27.51
C LYS C 70 12.19 32.16 26.48
N LYS C 71 12.06 30.87 26.20
CA LYS C 71 12.91 30.22 25.19
C LYS C 71 12.06 29.66 24.07
N GLY C 72 10.94 30.32 23.81
CA GLY C 72 10.00 29.93 22.78
C GLY C 72 10.60 29.50 21.46
N LYS C 73 11.47 30.33 20.89
CA LYS C 73 12.11 30.00 19.61
C LYS C 73 12.91 28.69 19.67
N ASP C 74 13.50 28.39 20.82
CA ASP C 74 14.34 27.21 20.97
C ASP C 74 13.52 25.93 20.95
N PHE C 75 12.29 26.01 21.42
CA PHE C 75 11.44 24.82 21.56
C PHE C 75 10.21 24.82 20.64
N SER C 76 10.27 25.60 19.57
CA SER C 76 9.13 25.79 18.69
C SER C 76 8.98 24.74 17.59
N GLY C 77 9.77 23.68 17.62
CA GLY C 77 9.68 22.67 16.59
C GLY C 77 8.57 21.69 16.89
N ARG C 78 8.27 20.84 15.93
CA ARG C 78 7.32 19.74 16.15
C ARG C 78 8.07 18.46 15.82
N PRO C 79 7.84 17.41 16.60
CA PRO C 79 8.49 16.16 16.26
C PRO C 79 7.78 15.48 15.11
N GLN C 80 8.50 14.67 14.35
CA GLN C 80 7.96 13.87 13.28
C GLN C 80 7.27 12.61 13.84
N MET C 81 6.03 12.38 13.42
CA MET C 81 5.29 11.19 13.78
C MET C 81 4.63 10.61 12.53
N ALA C 82 4.67 9.30 12.41
CA ALA C 82 4.14 8.60 11.26
C ALA C 82 2.68 8.96 11.06
N THR C 83 1.92 8.97 12.15
CA THR C 83 0.49 9.21 12.06
C THR C 83 0.23 10.63 11.59
N LEU C 84 1.01 11.59 12.09
CA LEU C 84 0.83 12.97 11.69
C LEU C 84 1.33 13.24 10.27
N ASP C 85 2.28 12.42 9.80
CA ASP C 85 2.81 12.57 8.45
C ASP C 85 1.68 12.42 7.45
N ILE C 86 0.79 11.49 7.73
CA ILE C 86 -0.31 11.17 6.83
C ILE C 86 -1.34 12.29 6.80
N LEU C 87 -1.77 12.73 7.97
CA LEU C 87 -2.69 13.82 8.08
C LEU C 87 -2.15 15.12 7.51
N SER C 88 -0.88 15.38 7.73
CA SER C 88 -0.30 16.67 7.38
C SER C 88 0.39 16.70 6.02
N ASN C 89 0.20 15.65 5.23
CA ASN C 89 0.87 15.52 3.94
C ASN C 89 2.38 15.75 4.07
N ASN C 90 2.98 15.00 4.99
CA ASN C 90 4.39 15.13 5.32
C ASN C 90 4.83 16.48 5.85
N ARG C 91 4.27 16.82 7.01
CA ARG C 91 4.70 17.99 7.78
C ARG C 91 4.48 19.34 7.08
N LYS C 92 3.40 19.43 6.31
CA LYS C 92 2.95 20.72 5.81
C LYS C 92 1.83 21.23 6.72
N GLY C 93 1.31 22.42 6.42
CA GLY C 93 0.24 22.99 7.21
C GLY C 93 0.79 23.92 8.26
N ILE C 94 0.06 24.08 9.35
CA ILE C 94 0.55 24.89 10.46
C ILE C 94 0.84 24.05 11.71
N ALA C 95 -0.16 23.30 12.18
CA ALA C 95 -0.09 22.67 13.49
C ALA C 95 1.02 21.64 13.63
N PHE C 96 1.28 20.89 12.57
CA PHE C 96 2.17 19.75 12.66
C PHE C 96 3.42 19.95 11.84
N ALA C 97 3.62 21.19 11.41
CA ALA C 97 4.76 21.53 10.60
C ALA C 97 5.86 21.99 11.49
N ASP C 98 7.07 21.55 11.18
CA ASP C 98 8.21 21.95 11.94
C ASP C 98 8.40 23.46 11.79
N SER C 99 9.07 24.08 12.76
CA SER C 99 9.42 25.49 12.63
C SER C 99 10.30 25.67 11.41
N GLY C 100 10.27 26.86 10.84
CA GLY C 100 10.89 27.04 9.53
C GLY C 100 10.06 27.96 8.65
N ALA C 101 10.44 28.06 7.39
CA ALA C 101 9.87 29.06 6.52
C ALA C 101 8.40 28.80 6.22
N HIS C 102 8.06 27.55 5.94
CA HIS C 102 6.69 27.23 5.58
C HIS C 102 5.74 27.45 6.74
N TRP C 103 6.12 27.02 7.94
CA TRP C 103 5.30 27.24 9.12
C TRP C 103 5.07 28.73 9.35
N GLN C 104 6.15 29.48 9.32
CA GLN C 104 6.08 30.90 9.62
C GLN C 104 5.16 31.63 8.63
N LEU C 105 5.35 31.34 7.35
CA LEU C 105 4.57 31.98 6.32
C LEU C 105 3.07 31.68 6.47
N HIS C 106 2.73 30.40 6.53
CA HIS C 106 1.33 30.01 6.58
C HIS C 106 0.63 30.43 7.87
N ARG C 107 1.37 30.42 8.97
CA ARG C 107 0.83 30.89 10.24
C ARG C 107 0.50 32.38 10.16
N ARG C 108 1.40 33.14 9.55
CA ARG C 108 1.24 34.57 9.37
C ARG C 108 0.05 34.86 8.43
N LEU C 109 -0.04 34.09 7.35
CA LEU C 109 -1.11 34.31 6.39
C LEU C 109 -2.45 33.98 7.02
N ALA C 110 -2.49 32.92 7.82
CA ALA C 110 -3.73 32.50 8.47
C ALA C 110 -4.17 33.53 9.49
N MET C 111 -3.21 34.10 10.21
CA MET C 111 -3.51 35.15 11.15
C MET C 111 -4.04 36.39 10.44
N ALA C 112 -3.39 36.75 9.32
CA ALA C 112 -3.76 37.94 8.55
C ALA C 112 -5.18 37.87 8.05
N THR C 113 -5.68 36.66 7.90
CA THR C 113 -7.01 36.45 7.41
C THR C 113 -8.07 36.80 8.45
N PHE C 114 -7.77 36.53 9.71
CA PHE C 114 -8.73 36.85 10.76
C PHE C 114 -8.85 38.36 10.93
N ALA C 115 -7.87 39.10 10.42
CA ALA C 115 -7.94 40.55 10.39
C ALA C 115 -9.05 41.04 9.48
N LEU C 116 -9.33 40.27 8.43
CA LEU C 116 -10.37 40.62 7.47
C LEU C 116 -11.79 40.47 8.03
N PHE C 117 -11.89 40.05 9.29
CA PHE C 117 -13.19 39.79 9.89
C PHE C 117 -13.39 40.56 11.18
N LYS C 118 -12.54 41.55 11.44
CA LYS C 118 -12.58 42.26 12.72
C LYS C 118 -13.70 43.30 12.78
N ASP C 119 -14.01 43.91 11.64
CA ASP C 119 -15.18 44.78 11.56
C ASP C 119 -15.74 44.78 10.14
N GLY C 120 -16.76 45.58 9.92
CA GLY C 120 -17.31 45.75 8.59
C GLY C 120 -18.50 44.87 8.28
N ASP C 121 -18.69 44.61 6.99
CA ASP C 121 -19.87 43.91 6.49
C ASP C 121 -19.83 42.43 6.85
N GLN C 122 -18.65 41.82 6.70
CA GLN C 122 -18.43 40.43 7.08
C GLN C 122 -17.75 40.35 8.45
N LYS C 123 -18.37 40.97 9.44
CA LYS C 123 -17.86 40.96 10.80
C LYS C 123 -18.06 39.61 11.45
N LEU C 124 -17.01 39.12 12.11
CA LEU C 124 -16.99 37.77 12.64
C LEU C 124 -18.22 37.48 13.49
N GLU C 125 -18.65 38.49 14.22
CA GLU C 125 -19.77 38.32 15.12
C GLU C 125 -21.07 38.01 14.37
N LYS C 126 -21.29 38.70 13.24
CA LYS C 126 -22.52 38.50 12.47
C LYS C 126 -22.54 37.11 11.88
N ILE C 127 -21.44 36.77 11.22
CA ILE C 127 -21.27 35.45 10.64
C ILE C 127 -21.64 34.39 11.67
N ILE C 128 -21.13 34.54 12.89
CA ILE C 128 -21.43 33.59 13.93
C ILE C 128 -22.90 33.62 14.32
N CYS C 129 -23.42 34.82 14.58
CA CYS C 129 -24.79 34.92 15.05
C CYS C 129 -25.77 34.40 14.02
N GLN C 130 -25.46 34.64 12.75
CA GLN C 130 -26.23 34.09 11.63
C GLN C 130 -26.44 32.58 11.79
N GLU C 131 -25.36 31.84 12.04
CA GLU C 131 -25.42 30.39 12.09
C GLU C 131 -25.99 29.87 13.40
N ILE C 132 -25.82 30.63 14.47
CA ILE C 132 -26.43 30.25 15.74
C ILE C 132 -27.95 30.39 15.68
N SER C 133 -28.44 31.30 14.83
CA SER C 133 -29.88 31.44 14.64
C SER C 133 -30.43 30.16 14.03
N THR C 134 -29.80 29.71 12.97
CA THR C 134 -30.24 28.50 12.29
C THR C 134 -30.20 27.32 13.22
N LEU C 135 -29.21 27.32 14.11
CA LEU C 135 -29.02 26.24 15.07
C LEU C 135 -30.14 26.21 16.10
N CYS C 136 -30.51 27.40 16.58
CA CYS C 136 -31.57 27.51 17.56
C CYS C 136 -32.93 27.17 16.98
N ASP C 137 -33.19 27.61 15.76
CA ASP C 137 -34.45 27.27 15.09
C ASP C 137 -34.56 25.76 14.95
N MET C 138 -33.49 25.14 14.49
CA MET C 138 -33.45 23.69 14.32
C MET C 138 -33.65 22.96 15.65
N LEU C 139 -32.98 23.42 16.70
CA LEU C 139 -33.07 22.75 17.98
C LEU C 139 -34.46 22.87 18.58
N ALA C 140 -35.15 23.97 18.27
CA ALA C 140 -36.49 24.21 18.83
C ALA C 140 -37.49 23.17 18.32
N THR C 141 -37.26 22.65 17.11
CA THR C 141 -38.15 21.64 16.55
C THR C 141 -38.10 20.34 17.35
N HIS C 142 -37.06 20.17 18.14
CA HIS C 142 -36.93 18.99 18.98
C HIS C 142 -37.49 19.23 20.37
N ASN C 143 -38.29 20.28 20.50
CA ASN C 143 -38.86 20.67 21.77
C ASN C 143 -39.57 19.49 22.43
N GLY C 144 -39.15 19.15 23.65
CA GLY C 144 -39.74 18.07 24.39
C GLY C 144 -38.90 16.81 24.41
N GLN C 145 -38.08 16.64 23.39
CA GLN C 145 -37.35 15.39 23.20
C GLN C 145 -35.95 15.43 23.76
N SER C 146 -35.40 14.25 24.03
CA SER C 146 -33.99 14.12 24.39
C SER C 146 -33.18 13.82 23.14
N ILE C 147 -32.05 14.51 22.99
CA ILE C 147 -31.22 14.38 21.80
C ILE C 147 -29.73 14.53 22.12
N ASP C 148 -28.90 14.10 21.17
CA ASP C 148 -27.47 14.42 21.19
C ASP C 148 -27.29 15.64 20.31
N ILE C 149 -26.72 16.70 20.87
CA ILE C 149 -26.61 17.98 20.15
C ILE C 149 -25.37 18.08 19.28
N SER C 150 -24.62 16.99 19.20
CA SER C 150 -23.35 16.97 18.50
C SER C 150 -23.51 17.45 17.06
N PHE C 151 -24.40 16.81 16.30
CA PHE C 151 -24.50 17.13 14.87
C PHE C 151 -24.98 18.55 14.59
N PRO C 152 -26.05 19.00 15.26
CA PRO C 152 -26.55 20.35 15.01
C PRO C 152 -25.49 21.43 15.28
N VAL C 153 -24.73 21.27 16.35
CA VAL C 153 -23.66 22.20 16.67
C VAL C 153 -22.53 22.12 15.64
N PHE C 154 -22.18 20.90 15.25
CA PHE C 154 -21.17 20.66 14.25
C PHE C 154 -21.46 21.43 12.96
N VAL C 155 -22.73 21.45 12.55
CA VAL C 155 -23.15 22.17 11.35
C VAL C 155 -22.98 23.68 11.49
N ALA C 156 -23.32 24.19 12.67
CA ALA C 156 -23.21 25.61 12.93
C ALA C 156 -21.76 26.07 12.75
N VAL C 157 -20.84 25.49 13.54
CA VAL C 157 -19.43 25.87 13.46
C VAL C 157 -18.79 25.54 12.11
N THR C 158 -19.25 24.48 11.45
CA THR C 158 -18.74 24.14 10.14
C THR C 158 -19.02 25.24 9.14
N ASN C 159 -20.23 25.80 9.19
CA ASN C 159 -20.59 26.86 8.28
C ASN C 159 -19.80 28.11 8.56
N VAL C 160 -19.56 28.37 9.84
CA VAL C 160 -18.75 29.53 10.22
C VAL C 160 -17.38 29.44 9.62
N ILE C 161 -16.74 28.29 9.79
CA ILE C 161 -15.37 28.15 9.31
C ILE C 161 -15.35 28.09 7.77
N SER C 162 -16.43 27.62 7.18
CA SER C 162 -16.48 27.53 5.74
C SER C 162 -16.59 28.92 5.13
N LEU C 163 -17.37 29.79 5.77
CA LEU C 163 -17.49 31.16 5.29
C LEU C 163 -16.14 31.85 5.39
N ILE C 164 -15.41 31.60 6.49
CA ILE C 164 -14.11 32.20 6.69
C ILE C 164 -13.09 31.69 5.67
N CYS C 165 -13.17 30.42 5.34
CA CYS C 165 -12.21 29.84 4.41
C CYS C 165 -12.55 30.05 2.94
N PHE C 166 -13.84 30.04 2.61
CA PHE C 166 -14.27 30.05 1.20
C PHE C 166 -15.40 31.00 0.85
N ASN C 167 -15.93 31.73 1.83
CA ASN C 167 -17.18 32.48 1.66
C ASN C 167 -18.30 31.61 1.16
N THR C 168 -18.42 30.41 1.72
CA THR C 168 -19.54 29.52 1.41
C THR C 168 -20.06 28.85 2.68
N SER C 169 -21.28 28.34 2.62
CA SER C 169 -21.88 27.62 3.73
C SER C 169 -22.86 26.58 3.21
N TYR C 170 -23.41 25.75 4.10
CA TYR C 170 -24.25 24.63 3.69
C TYR C 170 -25.69 24.77 4.13
N LYS C 171 -26.63 24.45 3.23
CA LYS C 171 -28.04 24.40 3.59
C LYS C 171 -28.26 23.26 4.56
N ASN C 172 -29.32 23.35 5.35
CA ASN C 172 -29.76 22.19 6.11
C ASN C 172 -29.89 21.02 5.16
N GLY C 173 -29.39 19.86 5.57
CA GLY C 173 -29.59 18.64 4.82
C GLY C 173 -28.59 18.32 3.71
N ASP C 174 -27.73 19.28 3.34
CA ASP C 174 -26.67 18.99 2.39
C ASP C 174 -25.88 17.82 2.94
N PRO C 175 -25.77 16.73 2.17
CA PRO C 175 -25.13 15.51 2.66
C PRO C 175 -23.60 15.62 2.74
N GLU C 176 -23.04 16.71 2.22
CA GLU C 176 -21.62 16.95 2.36
C GLU C 176 -21.26 17.23 3.84
N LEU C 177 -22.28 17.55 4.64
CA LEU C 177 -22.10 17.71 6.08
C LEU C 177 -21.93 16.37 6.74
N ASN C 178 -22.69 15.38 6.30
CA ASN C 178 -22.56 14.03 6.82
C ASN C 178 -21.22 13.42 6.41
N VAL C 179 -20.76 13.80 5.21
CA VAL C 179 -19.50 13.27 4.72
C VAL C 179 -18.36 13.75 5.60
N ILE C 180 -18.37 15.05 5.88
CA ILE C 180 -17.32 15.67 6.67
C ILE C 180 -17.32 15.13 8.07
N GLN C 181 -18.51 15.03 8.68
CA GLN C 181 -18.57 14.48 10.02
C GLN C 181 -17.96 13.09 10.09
N ASN C 182 -18.21 12.27 9.07
CA ASN C 182 -17.76 10.90 9.12
C ASN C 182 -16.26 10.82 9.08
N TYR C 183 -15.63 11.62 8.22
CA TYR C 183 -14.20 11.50 8.11
C TYR C 183 -13.49 12.21 9.25
N ASN C 184 -14.07 13.30 9.75
CA ASN C 184 -13.57 13.95 10.95
C ASN C 184 -13.55 12.97 12.10
N GLU C 185 -14.62 12.23 12.26
CA GLU C 185 -14.72 11.27 13.34
C GLU C 185 -13.74 10.13 13.15
N GLY C 186 -13.53 9.73 11.89
CA GLY C 186 -12.68 8.61 11.57
C GLY C 186 -11.21 8.95 11.72
N ILE C 187 -10.83 10.13 11.24
CA ILE C 187 -9.45 10.57 11.36
C ILE C 187 -9.07 10.72 12.82
N ILE C 188 -9.93 11.33 13.61
CA ILE C 188 -9.64 11.53 15.01
C ILE C 188 -9.55 10.18 15.70
N ASP C 189 -10.42 9.26 15.32
CA ASP C 189 -10.46 7.97 15.99
C ASP C 189 -9.18 7.18 15.75
N ASN C 190 -8.53 7.40 14.61
CA ASN C 190 -7.39 6.56 14.24
C ASN C 190 -6.04 7.26 14.28
N LEU C 191 -6.04 8.55 14.57
CA LEU C 191 -4.80 9.30 14.63
C LEU C 191 -3.99 8.86 15.85
N SER C 192 -4.69 8.48 16.91
CA SER C 192 -4.06 8.11 18.16
C SER C 192 -5.08 7.51 19.12
N LYS C 193 -4.61 6.86 20.17
CA LYS C 193 -5.48 6.30 21.22
C LYS C 193 -5.41 7.11 22.53
N ASP C 194 -4.54 8.11 22.57
CA ASP C 194 -4.47 9.02 23.70
C ASP C 194 -3.89 10.33 23.19
N SER C 195 -3.45 11.20 24.08
CA SER C 195 -2.79 12.43 23.63
C SER C 195 -1.59 12.07 22.77
N LEU C 196 -1.19 12.98 21.90
CA LEU C 196 -0.07 12.72 21.01
C LEU C 196 1.28 12.73 21.70
N VAL C 197 2.03 11.66 21.53
CA VAL C 197 3.42 11.60 22.00
C VAL C 197 4.21 10.72 21.05
N ASP C 198 5.37 11.18 20.61
CA ASP C 198 6.17 10.41 19.67
C ASP C 198 6.81 9.18 20.30
N LEU C 199 6.73 9.08 21.63
CA LEU C 199 7.20 7.89 22.33
C LEU C 199 6.48 6.66 21.88
N VAL C 200 5.26 6.86 21.39
CA VAL C 200 4.37 5.77 21.06
C VAL C 200 4.25 5.64 19.55
N PRO C 201 4.47 4.43 19.03
CA PRO C 201 4.26 4.17 17.61
C PRO C 201 2.78 3.85 17.32
N TRP C 202 1.97 4.89 17.28
CA TRP C 202 0.51 4.75 17.19
C TRP C 202 0.03 3.84 16.08
N LEU C 203 0.70 3.85 14.93
CA LEU C 203 0.24 3.08 13.79
C LEU C 203 0.49 1.59 13.97
N LYS C 204 1.39 1.22 14.88
CA LYS C 204 1.91 -0.13 14.97
C LYS C 204 1.68 -0.91 16.26
N ILE C 205 0.93 -0.38 17.23
CA ILE C 205 0.85 -1.06 18.52
C ILE C 205 -0.19 -2.18 18.61
N PHE C 206 -1.20 -2.17 17.75
CA PHE C 206 -2.25 -3.18 17.76
C PHE C 206 -2.52 -3.75 16.36
N PRO C 207 -2.99 -4.99 16.31
CA PRO C 207 -3.41 -5.61 15.06
C PRO C 207 -4.83 -5.20 14.66
N ASN C 208 -4.99 -3.93 14.30
CA ASN C 208 -6.32 -3.42 14.03
C ASN C 208 -6.47 -2.50 12.79
N LYS C 209 -5.55 -2.59 11.84
CA LYS C 209 -5.72 -1.89 10.57
C LYS C 209 -5.82 -0.36 10.71
N THR C 210 -5.18 0.17 11.75
CA THR C 210 -5.21 1.59 12.05
C THR C 210 -4.69 2.44 10.88
N LEU C 211 -3.56 2.04 10.32
CA LEU C 211 -2.98 2.77 9.21
C LEU C 211 -3.92 2.78 8.01
N GLU C 212 -4.51 1.63 7.70
CA GLU C 212 -5.39 1.53 6.54
C GLU C 212 -6.61 2.42 6.71
N LYS C 213 -7.20 2.37 7.90
CA LYS C 213 -8.34 3.21 8.20
C LYS C 213 -8.03 4.70 8.16
N LEU C 214 -6.92 5.09 8.76
CA LEU C 214 -6.52 6.48 8.78
C LEU C 214 -6.34 7.04 7.37
N LYS C 215 -5.71 6.26 6.50
CA LYS C 215 -5.46 6.69 5.14
C LYS C 215 -6.76 6.82 4.37
N SER C 216 -7.71 5.95 4.66
CA SER C 216 -8.92 5.93 3.91
C SER C 216 -9.72 7.20 4.17
N HIS C 217 -9.77 7.61 5.44
CA HIS C 217 -10.49 8.80 5.83
C HIS C 217 -9.79 10.07 5.38
N VAL C 218 -8.45 10.07 5.43
CA VAL C 218 -7.69 11.22 4.98
C VAL C 218 -7.88 11.41 3.47
N LYS C 219 -8.00 10.30 2.75
CA LYS C 219 -8.16 10.36 1.30
C LYS C 219 -9.44 11.06 0.90
N ILE C 220 -10.50 10.78 1.64
CA ILE C 220 -11.79 11.40 1.41
C ILE C 220 -11.70 12.89 1.70
N ARG C 221 -11.04 13.22 2.79
CA ARG C 221 -10.86 14.60 3.17
C ARG C 221 -10.06 15.36 2.10
N ASN C 222 -9.01 14.73 1.60
CA ASN C 222 -8.15 15.39 0.63
C ASN C 222 -8.83 15.49 -0.74
N ASP C 223 -9.66 14.50 -1.09
CA ASP C 223 -10.37 14.53 -2.35
C ASP C 223 -11.34 15.69 -2.34
N LEU C 224 -11.97 15.91 -1.19
CA LEU C 224 -12.95 16.96 -1.07
C LEU C 224 -12.29 18.32 -1.15
N LEU C 225 -11.11 18.45 -0.57
CA LEU C 225 -10.42 19.74 -0.57
C LEU C 225 -9.89 20.06 -1.96
N ASN C 226 -9.37 19.06 -2.67
CA ASN C 226 -8.91 19.27 -4.03
C ASN C 226 -10.07 19.71 -4.92
N LYS C 227 -11.23 19.10 -4.71
CA LYS C 227 -12.43 19.44 -5.47
C LYS C 227 -12.78 20.91 -5.26
N ILE C 228 -12.75 21.35 -4.01
CA ILE C 228 -12.97 22.75 -3.71
C ILE C 228 -11.93 23.68 -4.34
N LEU C 229 -10.64 23.32 -4.28
CA LEU C 229 -9.64 24.23 -4.81
C LEU C 229 -9.78 24.41 -6.30
N GLU C 230 -10.00 23.33 -7.04
CA GLU C 230 -10.05 23.42 -8.49
C GLU C 230 -11.24 24.26 -8.91
N ASN C 231 -12.37 24.08 -8.24
CA ASN C 231 -13.56 24.86 -8.54
C ASN C 231 -13.39 26.33 -8.19
N TYR C 232 -12.46 26.61 -7.29
CA TYR C 232 -12.26 27.98 -6.84
C TYR C 232 -11.31 28.75 -7.76
N LYS C 233 -10.36 28.05 -8.39
CA LYS C 233 -9.38 28.69 -9.28
C LYS C 233 -10.03 29.69 -10.25
N GLU C 234 -11.29 29.47 -10.59
CA GLU C 234 -11.98 30.31 -11.55
C GLU C 234 -12.61 31.54 -10.90
N LYS C 235 -13.12 31.39 -9.68
CA LYS C 235 -13.77 32.49 -8.97
C LYS C 235 -12.78 33.49 -8.38
N PHE C 236 -11.51 33.14 -8.35
CA PHE C 236 -10.54 33.98 -7.67
C PHE C 236 -10.25 35.24 -8.46
N ARG C 237 -10.31 36.37 -7.76
CA ARG C 237 -9.94 37.65 -8.34
C ARG C 237 -9.07 38.42 -7.35
N SER C 238 -7.90 38.83 -7.82
CA SER C 238 -6.90 39.44 -6.98
C SER C 238 -7.30 40.78 -6.37
N ASP C 239 -8.34 41.39 -6.92
CA ASP C 239 -8.80 42.67 -6.42
C ASP C 239 -9.82 42.50 -5.30
N SER C 240 -10.12 41.25 -4.96
CA SER C 240 -11.07 40.96 -3.89
C SER C 240 -10.58 39.81 -3.01
N ILE C 241 -10.07 40.17 -1.84
CA ILE C 241 -9.53 39.22 -0.89
C ILE C 241 -10.39 39.20 0.36
N THR C 242 -11.25 38.19 0.48
CA THR C 242 -12.25 38.18 1.54
C THR C 242 -12.22 36.94 2.43
N ASN C 243 -11.35 36.00 2.10
CA ASN C 243 -11.28 34.75 2.85
C ASN C 243 -9.90 34.12 2.81
N MET C 244 -9.76 32.98 3.47
CA MET C 244 -8.44 32.41 3.68
C MET C 244 -7.85 31.84 2.40
N LEU C 245 -8.69 31.26 1.55
CA LEU C 245 -8.21 30.77 0.28
C LEU C 245 -7.75 31.93 -0.60
N ASP C 246 -8.47 33.06 -0.56
CA ASP C 246 -8.07 34.23 -1.33
C ASP C 246 -6.70 34.71 -0.90
N THR C 247 -6.47 34.73 0.41
CA THR C 247 -5.21 35.21 0.96
C THR C 247 -4.04 34.33 0.54
N LEU C 248 -4.28 33.02 0.52
CA LEU C 248 -3.21 32.08 0.19
C LEU C 248 -2.87 32.17 -1.29
N MET C 249 -3.91 32.20 -2.12
CA MET C 249 -3.74 32.33 -3.56
C MET C 249 -3.10 33.65 -3.96
N GLN C 250 -3.50 34.74 -3.31
CA GLN C 250 -2.88 36.02 -3.54
C GLN C 250 -1.37 35.99 -3.23
N ALA C 251 -1.00 35.36 -2.15
CA ALA C 251 0.40 35.28 -1.77
C ALA C 251 1.19 34.46 -2.78
N LYS C 252 0.54 33.42 -3.31
CA LYS C 252 1.16 32.59 -4.32
C LYS C 252 1.43 33.39 -5.58
N MET C 253 0.41 34.12 -6.01
CA MET C 253 0.51 34.94 -7.20
C MET C 253 1.62 35.97 -7.04
N ASN C 254 1.61 36.68 -5.91
CA ASN C 254 2.62 37.69 -5.64
C ASN C 254 4.04 37.15 -5.63
N SER C 255 4.19 35.91 -5.20
CA SER C 255 5.51 35.34 -5.07
C SER C 255 6.06 34.97 -6.43
N ASP C 256 5.18 34.55 -7.34
CA ASP C 256 5.54 34.22 -8.72
C ASP C 256 5.92 35.44 -9.55
N ASN C 257 5.17 36.52 -9.38
CA ASN C 257 5.24 37.67 -10.28
C ASN C 257 6.54 38.46 -10.23
N GLY C 258 6.84 39.12 -11.35
CA GLY C 258 8.05 39.91 -11.53
C GLY C 258 8.52 40.66 -10.31
N GLY C 261 12.17 37.95 -10.19
CA GLY C 261 11.89 36.53 -10.13
C GLY C 261 11.05 36.18 -8.92
N PRO C 262 10.77 34.88 -8.72
CA PRO C 262 10.13 34.40 -7.49
C PRO C 262 10.91 34.72 -6.22
N ASP C 263 10.16 34.86 -5.13
CA ASP C 263 10.65 35.47 -3.89
C ASP C 263 11.15 34.44 -2.87
N GLN C 264 11.74 33.34 -3.35
CA GLN C 264 12.11 32.22 -2.47
C GLN C 264 10.88 31.68 -1.74
N ASP C 265 9.72 32.15 -2.17
CA ASP C 265 8.48 32.00 -1.43
C ASP C 265 7.51 31.07 -2.12
N SER C 266 7.73 30.79 -3.40
CA SER C 266 6.70 30.19 -4.22
C SER C 266 6.61 28.69 -4.06
N GLU C 267 7.73 28.08 -3.71
CA GLU C 267 7.75 26.63 -3.50
C GLU C 267 7.00 26.29 -2.21
N LEU C 268 6.83 27.28 -1.36
CA LEU C 268 6.17 27.12 -0.08
C LEU C 268 4.66 27.29 -0.18
N LEU C 269 4.17 27.55 -1.38
CA LEU C 269 2.74 27.79 -1.58
C LEU C 269 2.21 26.93 -2.71
N SER C 270 2.69 25.70 -2.79
CA SER C 270 2.16 24.73 -3.73
C SER C 270 0.72 24.47 -3.40
N ASP C 271 0.04 23.73 -4.26
CA ASP C 271 -1.34 23.40 -4.00
C ASP C 271 -1.46 22.60 -2.71
N ASN C 272 -0.55 21.65 -2.49
CA ASN C 272 -0.59 20.83 -1.28
C ASN C 272 -0.31 21.61 0.00
N HIS C 273 0.59 22.59 -0.06
CA HIS C 273 0.77 23.48 1.08
C HIS C 273 -0.52 24.21 1.43
N ILE C 274 -1.20 24.74 0.42
CA ILE C 274 -2.42 25.50 0.64
C ILE C 274 -3.57 24.62 1.17
N LEU C 275 -3.71 23.43 0.62
CA LEU C 275 -4.73 22.51 1.07
C LEU C 275 -4.52 22.07 2.52
N THR C 276 -3.27 21.77 2.89
CA THR C 276 -2.99 21.29 4.22
C THR C 276 -3.25 22.38 5.26
N THR C 277 -2.89 23.62 4.94
CA THR C 277 -3.21 24.75 5.84
C THR C 277 -4.71 24.92 5.99
N ILE C 278 -5.44 24.94 4.87
CA ILE C 278 -6.88 25.04 4.91
C ILE C 278 -7.43 23.91 5.75
N GLY C 279 -6.86 22.73 5.59
CA GLY C 279 -7.33 21.54 6.30
C GLY C 279 -7.13 21.65 7.79
N ASP C 280 -6.01 22.23 8.19
CA ASP C 280 -5.73 22.46 9.59
C ASP C 280 -6.79 23.41 10.19
N ILE C 281 -7.04 24.51 9.50
CA ILE C 281 -8.03 25.47 9.97
C ILE C 281 -9.46 24.96 9.91
N PHE C 282 -9.81 24.22 8.87
CA PHE C 282 -11.15 23.66 8.76
C PHE C 282 -11.38 22.66 9.87
N GLY C 283 -10.39 21.80 10.12
CA GLY C 283 -10.53 20.79 11.14
C GLY C 283 -10.57 21.37 12.52
N ALA C 284 -9.64 22.27 12.82
CA ALA C 284 -9.53 22.88 14.14
C ALA C 284 -10.77 23.70 14.46
N GLY C 285 -11.21 24.45 13.47
CA GLY C 285 -12.31 25.38 13.65
C GLY C 285 -13.57 24.69 14.09
N VAL C 286 -13.65 23.39 13.80
CA VAL C 286 -14.88 22.66 14.00
C VAL C 286 -14.82 21.73 15.19
N GLU C 287 -13.75 20.96 15.31
CA GLU C 287 -13.72 19.90 16.32
C GLU C 287 -13.37 20.39 17.72
N THR C 288 -12.65 21.50 17.82
CA THR C 288 -12.30 22.04 19.13
C THR C 288 -13.52 22.68 19.77
N THR C 289 -14.12 23.60 19.03
CA THR C 289 -15.27 24.34 19.54
C THR C 289 -16.44 23.42 19.82
N THR C 290 -16.71 22.49 18.91
CA THR C 290 -17.79 21.56 19.15
C THR C 290 -17.54 20.78 20.43
N SER C 291 -16.29 20.37 20.69
CA SER C 291 -16.00 19.56 21.85
C SER C 291 -16.18 20.36 23.14
N VAL C 292 -15.69 21.59 23.14
CA VAL C 292 -15.85 22.44 24.30
C VAL C 292 -17.33 22.72 24.63
N VAL C 293 -18.15 22.96 23.62
CA VAL C 293 -19.57 23.17 23.87
C VAL C 293 -20.21 21.96 24.56
N LYS C 294 -19.93 20.77 24.06
CA LYS C 294 -20.46 19.55 24.65
C LYS C 294 -19.99 19.39 26.09
N TRP C 295 -18.75 19.76 26.35
CA TRP C 295 -18.20 19.68 27.70
C TRP C 295 -18.93 20.64 28.64
N THR C 296 -19.23 21.84 28.13
CA THR C 296 -19.88 22.85 28.93
C THR C 296 -21.30 22.40 29.34
N LEU C 297 -22.09 21.94 28.38
CA LEU C 297 -23.41 21.40 28.69
C LEU C 297 -23.34 20.33 29.74
N ALA C 298 -22.41 19.40 29.56
CA ALA C 298 -22.26 18.26 30.44
C ALA C 298 -22.00 18.67 31.88
N PHE C 299 -21.18 19.71 32.06
CA PHE C 299 -20.91 20.21 33.40
C PHE C 299 -22.14 20.89 34.00
N LEU C 300 -22.90 21.60 33.17
CA LEU C 300 -24.10 22.27 33.65
C LEU C 300 -25.18 21.29 34.08
N LEU C 301 -25.20 20.11 33.46
CA LEU C 301 -26.16 19.08 33.86
C LEU C 301 -25.77 18.48 35.21
N HIS C 302 -24.49 18.59 35.56
CA HIS C 302 -24.00 18.08 36.83
C HIS C 302 -24.07 19.14 37.91
N ASN C 303 -24.32 20.38 37.50
CA ASN C 303 -24.29 21.50 38.44
C ASN C 303 -25.47 22.45 38.24
N PRO C 304 -26.68 21.99 38.59
CA PRO C 304 -27.89 22.77 38.33
C PRO C 304 -27.92 24.10 39.05
N GLN C 305 -27.20 24.20 40.17
CA GLN C 305 -27.10 25.46 40.88
C GLN C 305 -26.47 26.53 39.98
N VAL C 306 -25.34 26.19 39.38
CA VAL C 306 -24.65 27.10 38.48
C VAL C 306 -25.50 27.46 37.29
N LYS C 307 -26.19 26.47 36.76
CA LYS C 307 -27.05 26.68 35.60
C LYS C 307 -28.12 27.71 35.94
N LYS C 308 -28.73 27.57 37.12
CA LYS C 308 -29.71 28.52 37.60
C LYS C 308 -29.19 29.94 37.53
N LYS C 309 -28.03 30.17 38.16
CA LYS C 309 -27.42 31.48 38.21
C LYS C 309 -27.18 32.07 36.82
N LEU C 310 -26.97 31.20 35.84
CA LEU C 310 -26.65 31.64 34.49
C LEU C 310 -27.90 32.13 33.80
N TYR C 311 -29.01 31.47 34.09
CA TYR C 311 -30.30 31.89 33.56
C TYR C 311 -30.66 33.25 34.13
N GLU C 312 -30.57 33.36 35.46
CA GLU C 312 -30.82 34.61 36.15
C GLU C 312 -29.96 35.72 35.58
N GLU C 313 -28.69 35.43 35.36
CA GLU C 313 -27.76 36.44 34.90
C GLU C 313 -28.09 36.94 33.51
N ILE C 314 -28.55 36.04 32.65
CA ILE C 314 -28.78 36.41 31.28
C ILE C 314 -30.12 37.13 31.17
N ASP C 315 -31.10 36.67 31.94
CA ASP C 315 -32.41 37.32 31.92
C ASP C 315 -32.29 38.76 32.35
N GLN C 316 -31.44 39.02 33.33
CA GLN C 316 -31.30 40.35 33.90
C GLN C 316 -30.43 41.30 33.08
N ASN C 317 -29.51 40.76 32.27
CA ASN C 317 -28.56 41.62 31.54
C ASN C 317 -28.83 41.74 30.06
N VAL C 318 -29.66 40.85 29.52
CA VAL C 318 -30.00 40.94 28.11
C VAL C 318 -31.50 40.75 27.91
N GLY C 319 -32.08 39.87 28.73
CA GLY C 319 -33.50 39.64 28.68
C GLY C 319 -33.98 38.97 27.40
N PHE C 320 -35.02 39.54 26.78
CA PHE C 320 -35.70 38.88 25.67
C PHE C 320 -36.07 39.81 24.52
N SER C 321 -35.68 41.07 24.59
CA SER C 321 -36.04 42.04 23.54
C SER C 321 -35.09 41.99 22.35
N ARG C 322 -33.90 41.45 22.57
CA ARG C 322 -32.94 41.24 21.49
C ARG C 322 -32.19 39.95 21.75
N THR C 323 -31.28 39.64 20.85
CA THR C 323 -30.49 38.44 20.94
C THR C 323 -29.03 38.81 21.29
N PRO C 324 -28.34 37.98 22.09
CA PRO C 324 -27.00 38.26 22.61
C PRO C 324 -25.99 38.66 21.55
N THR C 325 -24.98 39.43 21.96
CA THR C 325 -23.97 39.97 21.07
C THR C 325 -22.63 39.92 21.81
N ILE C 326 -21.50 40.05 21.12
CA ILE C 326 -20.21 39.93 21.79
C ILE C 326 -20.05 40.95 22.91
N SER C 327 -20.69 42.10 22.77
CA SER C 327 -20.58 43.15 23.76
C SER C 327 -21.16 42.70 25.10
N ASP C 328 -21.97 41.65 25.07
CA ASP C 328 -22.57 41.13 26.29
C ASP C 328 -21.58 40.41 27.18
N ARG C 329 -20.36 40.18 26.71
CA ARG C 329 -19.34 39.52 27.53
C ARG C 329 -18.93 40.37 28.70
N ASN C 330 -19.09 41.67 28.54
CA ASN C 330 -18.80 42.62 29.59
C ASN C 330 -19.84 42.58 30.72
N ARG C 331 -20.93 41.84 30.51
CA ARG C 331 -22.02 41.83 31.46
C ARG C 331 -22.31 40.43 31.96
N LEU C 332 -22.15 39.44 31.08
CA LEU C 332 -22.42 38.06 31.45
C LEU C 332 -21.17 37.39 32.01
N LEU C 333 -20.77 37.84 33.20
CA LEU C 333 -19.49 37.46 33.75
C LEU C 333 -19.44 36.00 34.19
N LEU C 334 -20.51 35.48 34.77
CA LEU C 334 -20.49 34.11 35.25
C LEU C 334 -20.42 33.16 34.06
N LEU C 335 -20.95 33.59 32.92
CA LEU C 335 -20.89 32.76 31.73
C LEU C 335 -19.47 32.68 31.18
N GLU C 336 -18.81 33.83 31.09
CA GLU C 336 -17.45 33.88 30.60
C GLU C 336 -16.54 33.18 31.60
N ALA C 337 -16.95 33.12 32.86
CA ALA C 337 -16.19 32.44 33.89
C ALA C 337 -16.38 30.94 33.81
N THR C 338 -17.58 30.55 33.40
CA THR C 338 -17.92 29.14 33.31
C THR C 338 -17.10 28.48 32.21
N ILE C 339 -17.01 29.18 31.08
CA ILE C 339 -16.20 28.76 29.95
C ILE C 339 -14.71 28.62 30.33
N ARG C 340 -14.16 29.62 31.02
CA ARG C 340 -12.79 29.56 31.50
C ARG C 340 -12.55 28.35 32.38
N GLU C 341 -13.55 27.97 33.16
CA GLU C 341 -13.36 26.90 34.13
C GLU C 341 -13.47 25.54 33.45
N VAL C 342 -14.17 25.49 32.33
CA VAL C 342 -14.21 24.27 31.56
C VAL C 342 -12.86 24.07 30.88
N LEU C 343 -12.33 25.15 30.32
CA LEU C 343 -11.04 25.12 29.67
C LEU C 343 -9.93 24.83 30.66
N ARG C 344 -10.19 24.98 31.95
CA ARG C 344 -9.19 24.61 32.96
C ARG C 344 -9.31 23.14 33.31
N LEU C 345 -10.54 22.71 33.59
CA LEU C 345 -10.81 21.37 34.08
C LEU C 345 -10.67 20.31 33.01
N ARG C 346 -11.09 20.64 31.80
CA ARG C 346 -11.03 19.71 30.68
C ARG C 346 -10.48 20.46 29.49
N PRO C 347 -9.17 20.66 29.47
CA PRO C 347 -8.56 21.40 28.36
C PRO C 347 -8.72 20.64 27.04
N VAL C 348 -8.85 21.38 25.95
CA VAL C 348 -8.99 20.79 24.64
C VAL C 348 -7.76 19.97 24.33
N ALA C 349 -6.62 20.51 24.71
CA ALA C 349 -5.35 19.84 24.54
C ALA C 349 -4.64 19.76 25.90
N PRO C 350 -4.88 18.68 26.65
CA PRO C 350 -4.30 18.50 27.97
C PRO C 350 -2.80 18.31 27.98
N MET C 351 -2.21 18.07 26.81
CA MET C 351 -0.77 18.00 26.68
C MET C 351 -0.32 18.84 25.50
N LEU C 352 -1.11 19.86 25.20
CA LEU C 352 -0.86 20.76 24.08
C LEU C 352 -0.67 19.95 22.83
N ILE C 353 0.33 20.35 22.04
CA ILE C 353 0.84 19.55 20.95
C ILE C 353 2.33 19.40 21.24
N PRO C 354 2.93 18.28 20.84
CA PRO C 354 4.34 18.12 21.22
C PRO C 354 5.25 19.17 20.60
N HIS C 355 6.20 19.63 21.40
CA HIS C 355 7.21 20.56 20.93
C HIS C 355 8.51 19.82 20.71
N LYS C 356 9.47 20.52 20.17
CA LYS C 356 10.78 19.95 19.95
C LYS C 356 11.86 21.03 20.08
N ALA C 357 12.97 20.66 20.70
CA ALA C 357 14.11 21.55 20.80
C ALA C 357 14.81 21.70 19.47
N ASN C 358 14.85 22.92 18.96
CA ASN C 358 15.51 23.19 17.70
C ASN C 358 17.01 23.29 17.89
N VAL C 359 17.44 23.51 19.13
CA VAL C 359 18.84 23.66 19.44
C VAL C 359 19.13 23.14 20.83
N ASP C 360 20.39 22.85 21.11
CA ASP C 360 20.79 22.54 22.48
C ASP C 360 20.38 23.72 23.32
N SER C 361 19.74 23.44 24.44
CA SER C 361 19.19 24.48 25.28
C SER C 361 19.00 23.93 26.68
N SER C 362 18.17 24.58 27.49
CA SER C 362 17.94 24.11 28.85
C SER C 362 16.54 24.45 29.35
N ILE C 363 16.09 23.71 30.34
CA ILE C 363 14.83 23.96 31.00
C ILE C 363 15.04 23.81 32.49
N GLY C 364 14.84 24.86 33.25
CA GLY C 364 15.20 24.85 34.65
C GLY C 364 16.69 24.63 34.77
N GLU C 365 17.09 23.72 35.64
CA GLU C 365 18.51 23.47 35.90
C GLU C 365 19.12 22.52 34.87
N PHE C 366 18.31 22.06 33.93
CA PHE C 366 18.63 20.87 33.14
C PHE C 366 18.98 21.09 31.68
N ALA C 367 19.94 20.32 31.19
CA ALA C 367 20.32 20.38 29.80
C ALA C 367 19.29 19.64 28.95
N VAL C 368 19.05 20.14 27.74
CA VAL C 368 18.17 19.49 26.78
C VAL C 368 18.81 19.52 25.41
N ASP C 369 19.04 18.35 24.83
CA ASP C 369 19.72 18.25 23.54
C ASP C 369 18.80 18.57 22.40
N LYS C 370 19.38 19.16 21.35
CA LYS C 370 18.70 19.38 20.10
C LYS C 370 18.00 18.12 19.68
N GLY C 371 16.75 18.26 19.25
CA GLY C 371 16.04 17.15 18.66
C GLY C 371 15.12 16.48 19.64
N THR C 372 15.24 16.87 20.89
CA THR C 372 14.47 16.27 21.95
C THR C 372 12.99 16.70 21.90
N GLU C 373 12.10 15.72 22.07
CA GLU C 373 10.68 16.00 22.19
C GLU C 373 10.39 16.57 23.54
N VAL C 374 9.58 17.62 23.58
CA VAL C 374 9.22 18.26 24.83
C VAL C 374 7.72 18.41 24.91
N ILE C 375 7.15 17.89 25.98
CA ILE C 375 5.72 17.93 26.19
C ILE C 375 5.34 18.67 27.45
N ILE C 376 4.44 19.63 27.29
CA ILE C 376 3.87 20.35 28.43
C ILE C 376 2.61 19.65 28.90
N ASN C 377 2.60 19.26 30.16
CA ASN C 377 1.42 18.64 30.72
C ASN C 377 0.51 19.69 31.30
N LEU C 378 -0.35 20.24 30.45
CA LEU C 378 -1.20 21.36 30.83
C LEU C 378 -2.15 20.91 31.90
N TRP C 379 -2.49 19.63 31.87
CA TRP C 379 -3.40 19.08 32.86
C TRP C 379 -2.81 19.27 34.24
N ALA C 380 -1.52 19.03 34.35
CA ALA C 380 -0.83 19.18 35.61
C ALA C 380 -0.84 20.65 36.05
N LEU C 381 -0.62 21.56 35.11
CA LEU C 381 -0.61 22.97 35.42
C LEU C 381 -1.97 23.41 35.96
N HIS C 382 -3.04 22.86 35.38
CA HIS C 382 -4.39 23.26 35.72
C HIS C 382 -4.95 22.59 36.96
N HIS C 383 -4.23 21.61 37.49
CA HIS C 383 -4.67 20.89 38.67
C HIS C 383 -3.63 20.95 39.80
N ASN C 384 -2.63 21.80 39.66
CA ASN C 384 -1.64 21.97 40.71
C ASN C 384 -2.29 22.46 41.99
N GLU C 385 -2.18 21.66 43.03
CA GLU C 385 -2.87 21.91 44.30
C GLU C 385 -2.45 23.22 44.97
N LYS C 386 -1.18 23.58 44.85
CA LYS C 386 -0.72 24.77 45.52
C LYS C 386 -0.97 26.03 44.70
N GLU C 387 -1.56 25.89 43.51
CA GLU C 387 -1.85 27.04 42.64
C GLU C 387 -3.33 27.28 42.40
N TRP C 388 -4.16 26.29 42.75
CA TRP C 388 -5.60 26.41 42.61
C TRP C 388 -6.23 25.89 43.88
N HIS C 389 -7.36 26.48 44.27
CA HIS C 389 -8.06 25.95 45.41
C HIS C 389 -9.03 24.87 44.95
N GLN C 390 -8.83 23.66 45.45
CA GLN C 390 -9.68 22.52 45.13
C GLN C 390 -9.86 22.37 43.64
N PRO C 391 -8.79 21.95 42.96
CA PRO C 391 -8.69 21.95 41.49
C PRO C 391 -9.62 20.93 40.86
N ASP C 392 -10.03 19.94 41.63
CA ASP C 392 -10.83 18.84 41.11
C ASP C 392 -12.29 19.26 41.01
N GLN C 393 -12.63 20.39 41.64
CA GLN C 393 -14.00 20.88 41.66
C GLN C 393 -14.32 21.86 40.53
N PHE C 394 -15.52 21.75 39.99
CA PHE C 394 -16.00 22.72 39.02
C PHE C 394 -16.57 23.94 39.73
N MET C 395 -15.80 25.02 39.75
CA MET C 395 -16.19 26.24 40.45
C MET C 395 -15.88 27.46 39.62
N PRO C 396 -16.83 27.90 38.78
CA PRO C 396 -16.57 29.10 37.98
C PRO C 396 -16.31 30.35 38.82
N GLU C 397 -16.73 30.30 40.08
CA GLU C 397 -16.55 31.41 41.01
C GLU C 397 -15.09 31.83 41.10
N ARG C 398 -14.17 30.89 40.94
CA ARG C 398 -12.76 31.19 41.12
C ARG C 398 -12.28 32.30 40.20
N PHE C 399 -12.98 32.51 39.09
CA PHE C 399 -12.57 33.49 38.11
C PHE C 399 -13.27 34.84 38.29
N LEU C 400 -13.97 34.99 39.41
CA LEU C 400 -14.65 36.24 39.73
C LEU C 400 -14.21 36.82 41.05
N ASN C 401 -14.34 38.13 41.18
CA ASN C 401 -14.15 38.80 42.46
C ASN C 401 -15.28 38.41 43.40
N PRO C 402 -15.15 38.76 44.68
CA PRO C 402 -16.18 38.32 45.62
C PRO C 402 -17.53 38.92 45.33
N ALA C 403 -17.54 40.15 44.80
CA ALA C 403 -18.77 40.83 44.45
C ALA C 403 -19.53 40.11 43.34
N GLY C 404 -18.80 39.76 42.28
CA GLY C 404 -19.39 39.17 41.10
C GLY C 404 -19.40 40.15 39.94
N THR C 405 -18.66 41.24 40.08
CA THR C 405 -18.71 42.35 39.12
C THR C 405 -17.51 42.45 38.19
N GLN C 406 -16.47 41.68 38.41
CA GLN C 406 -15.41 41.58 37.41
C GLN C 406 -14.65 40.26 37.45
N LEU C 407 -14.09 39.91 36.30
CA LEU C 407 -13.33 38.66 36.15
C LEU C 407 -11.94 38.86 36.66
N ILE C 408 -11.39 37.82 37.28
CA ILE C 408 -10.02 37.87 37.75
C ILE C 408 -9.21 36.69 37.25
N SER C 409 -7.90 36.77 37.39
CA SER C 409 -7.01 35.67 37.06
C SER C 409 -6.41 35.12 38.34
N PRO C 410 -7.03 34.08 38.91
CA PRO C 410 -6.60 33.59 40.22
C PRO C 410 -5.25 32.87 40.23
N SER C 411 -4.79 32.39 39.08
CA SER C 411 -3.57 31.62 39.03
C SER C 411 -2.72 31.97 37.83
N VAL C 412 -1.40 31.92 38.00
CA VAL C 412 -0.51 32.09 36.86
C VAL C 412 -0.26 30.75 36.16
N SER C 413 -0.94 29.72 36.65
CA SER C 413 -0.79 28.38 36.11
C SER C 413 -1.99 28.01 35.25
N TYR C 414 -2.25 28.82 34.23
CA TYR C 414 -3.42 28.66 33.38
C TYR C 414 -3.05 29.08 31.98
N LEU C 415 -3.04 28.12 31.06
CA LEU C 415 -2.66 28.38 29.68
C LEU C 415 -3.46 27.56 28.69
N PRO C 416 -4.80 27.72 28.68
CA PRO C 416 -5.69 26.92 27.83
C PRO C 416 -5.41 27.07 26.34
N PHE C 417 -4.88 28.20 25.92
CA PHE C 417 -4.54 28.40 24.51
C PHE C 417 -3.05 28.42 24.27
N GLY C 418 -2.29 27.94 25.25
CA GLY C 418 -0.84 27.93 25.15
C GLY C 418 -0.24 29.32 25.23
N ALA C 419 0.97 29.45 24.73
CA ALA C 419 1.64 30.74 24.70
C ALA C 419 2.88 30.65 23.84
N GLY C 420 3.40 31.81 23.45
CA GLY C 420 4.59 31.87 22.64
C GLY C 420 4.34 31.55 21.18
N PRO C 421 5.40 31.18 20.45
CA PRO C 421 5.39 30.98 19.01
C PRO C 421 4.36 29.97 18.50
N ARG C 422 4.07 28.92 19.25
CA ARG C 422 3.16 27.91 18.76
C ARG C 422 1.76 28.05 19.34
N SER C 423 1.48 29.19 19.98
CA SER C 423 0.18 29.40 20.62
C SER C 423 -0.97 29.39 19.62
N CYS C 424 -2.17 29.15 20.13
CA CYS C 424 -3.36 29.02 19.31
C CYS C 424 -3.60 30.26 18.49
N ILE C 425 -3.79 30.08 17.19
CA ILE C 425 -4.14 31.21 16.34
C ILE C 425 -5.65 31.40 16.18
N GLY C 426 -6.44 30.48 16.71
CA GLY C 426 -7.87 30.56 16.63
C GLY C 426 -8.54 30.98 17.92
N GLU C 427 -7.78 31.60 18.82
CA GLU C 427 -8.30 31.93 20.12
C GLU C 427 -9.43 32.92 20.07
N ILE C 428 -9.27 33.99 19.31
CA ILE C 428 -10.32 34.99 19.18
C ILE C 428 -11.60 34.34 18.66
N LEU C 429 -11.46 33.54 17.61
CA LEU C 429 -12.62 32.86 17.04
C LEU C 429 -13.29 31.96 18.05
N ALA C 430 -12.50 31.19 18.80
CA ALA C 430 -13.07 30.20 19.69
C ALA C 430 -13.82 30.88 20.81
N ARG C 431 -13.24 31.93 21.37
CA ARG C 431 -13.85 32.59 22.50
C ARG C 431 -15.19 33.20 22.11
N GLN C 432 -15.26 33.76 20.91
CA GLN C 432 -16.49 34.38 20.43
C GLN C 432 -17.55 33.32 20.15
N GLU C 433 -17.18 32.27 19.43
CA GLU C 433 -18.09 31.16 19.18
C GLU C 433 -18.67 30.57 20.46
N LEU C 434 -17.79 30.21 21.39
CA LEU C 434 -18.21 29.57 22.63
C LEU C 434 -19.16 30.45 23.42
N PHE C 435 -18.81 31.73 23.55
CA PHE C 435 -19.63 32.65 24.30
C PHE C 435 -21.02 32.77 23.69
N LEU C 436 -21.06 33.09 22.41
CA LEU C 436 -22.32 33.31 21.73
C LEU C 436 -23.20 32.07 21.74
N ILE C 437 -22.60 30.91 21.48
CA ILE C 437 -23.40 29.69 21.44
C ILE C 437 -24.06 29.47 22.77
N MET C 438 -23.31 29.53 23.85
CA MET C 438 -23.87 29.27 25.17
C MET C 438 -24.86 30.37 25.55
N ALA C 439 -24.61 31.58 25.09
CA ALA C 439 -25.48 32.71 25.40
C ALA C 439 -26.85 32.49 24.78
N TRP C 440 -26.89 32.28 23.45
CA TRP C 440 -28.14 32.12 22.74
C TRP C 440 -28.89 30.90 23.21
N LEU C 441 -28.18 29.88 23.66
CA LEU C 441 -28.82 28.62 24.04
C LEU C 441 -29.53 28.76 25.36
N LEU C 442 -28.89 29.47 26.29
CA LEU C 442 -29.45 29.65 27.61
C LEU C 442 -30.64 30.61 27.59
N GLN C 443 -30.56 31.64 26.75
CA GLN C 443 -31.66 32.56 26.55
C GLN C 443 -32.92 31.78 26.22
N ARG C 444 -32.77 30.79 25.35
CA ARG C 444 -33.89 30.22 24.62
C ARG C 444 -34.34 28.85 25.11
N PHE C 445 -33.49 28.11 25.80
CA PHE C 445 -33.80 26.70 26.09
C PHE C 445 -33.52 26.28 27.51
N ASP C 446 -34.44 25.50 28.07
CA ASP C 446 -34.13 24.74 29.26
C ASP C 446 -33.40 23.50 28.78
N LEU C 447 -32.31 23.15 29.46
CA LEU C 447 -31.50 22.02 29.06
C LEU C 447 -31.36 21.12 30.25
N GLU C 448 -32.05 19.99 30.20
CA GLU C 448 -32.18 19.17 31.38
C GLU C 448 -31.75 17.72 31.15
N VAL C 449 -31.48 17.03 32.24
CA VAL C 449 -31.22 15.62 32.22
C VAL C 449 -32.39 14.91 31.53
N PRO C 450 -32.10 13.92 30.69
CA PRO C 450 -33.19 13.18 30.03
C PRO C 450 -34.03 12.46 31.08
N ASP C 451 -35.27 12.12 30.73
CA ASP C 451 -36.18 11.53 31.70
C ASP C 451 -35.62 10.20 32.23
N ASP C 452 -34.92 9.49 31.36
CA ASP C 452 -34.12 8.34 31.77
C ASP C 452 -32.84 8.91 32.38
N GLY C 453 -32.92 9.25 33.67
CA GLY C 453 -32.01 10.21 34.27
C GLY C 453 -30.55 9.82 34.38
N GLN C 454 -29.89 9.70 33.24
CA GLN C 454 -28.47 9.38 33.22
C GLN C 454 -27.66 10.60 32.85
N LEU C 455 -26.66 10.88 33.68
CA LEU C 455 -25.76 12.00 33.48
C LEU C 455 -24.62 11.62 32.57
N PRO C 456 -24.13 12.57 31.78
CA PRO C 456 -22.95 12.29 30.96
C PRO C 456 -21.74 12.00 31.83
N SER C 457 -20.89 11.09 31.35
CA SER C 457 -19.64 10.79 32.01
C SER C 457 -18.71 11.95 31.77
N LEU C 458 -17.99 12.37 32.80
CA LEU C 458 -17.06 13.47 32.69
C LEU C 458 -15.64 12.94 32.61
N GLU C 459 -15.52 11.62 32.44
CA GLU C 459 -14.21 10.98 32.42
C GLU C 459 -13.43 11.41 31.21
N GLY C 460 -14.12 11.47 30.07
CA GLY C 460 -13.54 11.97 28.84
C GLY C 460 -12.81 10.91 28.07
N ILE C 461 -12.54 11.22 26.81
CA ILE C 461 -11.80 10.32 25.94
C ILE C 461 -10.63 11.03 25.26
N PRO C 462 -9.40 10.82 25.75
CA PRO C 462 -8.26 11.51 25.17
C PRO C 462 -7.95 11.04 23.75
N LYS C 463 -8.00 11.99 22.83
CA LYS C 463 -7.51 11.80 21.49
C LYS C 463 -6.67 13.02 21.18
N VAL C 464 -6.57 13.39 19.92
CA VAL C 464 -5.80 14.59 19.55
C VAL C 464 -6.52 15.81 20.10
N VAL C 465 -7.81 15.64 20.37
CA VAL C 465 -8.58 16.56 21.19
C VAL C 465 -9.16 15.78 22.35
N PHE C 466 -9.34 16.43 23.50
CA PHE C 466 -9.93 15.77 24.66
C PHE C 466 -11.43 15.75 24.52
N LEU C 467 -11.97 14.59 24.13
CA LEU C 467 -13.38 14.47 23.83
C LEU C 467 -14.18 13.94 25.01
N ILE C 468 -15.50 14.11 24.91
CA ILE C 468 -16.42 13.56 25.91
C ILE C 468 -17.29 12.51 25.23
N ASP C 469 -17.65 11.47 25.99
CA ASP C 469 -18.61 10.48 25.54
C ASP C 469 -19.89 11.17 25.13
N SER C 470 -20.50 10.69 24.04
CA SER C 470 -21.77 11.24 23.61
C SER C 470 -22.82 11.05 24.69
N PHE C 471 -23.72 12.00 24.78
CA PHE C 471 -24.77 11.98 25.80
C PHE C 471 -25.96 12.74 25.28
N LYS C 472 -27.12 12.51 25.90
CA LYS C 472 -28.35 13.17 25.46
C LYS C 472 -28.78 14.23 26.44
N VAL C 473 -29.51 15.22 25.93
CA VAL C 473 -30.03 16.31 26.76
C VAL C 473 -31.50 16.56 26.43
N LYS C 474 -32.33 16.66 27.45
CA LYS C 474 -33.71 17.02 27.21
C LYS C 474 -33.73 18.51 26.96
N ILE C 475 -34.31 18.90 25.83
CA ILE C 475 -34.33 20.30 25.46
C ILE C 475 -35.78 20.77 25.37
N LYS C 476 -36.03 21.93 25.94
CA LYS C 476 -37.35 22.53 25.93
C LYS C 476 -37.23 24.02 25.81
N VAL C 477 -38.05 24.62 24.96
CA VAL C 477 -38.11 26.06 24.86
C VAL C 477 -38.57 26.61 26.20
N ARG C 478 -38.01 27.76 26.56
CA ARG C 478 -38.30 28.35 27.85
C ARG C 478 -39.63 29.10 27.85
N GLN C 479 -40.40 28.88 28.91
CA GLN C 479 -41.64 29.60 29.14
C GLN C 479 -41.42 31.10 28.92
N ALA C 480 -40.39 31.64 29.57
CA ALA C 480 -40.07 33.07 29.47
C ALA C 480 -39.83 33.52 28.04
N TRP C 481 -39.13 32.70 27.26
CA TRP C 481 -38.82 33.07 25.88
C TRP C 481 -40.11 33.16 25.07
N ARG C 482 -41.03 32.24 25.34
CA ARG C 482 -42.32 32.23 24.66
C ARG C 482 -43.06 33.51 25.00
N GLU C 483 -43.31 33.70 26.30
CA GLU C 483 -44.11 34.81 26.79
C GLU C 483 -43.72 36.14 26.17
N ALA C 484 -42.42 36.32 25.91
CA ALA C 484 -41.92 37.61 25.47
C ALA C 484 -42.00 37.82 23.96
N GLN C 485 -42.68 36.94 23.26
CA GLN C 485 -42.78 37.06 21.81
C GLN C 485 -44.02 37.84 21.40
N SER D 12 -26.15 16.82 -43.10
CA SER D 12 -25.82 17.66 -41.95
C SER D 12 -24.54 18.45 -42.18
N LEU D 13 -24.53 19.69 -41.70
CA LEU D 13 -23.55 20.67 -42.11
C LEU D 13 -22.79 21.26 -40.93
N LEU D 14 -23.15 20.86 -39.73
CA LEU D 14 -22.53 21.38 -38.51
C LEU D 14 -21.37 20.50 -38.08
N SER D 15 -20.45 21.05 -37.31
CA SER D 15 -19.31 20.27 -36.85
C SER D 15 -19.04 20.37 -35.36
N LEU D 16 -18.80 19.19 -34.80
CA LEU D 16 -18.53 19.04 -33.38
C LEU D 16 -17.28 19.77 -32.98
N PRO D 17 -17.22 20.17 -31.71
CA PRO D 17 -15.92 20.67 -31.23
C PRO D 17 -14.90 19.54 -31.11
N LEU D 18 -13.70 19.81 -31.59
CA LEU D 18 -12.57 18.94 -31.38
C LEU D 18 -11.78 19.50 -30.21
N VAL D 19 -11.82 18.80 -29.07
CA VAL D 19 -11.23 19.31 -27.85
C VAL D 19 -9.95 18.55 -27.45
N GLY D 20 -9.48 17.69 -28.34
CA GLY D 20 -8.29 16.91 -28.09
C GLY D 20 -7.79 16.32 -29.40
N SER D 21 -6.49 16.37 -29.61
CA SER D 21 -5.91 15.88 -30.84
C SER D 21 -4.44 15.52 -30.67
N LEU D 22 -4.11 14.29 -31.00
CA LEU D 22 -2.73 13.89 -31.17
C LEU D 22 -2.64 13.40 -32.59
N PRO D 23 -2.22 14.28 -33.51
CA PRO D 23 -2.45 13.97 -34.92
C PRO D 23 -1.56 12.84 -35.41
N PHE D 24 -0.54 12.47 -34.66
CA PHE D 24 0.33 11.38 -35.07
C PHE D 24 0.72 10.52 -33.88
N LEU D 25 1.00 9.25 -34.14
CA LEU D 25 1.42 8.32 -33.11
C LEU D 25 2.66 7.56 -33.57
N PRO D 26 3.57 7.26 -32.63
CA PRO D 26 4.81 6.59 -33.07
C PRO D 26 4.66 5.11 -33.41
N ARG D 27 5.75 4.56 -33.91
CA ARG D 27 5.75 3.29 -34.62
C ARG D 27 6.45 2.22 -33.79
N HIS D 28 6.31 2.33 -32.47
CA HIS D 28 6.93 1.44 -31.48
C HIS D 28 8.45 1.59 -31.37
N GLY D 29 9.02 2.52 -32.14
CA GLY D 29 10.45 2.80 -32.07
C GLY D 29 10.83 3.43 -30.75
N HIS D 30 11.99 4.08 -30.71
CA HIS D 30 12.45 4.75 -29.50
C HIS D 30 11.96 6.19 -29.45
N MET D 31 11.60 6.66 -28.26
CA MET D 31 11.10 8.01 -28.06
C MET D 31 11.97 9.08 -28.70
N HIS D 32 13.26 9.04 -28.41
CA HIS D 32 14.16 10.10 -28.85
C HIS D 32 14.22 10.16 -30.37
N ASN D 33 14.00 9.00 -30.99
CA ASN D 33 14.01 8.92 -32.43
C ASN D 33 12.70 9.43 -33.01
N ASN D 34 11.59 9.08 -32.37
CA ASN D 34 10.30 9.58 -32.82
C ASN D 34 10.20 11.08 -32.66
N PHE D 35 10.74 11.63 -31.57
CA PHE D 35 10.77 13.07 -31.40
C PHE D 35 11.63 13.71 -32.47
N PHE D 36 12.71 13.05 -32.86
CA PHE D 36 13.60 13.55 -33.89
C PHE D 36 12.84 13.61 -35.21
N LYS D 37 12.24 12.50 -35.61
CA LYS D 37 11.52 12.43 -36.86
C LYS D 37 10.42 13.49 -36.97
N LEU D 38 9.82 13.86 -35.84
CA LEU D 38 8.79 14.88 -35.84
C LEU D 38 9.31 16.27 -36.20
N GLN D 39 10.62 16.46 -36.12
CA GLN D 39 11.20 17.77 -36.37
C GLN D 39 11.07 18.18 -37.85
N LYS D 40 10.91 17.20 -38.73
CA LYS D 40 10.77 17.47 -40.16
C LYS D 40 9.46 18.16 -40.42
N LYS D 41 8.46 17.84 -39.61
CA LYS D 41 7.13 18.40 -39.75
C LYS D 41 6.98 19.67 -38.95
N TYR D 42 7.53 19.69 -37.74
CA TYR D 42 7.20 20.76 -36.78
C TYR D 42 8.37 21.65 -36.38
N GLY D 43 9.56 21.36 -36.86
CA GLY D 43 10.71 22.18 -36.53
C GLY D 43 11.49 21.67 -35.34
N PRO D 44 12.50 22.44 -34.90
CA PRO D 44 13.43 22.06 -33.84
C PRO D 44 12.92 22.28 -32.42
N ILE D 45 11.75 22.87 -32.26
CA ILE D 45 11.20 23.09 -30.95
C ILE D 45 9.70 23.05 -31.02
N TYR D 46 9.10 22.20 -30.18
CA TYR D 46 7.65 22.08 -30.15
C TYR D 46 7.18 21.58 -28.80
N SER D 47 5.87 21.61 -28.59
CA SER D 47 5.33 21.34 -27.27
C SER D 47 4.15 20.41 -27.35
N VAL D 48 3.83 19.79 -26.23
CA VAL D 48 2.67 18.92 -26.10
C VAL D 48 1.98 19.31 -24.82
N ARG D 49 0.65 19.37 -24.85
CA ARG D 49 -0.13 19.77 -23.69
C ARG D 49 -1.07 18.66 -23.28
N MET D 50 -1.16 18.45 -21.98
CA MET D 50 -2.02 17.40 -21.45
C MET D 50 -2.63 17.94 -20.17
N GLY D 51 -3.91 18.24 -20.25
CA GLY D 51 -4.58 19.00 -19.22
C GLY D 51 -3.81 20.25 -18.87
N THR D 52 -3.22 20.23 -17.70
CA THR D 52 -2.60 21.39 -17.13
C THR D 52 -1.10 21.42 -17.44
N LYS D 53 -0.52 20.24 -17.67
CA LYS D 53 0.91 20.12 -17.92
C LYS D 53 1.27 20.45 -19.36
N THR D 54 2.44 21.06 -19.53
CA THR D 54 2.99 21.31 -20.85
C THR D 54 4.44 20.85 -20.87
N THR D 55 4.83 20.19 -21.95
CA THR D 55 6.21 19.77 -22.12
C THR D 55 6.77 20.34 -23.41
N VAL D 56 8.00 20.84 -23.35
CA VAL D 56 8.69 21.29 -24.54
C VAL D 56 9.83 20.33 -24.88
N ILE D 57 9.95 20.03 -26.16
CA ILE D 57 11.05 19.22 -26.66
C ILE D 57 11.92 20.10 -27.55
N VAL D 58 13.23 20.07 -27.28
CA VAL D 58 14.19 20.89 -27.98
C VAL D 58 15.18 20.01 -28.71
N GLY D 59 15.43 20.30 -29.98
CA GLY D 59 16.22 19.43 -30.82
C GLY D 59 17.21 20.12 -31.74
N HIS D 60 17.78 21.23 -31.29
CA HIS D 60 18.81 21.91 -32.04
C HIS D 60 19.79 22.58 -31.09
N HIS D 61 21.08 22.53 -31.41
CA HIS D 61 22.12 22.88 -30.46
C HIS D 61 22.03 24.31 -29.98
N GLN D 62 21.50 25.19 -30.83
CA GLN D 62 21.43 26.60 -30.52
C GLN D 62 20.44 26.81 -29.41
N LEU D 63 19.31 26.15 -29.55
CA LEU D 63 18.23 26.24 -28.58
C LEU D 63 18.58 25.51 -27.30
N ALA D 64 19.20 24.33 -27.44
CA ALA D 64 19.61 23.55 -26.28
C ALA D 64 20.61 24.30 -25.40
N LYS D 65 21.59 24.96 -26.01
CA LYS D 65 22.61 25.66 -25.23
C LYS D 65 22.01 26.86 -24.54
N GLU D 66 20.94 27.40 -25.09
CA GLU D 66 20.27 28.52 -24.47
C GLU D 66 19.63 28.02 -23.16
N VAL D 67 19.08 26.81 -23.23
CA VAL D 67 18.45 26.19 -22.09
C VAL D 67 19.45 25.76 -21.04
N LEU D 68 20.55 25.16 -21.48
CA LEU D 68 21.53 24.60 -20.55
C LEU D 68 22.52 25.62 -20.01
N ILE D 69 22.91 26.60 -20.83
CA ILE D 69 23.97 27.51 -20.45
C ILE D 69 23.51 28.95 -20.28
N LYS D 70 23.10 29.59 -21.38
CA LYS D 70 22.76 31.01 -21.37
C LYS D 70 21.69 31.31 -20.34
N LYS D 71 20.69 30.45 -20.26
CA LYS D 71 19.63 30.65 -19.30
C LYS D 71 19.56 29.45 -18.35
N GLY D 72 20.71 28.84 -18.11
CA GLY D 72 20.82 27.68 -17.25
C GLY D 72 20.07 27.74 -15.92
N LYS D 73 20.21 28.86 -15.21
CA LYS D 73 19.53 29.05 -13.94
C LYS D 73 18.01 28.98 -14.11
N ASP D 74 17.51 29.54 -15.19
CA ASP D 74 16.08 29.61 -15.42
C ASP D 74 15.49 28.23 -15.61
N PHE D 75 16.26 27.34 -16.22
CA PHE D 75 15.77 26.01 -16.57
C PHE D 75 16.44 24.87 -15.79
N SER D 76 16.88 25.16 -14.57
CA SER D 76 17.65 24.19 -13.79
C SER D 76 16.81 23.34 -12.85
N GLY D 77 15.50 23.45 -12.95
CA GLY D 77 14.63 22.64 -12.13
C GLY D 77 14.47 21.24 -12.67
N ARG D 78 13.84 20.40 -11.87
CA ARG D 78 13.51 19.05 -12.30
C ARG D 78 12.01 18.87 -12.08
N PRO D 79 11.34 18.24 -13.02
CA PRO D 79 9.93 17.99 -12.79
C PRO D 79 9.73 16.85 -11.79
N GLN D 80 8.61 16.88 -11.11
CA GLN D 80 8.18 15.86 -10.21
C GLN D 80 7.56 14.69 -10.99
N MET D 81 8.05 13.49 -10.76
CA MET D 81 7.47 12.30 -11.34
C MET D 81 7.30 11.26 -10.27
N ALA D 82 6.21 10.50 -10.35
CA ALA D 82 5.89 9.51 -9.35
C ALA D 82 6.97 8.44 -9.24
N THR D 83 7.49 8.02 -10.38
CA THR D 83 8.49 6.97 -10.40
C THR D 83 9.75 7.47 -9.72
N LEU D 84 10.13 8.71 -10.02
CA LEU D 84 11.33 9.30 -9.43
C LEU D 84 11.18 9.64 -7.95
N ASP D 85 9.96 9.92 -7.51
CA ASP D 85 9.70 10.21 -6.11
C ASP D 85 10.14 9.04 -5.24
N ILE D 86 9.92 7.83 -5.75
CA ILE D 86 10.18 6.62 -5.01
C ILE D 86 11.66 6.43 -4.93
N LEU D 87 12.34 6.52 -6.06
CA LEU D 87 13.78 6.33 -6.09
C LEU D 87 14.52 7.38 -5.26
N SER D 88 14.03 8.61 -5.26
CA SER D 88 14.77 9.72 -4.72
C SER D 88 14.32 10.12 -3.34
N ASN D 89 13.49 9.28 -2.74
CA ASN D 89 12.92 9.59 -1.43
C ASN D 89 12.29 10.98 -1.41
N ASN D 90 11.33 11.17 -2.32
CA ASN D 90 10.67 12.47 -2.50
C ASN D 90 11.60 13.61 -2.81
N ARG D 91 12.29 13.48 -3.93
CA ARG D 91 13.06 14.58 -4.52
C ARG D 91 14.24 15.03 -3.68
N LYS D 92 14.90 14.09 -3.05
CA LYS D 92 16.19 14.36 -2.42
C LYS D 92 17.32 13.89 -3.36
N GLY D 93 18.55 13.96 -2.88
CA GLY D 93 19.70 13.59 -3.69
C GLY D 93 20.20 14.73 -4.55
N ILE D 94 20.75 14.40 -5.70
CA ILE D 94 21.24 15.40 -6.63
C ILE D 94 20.49 15.38 -7.97
N ALA D 95 20.48 14.22 -8.62
CA ALA D 95 20.00 14.12 -10.00
C ALA D 95 18.52 14.43 -10.19
N PHE D 96 17.69 14.15 -9.20
CA PHE D 96 16.25 14.28 -9.37
C PHE D 96 15.66 15.28 -8.40
N ALA D 97 16.52 16.00 -7.72
CA ALA D 97 16.09 17.02 -6.80
C ALA D 97 15.87 18.29 -7.57
N ASP D 98 14.85 19.03 -7.19
CA ASP D 98 14.61 20.32 -7.76
C ASP D 98 15.75 21.25 -7.40
N SER D 99 15.91 22.31 -8.19
CA SER D 99 16.87 23.34 -7.84
C SER D 99 16.41 23.96 -6.54
N GLY D 100 17.36 24.46 -5.77
CA GLY D 100 17.08 24.86 -4.41
C GLY D 100 18.27 24.61 -3.51
N ALA D 101 18.08 24.81 -2.22
CA ALA D 101 19.17 24.74 -1.26
C ALA D 101 19.74 23.33 -1.14
N HIS D 102 18.89 22.32 -1.03
CA HIS D 102 19.34 20.92 -0.93
C HIS D 102 20.26 20.58 -2.08
N TRP D 103 19.75 20.73 -3.30
CA TRP D 103 20.47 20.37 -4.51
C TRP D 103 21.82 21.06 -4.56
N GLN D 104 21.81 22.35 -4.29
CA GLN D 104 23.01 23.14 -4.44
C GLN D 104 24.07 22.69 -3.45
N LEU D 105 23.66 22.46 -2.21
CA LEU D 105 24.56 22.03 -1.17
C LEU D 105 25.15 20.66 -1.47
N HIS D 106 24.28 19.69 -1.76
CA HIS D 106 24.76 18.34 -1.99
C HIS D 106 25.58 18.21 -3.26
N ARG D 107 25.24 18.99 -4.27
CA ARG D 107 26.01 18.96 -5.52
C ARG D 107 27.41 19.52 -5.26
N ARG D 108 27.47 20.61 -4.52
CA ARG D 108 28.73 21.22 -4.13
C ARG D 108 29.59 20.24 -3.31
N LEU D 109 28.99 19.64 -2.30
CA LEU D 109 29.70 18.69 -1.44
C LEU D 109 30.21 17.50 -2.23
N ALA D 110 29.40 16.98 -3.14
CA ALA D 110 29.83 15.87 -3.95
C ALA D 110 30.99 16.28 -4.81
N MET D 111 30.95 17.51 -5.33
CA MET D 111 32.03 17.98 -6.18
C MET D 111 33.29 18.17 -5.36
N ALA D 112 33.14 18.72 -4.16
CA ALA D 112 34.27 18.96 -3.26
C ALA D 112 34.96 17.65 -2.85
N THR D 113 34.23 16.54 -2.95
CA THR D 113 34.76 15.25 -2.62
C THR D 113 35.76 14.77 -3.67
N PHE D 114 35.50 15.03 -4.94
CA PHE D 114 36.38 14.56 -6.01
C PHE D 114 37.70 15.30 -5.96
N ALA D 115 37.72 16.41 -5.24
CA ALA D 115 38.93 17.19 -5.03
C ALA D 115 39.91 16.41 -4.17
N LEU D 116 39.38 15.61 -3.25
CA LEU D 116 40.21 14.81 -2.37
C LEU D 116 40.87 13.65 -3.08
N PHE D 117 40.66 13.53 -4.40
CA PHE D 117 41.22 12.41 -5.16
C PHE D 117 42.03 12.87 -6.37
N LYS D 118 42.38 14.16 -6.43
CA LYS D 118 43.06 14.71 -7.60
C LYS D 118 44.56 14.42 -7.61
N ASP D 119 45.16 14.32 -6.43
CA ASP D 119 46.55 13.89 -6.29
C ASP D 119 46.76 13.24 -4.93
N GLY D 120 47.99 12.81 -4.69
CA GLY D 120 48.35 12.26 -3.41
C GLY D 120 48.30 10.75 -3.38
N ASP D 121 48.11 10.22 -2.17
CA ASP D 121 48.19 8.80 -1.94
C ASP D 121 46.97 8.08 -2.48
N GLN D 122 45.80 8.66 -2.23
CA GLN D 122 44.56 8.13 -2.77
C GLN D 122 44.21 8.87 -4.05
N LYS D 123 45.12 8.82 -5.02
CA LYS D 123 44.90 9.49 -6.30
C LYS D 123 43.94 8.66 -7.14
N LEU D 124 42.96 9.35 -7.72
CA LEU D 124 41.90 8.71 -8.48
C LEU D 124 42.47 7.71 -9.47
N GLU D 125 43.56 8.09 -10.10
CA GLU D 125 44.13 7.27 -11.15
C GLU D 125 44.57 5.90 -10.66
N LYS D 126 45.14 5.85 -9.45
CA LYS D 126 45.66 4.58 -8.96
C LYS D 126 44.57 3.71 -8.37
N ILE D 127 43.60 4.34 -7.69
CA ILE D 127 42.39 3.65 -7.26
C ILE D 127 41.77 2.91 -8.45
N ILE D 128 41.71 3.58 -9.58
CA ILE D 128 41.12 2.99 -10.76
C ILE D 128 41.99 1.86 -11.29
N CYS D 129 43.28 2.14 -11.43
CA CYS D 129 44.22 1.17 -11.99
C CYS D 129 44.29 -0.07 -11.10
N GLN D 130 44.21 0.14 -9.79
CA GLN D 130 44.13 -0.95 -8.84
C GLN D 130 43.03 -1.94 -9.24
N GLU D 131 41.83 -1.44 -9.49
CA GLU D 131 40.69 -2.30 -9.75
C GLU D 131 40.71 -2.87 -11.17
N ILE D 132 41.37 -2.18 -12.08
CA ILE D 132 41.47 -2.68 -13.44
C ILE D 132 42.47 -3.84 -13.48
N SER D 133 43.44 -3.81 -12.58
CA SER D 133 44.36 -4.95 -12.42
C SER D 133 43.58 -6.19 -12.08
N THR D 134 42.79 -6.10 -11.01
CA THR D 134 42.00 -7.21 -10.54
C THR D 134 41.04 -7.69 -11.62
N LEU D 135 40.51 -6.75 -12.39
CA LEU D 135 39.58 -7.07 -13.45
C LEU D 135 40.27 -7.89 -14.52
N CYS D 136 41.48 -7.48 -14.86
CA CYS D 136 42.23 -8.13 -15.93
C CYS D 136 42.69 -9.52 -15.50
N ASP D 137 43.15 -9.66 -14.27
CA ASP D 137 43.53 -10.95 -13.72
C ASP D 137 42.35 -11.93 -13.81
N MET D 138 41.19 -11.48 -13.32
CA MET D 138 40.00 -12.29 -13.37
C MET D 138 39.65 -12.64 -14.81
N LEU D 139 39.69 -11.63 -15.67
CA LEU D 139 39.25 -11.84 -17.04
C LEU D 139 40.16 -12.84 -17.74
N ALA D 140 41.43 -12.85 -17.32
CA ALA D 140 42.42 -13.71 -17.95
C ALA D 140 42.15 -15.18 -17.69
N THR D 141 41.49 -15.48 -16.57
CA THR D 141 41.16 -16.86 -16.25
C THR D 141 40.14 -17.45 -17.23
N HIS D 142 39.43 -16.58 -17.95
CA HIS D 142 38.45 -17.02 -18.94
C HIS D 142 39.08 -17.15 -20.32
N ASN D 143 40.40 -17.17 -20.37
CA ASN D 143 41.15 -17.27 -21.63
C ASN D 143 40.65 -18.41 -22.50
N GLY D 144 40.20 -18.07 -23.71
CA GLY D 144 39.72 -19.06 -24.65
C GLY D 144 38.21 -19.12 -24.74
N GLN D 145 37.54 -18.65 -23.69
CA GLN D 145 36.10 -18.80 -23.57
C GLN D 145 35.30 -17.58 -24.04
N SER D 146 34.03 -17.80 -24.37
CA SER D 146 33.08 -16.73 -24.66
C SER D 146 32.23 -16.37 -23.44
N ILE D 147 32.30 -15.11 -23.00
CA ILE D 147 31.62 -14.68 -21.79
C ILE D 147 30.90 -13.34 -22.00
N ASP D 148 29.94 -13.03 -21.11
CA ASP D 148 29.39 -11.69 -20.96
C ASP D 148 30.22 -10.95 -19.91
N ILE D 149 30.83 -9.83 -20.32
CA ILE D 149 31.76 -9.11 -19.45
C ILE D 149 31.07 -8.14 -18.50
N SER D 150 29.74 -8.18 -18.47
CA SER D 150 28.97 -7.26 -17.67
C SER D 150 29.38 -7.32 -16.22
N PHE D 151 29.29 -8.51 -15.63
CA PHE D 151 29.49 -8.59 -14.18
C PHE D 151 30.92 -8.23 -13.77
N PRO D 152 31.93 -8.75 -14.49
CA PRO D 152 33.30 -8.42 -14.09
C PRO D 152 33.58 -6.92 -14.10
N VAL D 153 33.07 -6.24 -15.12
CA VAL D 153 33.24 -4.79 -15.23
C VAL D 153 32.45 -4.06 -14.14
N PHE D 154 31.23 -4.54 -13.91
CA PHE D 154 30.39 -4.05 -12.81
C PHE D 154 31.14 -4.07 -11.48
N VAL D 155 31.88 -5.14 -11.21
CA VAL D 155 32.62 -5.24 -9.98
C VAL D 155 33.71 -4.20 -9.90
N ALA D 156 34.40 -4.00 -11.01
CA ALA D 156 35.53 -3.08 -11.04
C ALA D 156 35.08 -1.67 -10.69
N VAL D 157 34.08 -1.16 -11.41
CA VAL D 157 33.62 0.19 -11.18
C VAL D 157 32.88 0.33 -9.84
N THR D 158 32.24 -0.75 -9.41
CA THR D 158 31.60 -0.73 -8.11
C THR D 158 32.62 -0.49 -7.01
N ASN D 159 33.75 -1.19 -7.09
CA ASN D 159 34.77 -1.02 -6.06
C ASN D 159 35.37 0.38 -6.09
N VAL D 160 35.55 0.93 -7.29
CA VAL D 160 36.04 2.29 -7.41
C VAL D 160 35.13 3.27 -6.67
N ILE D 161 33.84 3.19 -6.96
CA ILE D 161 32.90 4.14 -6.39
C ILE D 161 32.74 3.88 -4.90
N SER D 162 32.89 2.64 -4.48
CA SER D 162 32.79 2.33 -3.06
C SER D 162 33.95 2.95 -2.28
N LEU D 163 35.15 2.90 -2.88
CA LEU D 163 36.33 3.46 -2.24
C LEU D 163 36.16 4.96 -2.10
N ILE D 164 35.61 5.57 -3.15
CA ILE D 164 35.35 7.00 -3.14
C ILE D 164 34.29 7.38 -2.13
N CYS D 165 33.28 6.54 -1.95
CA CYS D 165 32.18 6.88 -1.05
C CYS D 165 32.48 6.52 0.41
N PHE D 166 33.17 5.40 0.63
CA PHE D 166 33.30 4.84 1.97
C PHE D 166 34.72 4.46 2.37
N ASN D 167 35.66 4.53 1.43
CA ASN D 167 36.97 3.94 1.62
C ASN D 167 36.89 2.43 1.88
N THR D 168 36.02 1.74 1.14
CA THR D 168 35.95 0.29 1.23
C THR D 168 35.75 -0.31 -0.14
N SER D 169 36.03 -1.60 -0.26
CA SER D 169 35.82 -2.31 -1.52
C SER D 169 35.52 -3.75 -1.20
N TYR D 170 35.21 -4.52 -2.23
CA TYR D 170 34.75 -5.88 -2.04
C TYR D 170 35.72 -6.91 -2.58
N LYS D 171 35.92 -7.98 -1.80
CA LYS D 171 36.69 -9.13 -2.25
C LYS D 171 35.94 -9.75 -3.41
N ASN D 172 36.67 -10.47 -4.28
CA ASN D 172 36.00 -11.26 -5.29
C ASN D 172 35.05 -12.22 -4.60
N GLY D 173 33.84 -12.33 -5.12
CA GLY D 173 32.91 -13.33 -4.62
C GLY D 173 32.06 -12.91 -3.43
N ASP D 174 32.29 -11.72 -2.87
CA ASP D 174 31.38 -11.20 -1.85
C ASP D 174 30.00 -11.13 -2.49
N PRO D 175 29.02 -11.79 -1.88
CA PRO D 175 27.70 -11.87 -2.51
C PRO D 175 26.91 -10.55 -2.41
N GLU D 176 27.43 -9.57 -1.67
CA GLU D 176 26.81 -8.26 -1.64
C GLU D 176 26.89 -7.63 -3.02
N LEU D 177 27.79 -8.14 -3.86
CA LEU D 177 27.90 -7.65 -5.24
C LEU D 177 26.72 -8.12 -6.03
N ASN D 178 26.30 -9.35 -5.79
CA ASN D 178 25.18 -9.90 -6.52
C ASN D 178 23.90 -9.24 -6.08
N VAL D 179 23.90 -8.81 -4.82
CA VAL D 179 22.72 -8.19 -4.28
C VAL D 179 22.52 -6.85 -4.98
N ILE D 180 23.60 -6.08 -5.06
CA ILE D 180 23.55 -4.79 -5.70
C ILE D 180 23.20 -4.90 -7.18
N GLN D 181 23.82 -5.81 -7.89
CA GLN D 181 23.51 -5.98 -9.30
C GLN D 181 22.03 -6.23 -9.47
N ASN D 182 21.47 -7.07 -8.60
CA ASN D 182 20.08 -7.48 -8.77
C ASN D 182 19.14 -6.32 -8.65
N TYR D 183 19.37 -5.46 -7.68
CA TYR D 183 18.47 -4.34 -7.46
C TYR D 183 18.72 -3.17 -8.40
N ASN D 184 19.97 -2.94 -8.76
CA ASN D 184 20.28 -2.02 -9.86
C ASN D 184 19.47 -2.39 -11.09
N GLU D 185 19.50 -3.65 -11.45
CA GLU D 185 18.84 -4.11 -12.66
C GLU D 185 17.33 -3.95 -12.51
N GLY D 186 16.84 -4.18 -11.29
CA GLY D 186 15.41 -4.18 -11.03
C GLY D 186 14.87 -2.78 -11.07
N ILE D 187 15.57 -1.88 -10.38
CA ILE D 187 15.18 -0.48 -10.35
C ILE D 187 15.21 0.10 -11.74
N ILE D 188 16.27 -0.15 -12.49
CA ILE D 188 16.36 0.38 -13.83
C ILE D 188 15.25 -0.20 -14.67
N ASP D 189 14.98 -1.47 -14.50
CA ASP D 189 13.96 -2.10 -15.34
C ASP D 189 12.56 -1.54 -15.09
N ASN D 190 12.29 -1.06 -13.87
CA ASN D 190 10.96 -0.62 -13.51
C ASN D 190 10.76 0.89 -13.38
N LEU D 191 11.80 1.68 -13.59
CA LEU D 191 11.73 3.11 -13.40
C LEU D 191 11.02 3.75 -14.57
N SER D 192 11.21 3.17 -15.75
CA SER D 192 10.57 3.64 -16.96
C SER D 192 10.70 2.59 -18.06
N LYS D 193 9.92 2.74 -19.13
CA LYS D 193 10.01 1.87 -20.29
C LYS D 193 10.75 2.54 -21.46
N ASP D 194 11.07 3.82 -21.30
CA ASP D 194 11.85 4.54 -22.29
C ASP D 194 12.63 5.63 -21.56
N SER D 195 13.11 6.64 -22.29
CA SER D 195 13.74 7.77 -21.61
C SER D 195 12.70 8.47 -20.77
N LEU D 196 13.15 9.13 -19.72
CA LEU D 196 12.24 9.78 -18.79
C LEU D 196 11.55 10.98 -19.37
N VAL D 197 10.22 11.02 -19.26
CA VAL D 197 9.43 12.18 -19.62
C VAL D 197 8.19 12.24 -18.74
N ASP D 198 7.92 13.38 -18.12
CA ASP D 198 6.77 13.47 -17.20
C ASP D 198 5.42 13.40 -17.92
N LEU D 199 5.44 13.53 -19.25
CA LEU D 199 4.24 13.35 -20.05
C LEU D 199 3.62 12.01 -19.80
N VAL D 200 4.48 11.04 -19.47
CA VAL D 200 4.09 9.65 -19.37
C VAL D 200 3.92 9.21 -17.94
N PRO D 201 2.73 8.67 -17.60
CA PRO D 201 2.55 8.11 -16.26
C PRO D 201 3.12 6.69 -16.19
N TRP D 202 4.43 6.61 -16.02
CA TRP D 202 5.15 5.34 -16.11
C TRP D 202 4.61 4.26 -15.21
N LEU D 203 4.20 4.62 -14.00
CA LEU D 203 3.72 3.64 -13.05
C LEU D 203 2.34 3.10 -13.37
N LYS D 204 1.59 3.81 -14.22
CA LYS D 204 0.16 3.54 -14.38
C LYS D 204 -0.31 3.13 -15.77
N ILE D 205 0.58 2.90 -16.73
CA ILE D 205 0.15 2.65 -18.10
C ILE D 205 -0.21 1.20 -18.44
N PHE D 206 0.36 0.24 -17.71
CA PHE D 206 0.13 -1.18 -17.98
C PHE D 206 -0.31 -1.92 -16.73
N PRO D 207 -1.13 -2.97 -16.92
CA PRO D 207 -1.55 -3.83 -15.83
C PRO D 207 -0.46 -4.83 -15.45
N ASN D 208 0.72 -4.31 -15.24
CA ASN D 208 1.77 -5.12 -14.68
C ASN D 208 1.85 -4.70 -13.24
N LYS D 209 2.97 -4.92 -12.60
CA LYS D 209 3.06 -4.60 -11.19
C LYS D 209 4.28 -3.74 -10.99
N THR D 210 4.33 -2.67 -11.76
CA THR D 210 5.51 -1.83 -11.86
C THR D 210 5.81 -1.13 -10.56
N LEU D 211 4.79 -0.49 -9.99
CA LEU D 211 4.95 0.23 -8.75
C LEU D 211 5.42 -0.70 -7.65
N GLU D 212 4.78 -1.86 -7.55
CA GLU D 212 5.10 -2.81 -6.51
C GLU D 212 6.54 -3.32 -6.66
N LYS D 213 6.94 -3.68 -7.88
CA LYS D 213 8.30 -4.14 -8.12
C LYS D 213 9.33 -3.05 -7.84
N LEU D 214 9.09 -1.84 -8.32
CA LEU D 214 10.01 -0.76 -8.12
C LEU D 214 10.29 -0.52 -6.66
N LYS D 215 9.22 -0.51 -5.85
CA LYS D 215 9.35 -0.28 -4.42
C LYS D 215 10.15 -1.40 -3.74
N SER D 216 9.94 -2.63 -4.18
CA SER D 216 10.60 -3.75 -3.54
C SER D 216 12.10 -3.67 -3.76
N HIS D 217 12.50 -3.26 -4.96
CA HIS D 217 13.93 -3.15 -5.25
C HIS D 217 14.54 -1.94 -4.53
N VAL D 218 13.81 -0.84 -4.49
CA VAL D 218 14.32 0.35 -3.82
C VAL D 218 14.46 0.06 -2.33
N LYS D 219 13.57 -0.77 -1.81
CA LYS D 219 13.59 -1.10 -0.39
C LYS D 219 14.88 -1.80 -0.02
N ILE D 220 15.31 -2.72 -0.86
CA ILE D 220 16.53 -3.45 -0.62
C ILE D 220 17.73 -2.50 -0.69
N ARG D 221 17.68 -1.59 -1.63
CA ARG D 221 18.78 -0.69 -1.85
C ARG D 221 18.89 0.24 -0.66
N ASN D 222 17.76 0.69 -0.15
CA ASN D 222 17.75 1.60 0.98
C ASN D 222 18.13 0.92 2.30
N ASP D 223 17.73 -0.34 2.47
CA ASP D 223 18.07 -1.07 3.68
C ASP D 223 19.58 -1.24 3.75
N LEU D 224 20.18 -1.56 2.60
CA LEU D 224 21.59 -1.75 2.55
C LEU D 224 22.34 -0.47 2.86
N LEU D 225 21.80 0.66 2.41
CA LEU D 225 22.48 1.93 2.67
C LEU D 225 22.33 2.33 4.12
N ASN D 226 21.18 2.08 4.71
CA ASN D 226 21.00 2.41 6.11
C ASN D 226 21.95 1.60 6.95
N LYS D 227 22.12 0.34 6.58
CA LYS D 227 23.01 -0.55 7.28
C LYS D 227 24.42 0.05 7.28
N ILE D 228 24.86 0.50 6.11
CA ILE D 228 26.17 1.11 5.98
C ILE D 228 26.33 2.37 6.80
N LEU D 229 25.34 3.25 6.76
CA LEU D 229 25.46 4.51 7.49
C LEU D 229 25.56 4.26 8.99
N GLU D 230 24.77 3.34 9.50
CA GLU D 230 24.74 3.10 10.93
C GLU D 230 26.07 2.51 11.38
N ASN D 231 26.62 1.60 10.58
CA ASN D 231 27.92 1.02 10.88
C ASN D 231 29.06 2.01 10.77
N TYR D 232 28.84 3.09 10.03
CA TYR D 232 29.89 4.09 9.82
C TYR D 232 29.85 5.19 10.87
N LYS D 233 28.72 5.38 11.53
CA LYS D 233 28.60 6.41 12.56
C LYS D 233 29.72 6.28 13.61
N GLU D 234 30.24 5.06 13.77
CA GLU D 234 31.27 4.80 14.77
C GLU D 234 32.67 5.11 14.22
N LYS D 235 32.90 4.81 12.95
CA LYS D 235 34.22 4.96 12.34
C LYS D 235 34.55 6.40 11.99
N PHE D 236 33.56 7.28 12.01
CA PHE D 236 33.75 8.65 11.57
C PHE D 236 34.55 9.47 12.58
N ARG D 237 35.56 10.18 12.08
CA ARG D 237 36.34 11.10 12.88
C ARG D 237 36.54 12.38 12.10
N SER D 238 36.19 13.49 12.74
CA SER D 238 36.19 14.79 12.08
C SER D 238 37.57 15.24 11.63
N ASP D 239 38.61 14.65 12.18
CA ASP D 239 39.99 15.05 11.84
C ASP D 239 40.49 14.29 10.61
N SER D 240 39.68 13.38 10.09
CA SER D 240 40.06 12.61 8.93
C SER D 240 38.91 12.53 7.92
N ILE D 241 39.01 13.34 6.87
CA ILE D 241 38.01 13.41 5.83
C ILE D 241 38.57 12.88 4.52
N THR D 242 38.19 11.66 4.15
CA THR D 242 38.83 11.00 3.03
C THR D 242 37.87 10.45 1.99
N ASN D 243 36.58 10.62 2.23
CA ASN D 243 35.57 10.08 1.32
C ASN D 243 34.27 10.86 1.36
N MET D 244 33.32 10.47 0.52
CA MET D 244 32.10 11.24 0.36
C MET D 244 31.24 11.22 1.60
N LEU D 245 31.22 10.09 2.30
CA LEU D 245 30.44 10.00 3.52
C LEU D 245 31.03 10.92 4.61
N ASP D 246 32.36 11.00 4.67
CA ASP D 246 33.03 11.90 5.61
C ASP D 246 32.64 13.34 5.35
N THR D 247 32.71 13.74 4.09
CA THR D 247 32.40 15.12 3.70
C THR D 247 30.98 15.51 4.09
N LEU D 248 30.03 14.61 3.86
CA LEU D 248 28.65 14.87 4.20
C LEU D 248 28.45 14.97 5.72
N MET D 249 29.04 14.02 6.46
CA MET D 249 28.90 14.01 7.91
C MET D 249 29.61 15.21 8.55
N GLN D 250 30.76 15.60 7.99
CA GLN D 250 31.47 16.75 8.48
C GLN D 250 30.65 18.02 8.31
N ALA D 251 29.96 18.12 7.16
CA ALA D 251 29.13 19.28 6.88
C ALA D 251 27.93 19.31 7.80
N LYS D 252 27.37 18.13 8.04
CA LYS D 252 26.27 18.00 8.98
C LYS D 252 26.73 18.45 10.35
N MET D 253 27.94 18.04 10.71
CA MET D 253 28.53 18.39 11.98
C MET D 253 28.83 19.88 12.08
N ASN D 254 29.34 20.46 11.01
CA ASN D 254 29.72 21.86 11.02
C ASN D 254 28.55 22.79 11.30
N SER D 255 27.36 22.44 10.81
CA SER D 255 26.15 22.96 11.41
C SER D 255 26.04 22.23 12.74
N ASP D 256 26.02 22.96 13.84
CA ASP D 256 26.04 22.32 15.15
C ASP D 256 24.69 21.70 15.48
N ASP D 265 20.16 24.88 7.31
CA ASP D 265 21.41 24.26 6.86
C ASP D 265 21.47 22.81 7.34
N SER D 266 21.07 22.57 8.58
CA SER D 266 21.22 21.25 9.18
C SER D 266 20.07 20.36 8.81
N GLU D 267 18.91 20.96 8.52
CA GLU D 267 17.74 20.21 8.11
C GLU D 267 17.98 19.60 6.74
N LEU D 268 18.96 20.13 6.02
CA LEU D 268 19.25 19.69 4.66
C LEU D 268 20.25 18.56 4.66
N LEU D 269 20.68 18.13 5.83
CA LEU D 269 21.64 17.05 5.88
C LEU D 269 21.17 15.95 6.80
N SER D 270 19.86 15.70 6.79
CA SER D 270 19.31 14.58 7.53
C SER D 270 19.93 13.31 7.01
N ASP D 271 19.67 12.20 7.70
CA ASP D 271 20.21 10.92 7.26
C ASP D 271 19.71 10.60 5.84
N ASN D 272 18.41 10.80 5.61
CA ASN D 272 17.81 10.51 4.31
C ASN D 272 18.39 11.35 3.17
N HIS D 273 18.73 12.59 3.46
CA HIS D 273 19.38 13.43 2.46
C HIS D 273 20.74 12.85 2.10
N ILE D 274 21.45 12.36 3.11
CA ILE D 274 22.79 11.84 2.90
C ILE D 274 22.75 10.51 2.17
N LEU D 275 21.80 9.67 2.51
CA LEU D 275 21.68 8.39 1.84
C LEU D 275 21.31 8.53 0.38
N THR D 276 20.34 9.40 0.10
CA THR D 276 19.88 9.58 -1.26
C THR D 276 21.01 10.11 -2.14
N THR D 277 21.81 11.03 -1.59
CA THR D 277 22.93 11.56 -2.34
C THR D 277 23.96 10.49 -2.62
N ILE D 278 24.34 9.75 -1.59
CA ILE D 278 25.23 8.61 -1.75
C ILE D 278 24.67 7.64 -2.79
N GLY D 279 23.36 7.40 -2.73
CA GLY D 279 22.70 6.49 -3.65
C GLY D 279 22.78 6.93 -5.10
N ASP D 280 22.59 8.22 -5.32
CA ASP D 280 22.70 8.80 -6.65
C ASP D 280 24.10 8.55 -7.19
N ILE D 281 25.10 8.86 -6.37
CA ILE D 281 26.49 8.69 -6.77
C ILE D 281 26.83 7.22 -7.00
N PHE D 282 26.38 6.36 -6.10
CA PHE D 282 26.69 4.95 -6.17
C PHE D 282 26.11 4.31 -7.39
N GLY D 283 24.88 4.68 -7.73
CA GLY D 283 24.20 4.13 -8.90
C GLY D 283 24.76 4.68 -10.20
N ALA D 284 24.96 5.98 -10.25
CA ALA D 284 25.48 6.62 -11.45
C ALA D 284 26.89 6.16 -11.73
N GLY D 285 27.72 6.12 -10.68
CA GLY D 285 29.11 5.76 -10.83
C GLY D 285 29.29 4.42 -11.49
N VAL D 286 28.28 3.57 -11.35
CA VAL D 286 28.39 2.19 -11.76
C VAL D 286 27.68 1.92 -13.08
N GLU D 287 26.43 2.35 -13.20
CA GLU D 287 25.62 1.92 -14.33
C GLU D 287 25.89 2.68 -15.63
N THR D 288 26.38 3.91 -15.51
CA THR D 288 26.74 4.68 -16.67
C THR D 288 27.99 4.09 -17.31
N THR D 289 29.08 4.07 -16.53
CA THR D 289 30.38 3.63 -17.04
C THR D 289 30.34 2.22 -17.54
N THR D 290 29.68 1.34 -16.79
CA THR D 290 29.53 -0.02 -17.24
C THR D 290 28.87 -0.06 -18.60
N SER D 291 27.85 0.77 -18.80
CA SER D 291 27.08 0.71 -20.03
C SER D 291 27.89 1.17 -21.24
N VAL D 292 28.67 2.23 -21.10
CA VAL D 292 29.40 2.73 -22.25
C VAL D 292 30.55 1.79 -22.60
N VAL D 293 31.14 1.13 -21.60
CA VAL D 293 32.15 0.11 -21.89
C VAL D 293 31.55 -0.97 -22.78
N LYS D 294 30.43 -1.53 -22.37
CA LYS D 294 29.77 -2.59 -23.13
C LYS D 294 29.46 -2.13 -24.53
N TRP D 295 29.03 -0.88 -24.66
CA TRP D 295 28.73 -0.29 -25.95
C TRP D 295 30.00 -0.21 -26.81
N THR D 296 31.09 0.26 -26.20
CA THR D 296 32.34 0.41 -26.91
C THR D 296 32.79 -0.93 -27.49
N LEU D 297 32.83 -1.97 -26.66
CA LEU D 297 33.20 -3.30 -27.15
C LEU D 297 32.33 -3.70 -28.31
N ALA D 298 31.03 -3.47 -28.18
CA ALA D 298 30.08 -3.94 -29.17
C ALA D 298 30.35 -3.28 -30.51
N PHE D 299 30.78 -2.03 -30.48
CA PHE D 299 31.08 -1.32 -31.71
C PHE D 299 32.36 -1.87 -32.32
N LEU D 300 33.34 -2.19 -31.49
CA LEU D 300 34.60 -2.72 -31.98
C LEU D 300 34.43 -4.08 -32.63
N LEU D 301 33.44 -4.85 -32.20
CA LEU D 301 33.20 -6.16 -32.79
C LEU D 301 32.59 -6.01 -34.16
N HIS D 302 31.96 -4.86 -34.40
CA HIS D 302 31.34 -4.58 -35.70
C HIS D 302 32.31 -3.88 -36.63
N ASN D 303 33.46 -3.47 -36.10
CA ASN D 303 34.41 -2.67 -36.84
C ASN D 303 35.85 -3.09 -36.58
N PRO D 304 36.22 -4.28 -37.07
CA PRO D 304 37.54 -4.85 -36.80
C PRO D 304 38.67 -3.97 -37.33
N GLN D 305 38.40 -3.21 -38.40
CA GLN D 305 39.39 -2.32 -38.97
C GLN D 305 39.85 -1.32 -37.92
N VAL D 306 38.88 -0.74 -37.22
CA VAL D 306 39.18 0.24 -36.18
C VAL D 306 39.90 -0.42 -35.00
N LYS D 307 39.46 -1.62 -34.67
CA LYS D 307 40.01 -2.34 -33.54
C LYS D 307 41.50 -2.57 -33.78
N LYS D 308 41.82 -3.02 -34.98
CA LYS D 308 43.20 -3.25 -35.40
C LYS D 308 44.05 -2.02 -35.15
N LYS D 309 43.60 -0.88 -35.66
CA LYS D 309 44.36 0.36 -35.57
C LYS D 309 44.59 0.76 -34.12
N LEU D 310 43.72 0.30 -33.23
CA LEU D 310 43.82 0.65 -31.83
C LEU D 310 44.89 -0.18 -31.15
N TYR D 311 45.01 -1.44 -31.59
CA TYR D 311 46.07 -2.33 -31.11
C TYR D 311 47.43 -1.78 -31.53
N GLU D 312 47.56 -1.51 -32.83
CA GLU D 312 48.76 -0.90 -33.38
C GLU D 312 49.12 0.36 -32.59
N GLU D 313 48.12 1.20 -32.33
CA GLU D 313 48.37 2.47 -31.68
C GLU D 313 48.92 2.30 -30.28
N ILE D 314 48.39 1.32 -29.56
CA ILE D 314 48.76 1.12 -28.17
C ILE D 314 50.09 0.37 -28.05
N ASP D 315 50.33 -0.61 -28.90
CA ASP D 315 51.61 -1.32 -28.82
C ASP D 315 52.77 -0.36 -29.12
N GLN D 316 52.54 0.60 -30.02
CA GLN D 316 53.59 1.53 -30.44
C GLN D 316 53.81 2.68 -29.44
N ASN D 317 52.81 3.02 -28.63
CA ASN D 317 52.91 4.19 -27.77
C ASN D 317 53.07 3.90 -26.29
N VAL D 318 52.75 2.67 -25.89
CA VAL D 318 52.95 2.26 -24.51
C VAL D 318 53.66 0.91 -24.45
N GLY D 319 53.34 0.03 -25.40
CA GLY D 319 54.00 -1.26 -25.50
C GLY D 319 53.66 -2.21 -24.37
N PHE D 320 54.67 -2.83 -23.77
CA PHE D 320 54.42 -3.89 -22.79
C PHE D 320 55.28 -3.84 -21.52
N SER D 321 56.11 -2.81 -21.38
CA SER D 321 56.98 -2.73 -20.21
C SER D 321 56.29 -2.13 -18.97
N ARG D 322 55.21 -1.39 -19.19
CA ARG D 322 54.41 -0.87 -18.09
C ARG D 322 52.94 -0.95 -18.49
N THR D 323 52.06 -0.55 -17.57
CA THR D 323 50.64 -0.50 -17.84
C THR D 323 50.20 0.95 -18.06
N PRO D 324 49.19 1.16 -18.93
CA PRO D 324 48.65 2.47 -19.28
C PRO D 324 48.38 3.40 -18.10
N THR D 325 48.42 4.69 -18.38
CA THR D 325 48.37 5.73 -17.38
C THR D 325 47.49 6.87 -17.95
N ILE D 326 46.94 7.74 -17.11
CA ILE D 326 46.11 8.82 -17.65
C ILE D 326 46.92 9.64 -18.64
N SER D 327 48.21 9.81 -18.38
CA SER D 327 49.05 10.62 -19.24
C SER D 327 49.15 10.04 -20.65
N ASP D 328 48.75 8.79 -20.82
CA ASP D 328 48.78 8.15 -22.14
C ASP D 328 47.70 8.65 -23.08
N ARG D 329 46.77 9.44 -22.57
CA ARG D 329 45.67 9.94 -23.41
C ARG D 329 46.20 11.00 -24.39
N ASN D 330 47.37 11.56 -24.07
CA ASN D 330 48.04 12.49 -24.97
C ASN D 330 48.66 11.80 -26.19
N ARG D 331 48.77 10.48 -26.12
CA ARG D 331 49.45 9.73 -27.17
C ARG D 331 48.49 8.78 -27.86
N LEU D 332 47.61 8.18 -27.06
CA LEU D 332 46.55 7.36 -27.61
C LEU D 332 45.43 8.30 -28.01
N LEU D 333 45.35 8.58 -29.31
CA LEU D 333 44.40 9.56 -29.80
C LEU D 333 43.19 8.87 -30.42
N LEU D 334 43.43 7.79 -31.16
CA LEU D 334 42.33 7.10 -31.80
C LEU D 334 41.43 6.46 -30.75
N LEU D 335 42.02 6.10 -29.62
CA LEU D 335 41.24 5.54 -28.53
C LEU D 335 40.32 6.60 -27.95
N GLU D 336 40.92 7.73 -27.58
CA GLU D 336 40.18 8.82 -26.97
C GLU D 336 39.11 9.31 -27.93
N ALA D 337 39.32 9.09 -29.23
CA ALA D 337 38.36 9.50 -30.25
C ALA D 337 37.27 8.47 -30.43
N THR D 338 37.61 7.20 -30.19
CA THR D 338 36.63 6.14 -30.30
C THR D 338 35.58 6.26 -29.18
N ILE D 339 36.06 6.62 -28.00
CA ILE D 339 35.20 6.84 -26.86
C ILE D 339 34.24 8.00 -27.13
N ARG D 340 34.77 9.09 -27.67
CA ARG D 340 33.98 10.27 -28.02
C ARG D 340 32.89 9.92 -29.00
N GLU D 341 33.21 9.02 -29.92
CA GLU D 341 32.28 8.68 -30.98
C GLU D 341 31.21 7.74 -30.47
N VAL D 342 31.51 6.98 -29.43
CA VAL D 342 30.50 6.13 -28.85
C VAL D 342 29.52 7.00 -28.09
N LEU D 343 30.07 7.98 -27.36
CA LEU D 343 29.25 8.91 -26.60
C LEU D 343 28.40 9.78 -27.51
N ARG D 344 28.73 9.83 -28.79
CA ARG D 344 27.92 10.57 -29.74
C ARG D 344 26.80 9.70 -30.25
N LEU D 345 27.17 8.53 -30.76
CA LEU D 345 26.24 7.66 -31.44
C LEU D 345 25.21 7.02 -30.53
N ARG D 346 25.66 6.69 -29.32
CA ARG D 346 24.81 6.08 -28.30
C ARG D 346 25.07 6.79 -26.98
N PRO D 347 24.49 7.97 -26.81
CA PRO D 347 24.70 8.70 -25.57
C PRO D 347 24.10 7.94 -24.39
N VAL D 348 24.70 8.11 -23.23
CA VAL D 348 24.20 7.49 -22.03
C VAL D 348 22.78 7.97 -21.80
N ALA D 349 22.58 9.27 -21.96
CA ALA D 349 21.30 9.88 -21.75
C ALA D 349 20.88 10.65 -23.00
N PRO D 350 20.22 9.97 -23.94
CA PRO D 350 19.81 10.56 -25.22
C PRO D 350 18.80 11.70 -25.10
N MET D 351 18.18 11.87 -23.94
CA MET D 351 17.32 13.01 -23.71
C MET D 351 17.67 13.63 -22.39
N LEU D 352 18.93 13.47 -22.02
CA LEU D 352 19.46 13.99 -20.76
C LEU D 352 18.58 13.52 -19.62
N ILE D 353 18.32 14.44 -18.71
CA ILE D 353 17.32 14.26 -17.67
C ILE D 353 16.41 15.46 -17.82
N PRO D 354 15.10 15.30 -17.61
CA PRO D 354 14.22 16.43 -17.88
C PRO D 354 14.54 17.65 -17.04
N HIS D 355 14.41 18.82 -17.66
CA HIS D 355 14.57 20.08 -16.95
C HIS D 355 13.21 20.69 -16.71
N LYS D 356 13.19 21.81 -16.00
CA LYS D 356 11.97 22.50 -15.71
C LYS D 356 12.25 23.98 -15.53
N ALA D 357 11.44 24.82 -16.17
CA ALA D 357 11.56 26.25 -16.03
C ALA D 357 11.17 26.69 -14.63
N ASN D 358 12.10 27.32 -13.93
CA ASN D 358 11.85 27.82 -12.58
C ASN D 358 11.18 29.16 -12.61
N VAL D 359 11.17 29.79 -13.76
CA VAL D 359 10.55 31.10 -13.93
C VAL D 359 10.05 31.27 -15.34
N ASP D 360 9.15 32.21 -15.56
CA ASP D 360 8.75 32.54 -16.92
C ASP D 360 10.01 32.96 -17.61
N SER D 361 10.24 32.41 -18.79
CA SER D 361 11.45 32.68 -19.54
C SER D 361 11.16 32.48 -21.02
N SER D 362 12.21 32.31 -21.81
CA SER D 362 12.04 32.08 -23.23
C SER D 362 13.14 31.18 -23.80
N ILE D 363 12.84 30.58 -24.94
CA ILE D 363 13.82 29.79 -25.66
C ILE D 363 13.74 30.17 -27.12
N GLY D 364 14.77 30.83 -27.62
CA GLY D 364 14.80 31.21 -29.03
C GLY D 364 13.67 32.14 -29.41
N GLU D 365 13.31 33.04 -28.50
CA GLU D 365 12.21 33.98 -28.71
C GLU D 365 10.79 33.38 -28.64
N PHE D 366 10.69 32.11 -28.23
CA PHE D 366 9.39 31.53 -27.87
C PHE D 366 9.19 31.65 -26.38
N ALA D 367 7.97 31.94 -25.95
CA ALA D 367 7.68 32.03 -24.52
C ALA D 367 7.63 30.65 -23.87
N VAL D 368 8.10 30.59 -22.63
CA VAL D 368 8.02 29.38 -21.84
C VAL D 368 7.60 29.71 -20.41
N ASP D 369 6.46 29.17 -20.01
CA ASP D 369 5.90 29.46 -18.71
C ASP D 369 6.59 28.72 -17.60
N LYS D 370 6.60 29.33 -16.43
CA LYS D 370 7.09 28.71 -15.21
C LYS D 370 6.43 27.36 -15.03
N GLY D 371 7.23 26.37 -14.63
CA GLY D 371 6.71 25.04 -14.31
C GLY D 371 6.68 24.10 -15.49
N THR D 372 7.03 24.60 -16.67
CA THR D 372 7.04 23.79 -17.86
C THR D 372 8.22 22.84 -17.93
N GLU D 373 7.93 21.59 -18.27
CA GLU D 373 8.94 20.57 -18.48
C GLU D 373 9.63 20.80 -19.81
N VAL D 374 10.95 20.75 -19.79
CA VAL D 374 11.73 20.99 -20.97
C VAL D 374 12.71 19.84 -21.16
N ILE D 375 12.72 19.26 -22.34
CA ILE D 375 13.56 18.14 -22.62
C ILE D 375 14.44 18.40 -23.81
N ILE D 376 15.73 18.17 -23.61
CA ILE D 376 16.71 18.29 -24.68
C ILE D 376 16.88 16.95 -25.35
N ASN D 377 16.64 16.90 -26.65
CA ASN D 377 16.83 15.67 -27.41
C ASN D 377 18.26 15.59 -27.93
N LEU D 378 19.17 15.13 -27.08
CA LEU D 378 20.58 15.05 -27.40
C LEU D 378 20.83 14.16 -28.60
N TRP D 379 20.01 13.14 -28.76
CA TRP D 379 20.10 12.25 -29.90
C TRP D 379 19.98 13.05 -31.19
N ALA D 380 19.03 13.98 -31.21
CA ALA D 380 18.84 14.83 -32.36
C ALA D 380 20.04 15.74 -32.60
N LEU D 381 20.63 16.27 -31.54
CA LEU D 381 21.81 17.09 -31.65
C LEU D 381 22.97 16.29 -32.26
N HIS D 382 23.09 15.04 -31.84
CA HIS D 382 24.21 14.19 -32.21
C HIS D 382 24.02 13.50 -33.56
N HIS D 383 22.85 13.68 -34.18
CA HIS D 383 22.56 13.08 -35.48
C HIS D 383 22.10 14.11 -36.49
N ASN D 384 22.27 15.38 -36.15
CA ASN D 384 21.90 16.44 -37.07
C ASN D 384 22.73 16.37 -38.33
N GLU D 385 22.04 16.20 -39.45
CA GLU D 385 22.67 15.98 -40.74
C GLU D 385 23.56 17.14 -41.17
N LYS D 386 23.13 18.35 -40.84
CA LYS D 386 23.85 19.54 -41.27
C LYS D 386 25.07 19.82 -40.39
N GLU D 387 25.24 19.06 -39.31
CA GLU D 387 26.32 19.31 -38.36
C GLU D 387 27.33 18.16 -38.25
N TRP D 388 26.98 17.03 -38.85
CA TRP D 388 27.84 15.84 -38.82
C TRP D 388 27.87 15.24 -40.21
N HIS D 389 29.01 14.67 -40.57
CA HIS D 389 29.10 13.93 -41.81
C HIS D 389 28.68 12.48 -41.56
N GLN D 390 27.62 12.05 -42.25
CA GLN D 390 27.11 10.68 -42.13
C GLN D 390 26.94 10.26 -40.68
N PRO D 391 25.97 10.87 -39.99
CA PRO D 391 25.89 10.77 -38.54
C PRO D 391 25.56 9.37 -38.07
N ASP D 392 24.91 8.55 -38.90
CA ASP D 392 24.54 7.21 -38.46
C ASP D 392 25.69 6.21 -38.59
N GLN D 393 26.86 6.68 -39.01
CA GLN D 393 28.04 5.83 -39.13
C GLN D 393 28.98 5.94 -37.95
N PHE D 394 29.57 4.82 -37.54
CA PHE D 394 30.58 4.80 -36.51
C PHE D 394 31.93 5.15 -37.13
N MET D 395 32.36 6.39 -36.96
CA MET D 395 33.60 6.88 -37.56
C MET D 395 34.39 7.71 -36.58
N PRO D 396 35.19 7.07 -35.71
CA PRO D 396 36.03 7.84 -34.77
C PRO D 396 36.93 8.86 -35.45
N GLU D 397 37.14 8.69 -36.76
CA GLU D 397 38.01 9.55 -37.54
C GLU D 397 37.58 11.00 -37.44
N ARG D 398 36.28 11.22 -37.31
CA ARG D 398 35.72 12.58 -37.32
C ARG D 398 36.24 13.42 -36.17
N PHE D 399 36.78 12.78 -35.14
CA PHE D 399 37.31 13.52 -33.99
C PHE D 399 38.82 13.71 -34.08
N LEU D 400 39.38 13.40 -35.24
CA LEU D 400 40.80 13.65 -35.50
C LEU D 400 40.95 14.56 -36.72
N ASN D 401 42.06 15.28 -36.78
CA ASN D 401 42.40 16.02 -37.98
C ASN D 401 42.62 15.02 -39.13
N PRO D 402 42.67 15.51 -40.37
CA PRO D 402 42.86 14.56 -41.47
C PRO D 402 44.18 13.80 -41.37
N ALA D 403 45.19 14.42 -40.77
CA ALA D 403 46.48 13.80 -40.58
C ALA D 403 46.36 12.56 -39.69
N GLY D 404 45.75 12.75 -38.53
CA GLY D 404 45.63 11.71 -37.54
C GLY D 404 46.49 12.02 -36.34
N THR D 405 46.94 13.26 -36.24
CA THR D 405 47.92 13.62 -35.22
C THR D 405 47.39 14.45 -34.07
N GLN D 406 46.13 14.85 -34.13
CA GLN D 406 45.53 15.60 -33.02
C GLN D 406 44.00 15.53 -33.02
N LEU D 407 43.43 15.64 -31.83
CA LEU D 407 41.99 15.60 -31.63
C LEU D 407 41.35 16.93 -31.96
N ILE D 408 40.22 16.87 -32.63
CA ILE D 408 39.51 18.08 -33.00
C ILE D 408 38.03 17.98 -32.57
N SER D 409 37.36 19.12 -32.46
CA SER D 409 35.93 19.16 -32.15
C SER D 409 35.15 19.53 -33.39
N PRO D 410 34.75 18.54 -34.19
CA PRO D 410 34.18 18.80 -35.51
C PRO D 410 32.82 19.46 -35.48
N SER D 411 32.10 19.33 -34.37
CA SER D 411 30.78 19.92 -34.26
C SER D 411 30.53 20.64 -32.94
N VAL D 412 29.77 21.71 -33.02
CA VAL D 412 29.35 22.46 -31.86
C VAL D 412 28.13 21.75 -31.24
N SER D 413 27.62 20.77 -31.97
CA SER D 413 26.40 20.07 -31.60
C SER D 413 26.71 18.75 -30.88
N TYR D 414 27.46 18.83 -29.80
CA TYR D 414 27.95 17.64 -29.10
C TYR D 414 28.03 17.92 -27.60
N LEU D 415 27.22 17.23 -26.82
CA LEU D 415 27.11 17.50 -25.39
C LEU D 415 26.82 16.24 -24.60
N PRO D 416 27.72 15.25 -24.69
CA PRO D 416 27.48 13.96 -24.03
C PRO D 416 27.29 14.09 -22.54
N PHE D 417 27.94 15.06 -21.90
CA PHE D 417 27.83 15.25 -20.46
C PHE D 417 26.94 16.43 -20.10
N GLY D 418 26.20 16.93 -21.08
CA GLY D 418 25.40 18.12 -20.87
C GLY D 418 26.25 19.34 -20.61
N ALA D 419 25.65 20.35 -20.01
CA ALA D 419 26.34 21.59 -19.74
C ALA D 419 25.52 22.44 -18.78
N GLY D 420 26.19 23.38 -18.13
CA GLY D 420 25.54 24.31 -17.26
C GLY D 420 25.28 23.72 -15.91
N PRO D 421 24.38 24.35 -15.15
CA PRO D 421 24.11 24.00 -13.75
C PRO D 421 23.81 22.52 -13.48
N ARG D 422 23.17 21.82 -14.42
CA ARG D 422 22.78 20.43 -14.15
C ARG D 422 23.69 19.44 -14.86
N SER D 423 24.87 19.89 -15.28
CA SER D 423 25.76 19.02 -16.05
C SER D 423 26.34 17.93 -15.17
N CYS D 424 26.77 16.86 -15.82
CA CYS D 424 27.33 15.71 -15.12
C CYS D 424 28.45 16.08 -14.18
N ILE D 425 28.35 15.64 -12.94
CA ILE D 425 29.40 15.94 -11.98
C ILE D 425 30.43 14.83 -11.93
N GLY D 426 30.18 13.75 -12.64
CA GLY D 426 31.10 12.63 -12.67
C GLY D 426 31.89 12.53 -13.96
N GLU D 427 32.01 13.64 -14.68
CA GLU D 427 32.66 13.59 -15.98
C GLU D 427 34.13 13.18 -15.87
N ILE D 428 34.83 13.79 -14.93
CA ILE D 428 36.24 13.50 -14.76
C ILE D 428 36.41 12.02 -14.48
N LEU D 429 35.68 11.52 -13.48
CA LEU D 429 35.73 10.11 -13.13
C LEU D 429 35.43 9.22 -14.33
N ALA D 430 34.39 9.54 -15.07
CA ALA D 430 33.96 8.70 -16.17
C ALA D 430 35.01 8.65 -17.26
N ARG D 431 35.55 9.81 -17.60
CA ARG D 431 36.50 9.88 -18.70
C ARG D 431 37.76 9.08 -18.35
N GLN D 432 38.21 9.16 -17.10
CA GLN D 432 39.36 8.39 -16.68
C GLN D 432 39.06 6.90 -16.66
N GLU D 433 37.96 6.50 -16.02
CA GLU D 433 37.58 5.09 -15.99
C GLU D 433 37.53 4.50 -17.38
N LEU D 434 36.81 5.15 -18.29
CA LEU D 434 36.61 4.62 -19.62
C LEU D 434 37.90 4.47 -20.39
N PHE D 435 38.77 5.47 -20.28
CA PHE D 435 40.02 5.45 -21.00
C PHE D 435 40.87 4.29 -20.50
N LEU D 436 41.12 4.28 -19.20
CA LEU D 436 41.97 3.27 -18.61
C LEU D 436 41.44 1.88 -18.92
N ILE D 437 40.14 1.66 -18.76
CA ILE D 437 39.60 0.32 -18.90
C ILE D 437 39.89 -0.17 -20.29
N MET D 438 39.57 0.62 -21.30
CA MET D 438 39.78 0.20 -22.67
C MET D 438 41.27 0.08 -22.98
N ALA D 439 42.06 0.93 -22.34
CA ALA D 439 43.50 0.91 -22.54
C ALA D 439 44.09 -0.42 -22.07
N TRP D 440 43.93 -0.72 -20.79
CA TRP D 440 44.45 -1.96 -20.23
C TRP D 440 43.87 -3.17 -20.92
N LEU D 441 42.62 -3.07 -21.35
CA LEU D 441 41.93 -4.21 -21.93
C LEU D 441 42.54 -4.55 -23.28
N LEU D 442 42.89 -3.52 -24.04
CA LEU D 442 43.41 -3.71 -25.38
C LEU D 442 44.87 -4.14 -25.35
N GLN D 443 45.61 -3.61 -24.38
CA GLN D 443 46.99 -4.01 -24.16
C GLN D 443 47.07 -5.52 -24.03
N ARG D 444 46.11 -6.10 -23.31
CA ARG D 444 46.24 -7.43 -22.75
C ARG D 444 45.38 -8.52 -23.40
N PHE D 445 44.34 -8.16 -24.14
CA PHE D 445 43.40 -9.17 -24.66
C PHE D 445 43.00 -8.97 -26.10
N ASP D 446 42.93 -10.08 -26.83
CA ASP D 446 42.19 -10.14 -28.08
C ASP D 446 40.72 -10.32 -27.70
N LEU D 447 39.85 -9.49 -28.27
CA LEU D 447 38.42 -9.56 -28.00
C LEU D 447 37.72 -9.80 -29.30
N GLU D 448 37.16 -11.00 -29.46
CA GLU D 448 36.66 -11.42 -30.76
C GLU D 448 35.21 -11.85 -30.71
N VAL D 449 34.59 -11.90 -31.88
CA VAL D 449 33.27 -12.45 -32.05
C VAL D 449 33.29 -13.90 -31.55
N PRO D 450 32.20 -14.34 -30.89
CA PRO D 450 32.16 -15.73 -30.43
C PRO D 450 32.21 -16.69 -31.61
N ASP D 451 32.52 -17.95 -31.34
CA ASP D 451 32.67 -18.92 -32.42
C ASP D 451 31.34 -19.14 -33.15
N ASP D 452 30.24 -19.08 -32.42
CA ASP D 452 28.91 -19.08 -33.06
C ASP D 452 28.80 -17.82 -33.88
N GLY D 453 27.89 -17.81 -34.84
CA GLY D 453 27.80 -16.70 -35.77
C GLY D 453 26.85 -15.59 -35.38
N GLN D 454 27.10 -14.93 -34.25
CA GLN D 454 26.30 -13.78 -33.87
C GLN D 454 27.06 -12.66 -33.19
N LEU D 455 26.58 -11.45 -33.44
CA LEU D 455 27.19 -10.22 -32.99
C LEU D 455 26.13 -9.36 -32.31
N PRO D 456 26.57 -8.49 -31.40
CA PRO D 456 25.61 -7.74 -30.58
C PRO D 456 24.69 -6.85 -31.40
N SER D 457 23.44 -6.75 -30.98
CA SER D 457 22.52 -5.78 -31.54
C SER D 457 22.94 -4.41 -31.04
N LEU D 458 22.95 -3.45 -31.96
CA LEU D 458 23.31 -2.09 -31.61
C LEU D 458 22.05 -1.22 -31.48
N GLU D 459 20.89 -1.85 -31.54
CA GLU D 459 19.61 -1.16 -31.47
C GLU D 459 19.44 -0.45 -30.13
N GLY D 460 19.80 -1.13 -29.05
CA GLY D 460 19.76 -0.53 -27.73
C GLY D 460 18.39 -0.57 -27.08
N ILE D 461 18.40 -0.37 -25.77
CA ILE D 461 17.20 -0.41 -24.96
C ILE D 461 17.12 0.85 -24.10
N PRO D 462 16.27 1.79 -24.49
CA PRO D 462 16.18 3.04 -23.74
C PRO D 462 15.52 2.87 -22.39
N LYS D 463 16.26 3.21 -21.36
CA LYS D 463 15.73 3.28 -20.01
C LYS D 463 16.25 4.59 -19.47
N VAL D 464 16.39 4.69 -18.15
CA VAL D 464 16.91 5.90 -17.57
C VAL D 464 18.35 6.09 -18.05
N VAL D 465 18.99 4.98 -18.40
CA VAL D 465 20.24 4.98 -19.15
C VAL D 465 20.00 4.23 -20.46
N PHE D 466 20.74 4.57 -21.51
CA PHE D 466 20.59 3.91 -22.81
C PHE D 466 21.43 2.64 -22.81
N LEU D 467 20.76 1.50 -22.65
CA LEU D 467 21.46 0.23 -22.48
C LEU D 467 21.54 -0.57 -23.78
N ILE D 468 22.44 -1.55 -23.79
CA ILE D 468 22.57 -2.48 -24.90
C ILE D 468 22.19 -3.88 -24.44
N ASP D 469 21.53 -4.64 -25.33
CA ASP D 469 21.27 -6.04 -25.08
C ASP D 469 22.55 -6.75 -24.70
N SER D 470 22.45 -7.68 -23.75
CA SER D 470 23.64 -8.42 -23.34
C SER D 470 24.12 -9.29 -24.50
N PHE D 471 25.45 -9.43 -24.57
CA PHE D 471 26.09 -10.16 -25.64
C PHE D 471 27.36 -10.78 -25.09
N LYS D 472 27.90 -11.76 -25.79
CA LYS D 472 29.13 -12.42 -25.33
C LYS D 472 30.29 -12.12 -26.26
N VAL D 473 31.48 -12.21 -25.70
CA VAL D 473 32.71 -11.94 -26.42
C VAL D 473 33.74 -13.02 -26.16
N LYS D 474 34.41 -13.48 -27.20
CA LYS D 474 35.50 -14.42 -27.02
C LYS D 474 36.73 -13.64 -26.60
N ILE D 475 37.31 -14.04 -25.48
CA ILE D 475 38.46 -13.33 -24.95
C ILE D 475 39.68 -14.25 -24.89
N LYS D 476 40.81 -13.73 -25.34
CA LYS D 476 42.06 -14.49 -25.33
C LYS D 476 43.20 -13.56 -25.02
N VAL D 477 44.12 -14.02 -24.18
CA VAL D 477 45.30 -13.22 -23.86
C VAL D 477 46.12 -13.05 -25.13
N ARG D 478 46.79 -11.91 -25.25
CA ARG D 478 47.55 -11.60 -26.45
C ARG D 478 48.91 -12.22 -26.40
N GLN D 479 49.30 -12.82 -27.52
CA GLN D 479 50.61 -13.39 -27.67
C GLN D 479 51.63 -12.37 -27.19
N ALA D 480 51.57 -11.19 -27.78
CA ALA D 480 52.52 -10.13 -27.48
C ALA D 480 52.63 -9.90 -25.97
N TRP D 481 51.50 -9.92 -25.28
CA TRP D 481 51.48 -9.64 -23.85
C TRP D 481 52.25 -10.72 -23.06
N ARG D 482 52.14 -11.97 -23.51
CA ARG D 482 52.82 -13.06 -22.83
C ARG D 482 54.31 -13.00 -23.09
N GLU D 483 54.68 -12.90 -24.36
CA GLU D 483 56.07 -12.79 -24.78
C GLU D 483 56.87 -11.84 -23.87
N ALA D 484 56.25 -10.72 -23.53
CA ALA D 484 56.97 -9.63 -22.90
C ALA D 484 57.21 -9.78 -21.39
N GLN D 485 57.09 -11.01 -20.89
CA GLN D 485 57.72 -11.34 -19.61
C GLN D 485 58.87 -12.30 -19.87
CHA HEM E . -24.39 -5.53 -23.21
CHB HEM E . -25.71 -3.92 -18.90
CHC HEM E . -25.80 -8.40 -17.23
CHD HEM E . -25.10 -10.08 -21.64
C1A HEM E . -24.68 -4.71 -22.16
C2A HEM E . -24.52 -3.27 -22.15
C3A HEM E . -24.88 -2.85 -20.95
C4A HEM E . -25.28 -3.99 -20.17
CMA HEM E . -24.89 -1.40 -20.44
CAA HEM E . -23.98 -2.41 -23.30
CBA HEM E . -25.06 -1.88 -24.22
CGA HEM E . -24.37 -1.14 -25.35
O1A HEM E . -25.02 -0.24 -25.96
O2A HEM E . -23.19 -1.44 -25.64
C1B HEM E . -25.77 -5.00 -18.08
C2B HEM E . -26.03 -4.94 -16.66
C3B HEM E . -26.04 -6.19 -16.21
C4B HEM E . -25.80 -7.06 -17.32
CMB HEM E . -26.22 -3.62 -15.92
CAB HEM E . -26.27 -6.77 -14.81
CBB HEM E . -26.46 -6.02 -13.73
C1C HEM E . -25.70 -9.24 -18.28
C2C HEM E . -25.88 -10.65 -18.22
C3C HEM E . -25.70 -11.14 -19.43
C4C HEM E . -25.36 -10.04 -20.30
CMC HEM E . -26.25 -11.46 -16.96
CAC HEM E . -25.84 -12.65 -19.74
CBC HEM E . -25.90 -13.11 -20.98
C1D HEM E . -24.79 -9.01 -22.43
C2D HEM E . -24.33 -9.15 -23.79
C3D HEM E . -24.11 -7.74 -24.31
C4D HEM E . -24.45 -6.89 -23.19
CMD HEM E . -24.14 -10.45 -24.58
CAD HEM E . -23.62 -7.33 -25.73
CBD HEM E . -24.79 -6.80 -26.55
CGD HEM E . -24.44 -6.59 -28.01
O1D HEM E . -23.31 -6.14 -28.34
O2D HEM E . -25.31 -6.87 -28.87
NA HEM E . -25.15 -5.12 -20.94
NB HEM E . -25.61 -6.31 -18.47
NC HEM E . -25.37 -8.88 -19.56
ND HEM E . -24.84 -7.66 -22.10
FE HEM E . -25.21 -6.95 -20.25
HHB HEM E . -26.27 -3.15 -18.65
HHC HEM E . -25.61 -8.78 -16.34
HHD HEM E . -25.13 -10.96 -22.06
HMA HEM E . -23.99 -1.02 -20.48
HMAA HEM E . -25.21 -1.38 -19.50
HMAB HEM E . -25.50 -0.85 -20.99
HAA HEM E . -23.37 -2.95 -23.83
HAAA HEM E . -23.50 -1.66 -22.93
HBA HEM E . -25.64 -1.27 -23.74
HBAA HEM E . -25.58 -2.62 -24.58
HMB HEM E . -26.38 -3.80 -14.98
HMBA HEM E . -26.99 -3.15 -16.29
HMBB HEM E . -25.43 -3.07 -16.01
HAB HEM E . -26.26 -7.72 -14.70
HBB HEM E . -26.59 -6.43 -12.86
HBBA HEM E . -26.46 -5.05 -13.81
HMC HEM E . -26.32 -12.40 -17.19
HMCA HEM E . -27.10 -11.15 -16.61
HMCB HEM E . -25.55 -11.35 -16.29
HAC HEM E . -25.88 -13.26 -19.01
HBC HEM E . -25.99 -14.06 -21.14
HBCA HEM E . -25.85 -12.49 -21.73
HMD HEM E . -23.82 -10.25 -25.48
HMDA HEM E . -24.99 -10.94 -24.64
HMDB HEM E . -23.47 -11.01 -24.12
HAD HEM E . -23.25 -8.11 -26.17
HADA HEM E . -22.94 -6.65 -25.65
HBD HEM E . -25.07 -5.94 -26.17
HBDA HEM E . -25.53 -7.42 -26.49
HHA HEM E . -24.28 -5.10 -24.09
C1 AER F . -15.35 -11.98 -18.46
C2 AER F . -14.05 -12.76 -18.18
C3 AER F . -14.15 -13.93 -19.13
O3 AER F . -13.01 -14.81 -18.95
C4 AER F . -14.23 -13.42 -20.59
C5 AER F . -15.38 -12.62 -20.73
C6 AER F . -16.40 -12.88 -21.64
C7 AER F . -17.46 -11.96 -21.64
C8 AER F . -17.21 -10.53 -21.27
C9 AER F . -16.92 -10.77 -19.90
C10 AER F . -15.50 -11.48 -19.92
C11 AER F . -16.90 -9.56 -19.02
C12 AER F . -18.30 -8.92 -19.16
C13 AER F . -18.54 -8.54 -20.71
C14 AER F . -18.65 -9.86 -21.34
C15 AER F . -19.10 -9.54 -22.66
C16 AER F . -20.28 -8.88 -22.23
C17 AER F . -19.90 -8.21 -21.07
C18 AER F . -17.58 -7.54 -21.36
C19 AER F . -14.37 -10.53 -20.21
C20 AER F . -20.74 -7.44 -20.34
C21 AER F . -22.08 -7.27 -20.70
N22 AER F . -22.89 -6.41 -19.98
C23 AER F . -22.40 -5.62 -18.94
C24 AER F . -21.07 -5.74 -18.62
C25 AER F . -20.25 -6.61 -19.35
H1 AER F . -15.37 -11.12 -17.80
H1A AER F . -16.19 -12.63 -18.22
H2 AER F . -14.01 -13.09 -17.14
H2A AER F . -13.17 -12.14 -18.42
H3 AER F . -15.06 -14.50 -18.90
HO3 AER F . -12.17 -14.30 -19.14
H4 AER F . -14.29 -14.27 -21.27
H4A AER F . -13.35 -12.83 -20.82
H6 AER F . -16.37 -13.74 -22.32
H7 AER F . -18.22 -12.33 -20.97
H7A AER F . -17.88 -11.94 -22.65
H8 AER F . -16.42 -10.03 -21.83
H9 AER F . -17.66 -11.46 -19.52
H11 AER F . -16.72 -9.85 -17.99
H11A AER F . -16.13 -8.85 -19.36
H12 AER F . -19.05 -9.64 -18.84
H12A AER F . -18.35 -8.02 -18.55
H14 AER F . -19.39 -10.47 -20.82
H15 AER F . -19.30 -10.43 -23.25
H15A AER F . -18.40 -8.86 -23.16
H16 AER F . -21.23 -8.82 -22.75
H18 AER F . -17.81 -6.53 -21.01
H18A AER F . -17.69 -7.58 -22.45
H18B AER F . -16.55 -7.80 -21.09
H19 AER F . -13.43 -11.07 -20.20
H19A AER F . -14.35 -9.75 -19.45
H19B AER F . -14.53 -10.08 -21.19
H21 AER F . -22.50 -7.87 -21.51
H23 AER F . -23.06 -4.95 -18.39
H24 AER F . -20.65 -5.14 -17.81
H25 AER F . -19.20 -6.69 -19.07
CHA HEM G . 7.41 -26.60 20.45
CHB HEM G . 9.87 -26.13 16.36
CHC HEM G . 6.23 -28.23 13.99
CHD HEM G . 4.07 -29.27 18.12
C1A HEM G . 8.35 -26.20 19.54
C2A HEM G . 9.45 -25.29 19.80
C3A HEM G . 10.13 -25.14 18.67
C4A HEM G . 9.50 -25.96 17.66
CMA HEM G . 11.38 -24.24 18.47
CAA HEM G . 9.67 -24.58 21.15
CBA HEM G . 10.87 -25.04 21.95
CGA HEM G . 10.83 -24.30 23.25
O1A HEM G . 11.86 -24.34 23.98
O2A HEM G . 9.79 -23.66 23.59
C1B HEM G . 9.06 -26.62 15.37
C2B HEM G . 9.36 -26.55 13.97
C3B HEM G . 8.32 -27.11 13.31
C4B HEM G . 7.38 -27.58 14.29
CMB HEM G . 10.63 -25.90 13.44
CAB HEM G . 8.11 -27.33 11.81
CBB HEM G . 9.11 -27.28 10.96
C1C HEM G . 5.37 -28.75 14.91
C2C HEM G . 4.28 -29.65 14.61
C3C HEM G . 3.66 -29.92 15.75
C4C HEM G . 4.37 -29.22 16.80
CMC HEM G . 3.95 -30.12 13.19
CAC HEM G . 2.46 -30.81 16.07
CBC HEM G . 1.85 -31.58 15.17
C1D HEM G . 4.73 -28.59 19.09
C2D HEM G . 4.25 -28.47 20.43
C3D HEM G . 5.29 -27.66 21.16
C4D HEM G . 6.30 -27.34 20.18
CMD HEM G . 2.97 -29.08 21.01
CAD HEM G . 5.24 -27.26 22.66
CBD HEM G . 6.09 -28.20 23.48
CGD HEM G . 5.90 -27.86 24.92
O1D HEM G . 5.64 -26.68 25.21
O2D HEM G . 6.01 -28.79 25.77
NA HEM G . 8.41 -26.60 18.24
NB HEM G . 7.86 -27.27 15.52
NC HEM G . 5.41 -28.50 16.26
ND HEM G . 5.94 -27.92 18.98
FE HEM G . 6.89 -27.58 17.23
HHB HEM G . 10.71 -25.71 16.09
HHC HEM G . 6.08 -28.48 13.06
HHD HEM G . 3.20 -29.66 18.36
HMA HEM G . 11.15 -23.31 18.67
HMAA HEM G . 11.70 -24.33 17.54
HMAB HEM G . 12.10 -24.54 19.07
HAA HEM G . 8.89 -24.70 21.69
HAAA HEM G . 9.78 -23.63 20.98
HBA HEM G . 11.69 -24.83 21.48
HBAA HEM G . 10.81 -26.00 22.11
HMB HEM G . 10.65 -24.97 13.72
HMBA HEM G . 10.64 -25.95 12.47
HMBB HEM G . 11.40 -26.36 13.80
HAB HEM G . 7.22 -27.52 11.48
HBB HEM G . 8.96 -27.42 10.00
HBBA HEM G . 10.01 -27.11 11.28
HMC HEM G . 3.19 -30.71 13.21
HMCA HEM G . 4.72 -30.60 12.83
HMCB HEM G . 3.76 -29.35 12.63
HAC HEM G . 2.11 -30.82 16.96
HBC HEM G . 1.10 -32.12 15.43
HBCA HEM G . 2.17 -31.60 14.25
HMD HEM G . 2.90 -28.84 21.96
HMDA HEM G . 3.00 -30.06 20.92
HMDB HEM G . 2.20 -28.73 20.53
HAD HEM G . 4.32 -27.29 22.97
HADA HEM G . 5.58 -26.35 22.75
HBD HEM G . 7.02 -28.10 23.23
HBDA HEM G . 5.81 -29.11 23.31
HHA HEM G . 7.56 -26.33 21.38
C1 AER H . -2.83 -22.00 15.19
C2 AER H . -4.23 -21.47 14.83
C3 AER H . -5.16 -22.13 15.84
O3 AER H . -6.50 -21.72 15.50
C4 AER H . -4.75 -21.72 17.23
C5 AER H . -3.41 -22.15 17.43
C6 AER H . -3.01 -23.12 18.38
C7 AER H . -1.61 -23.45 18.41
C8 AER H . -0.56 -22.38 18.00
C9 AER H . -0.92 -22.32 16.68
C10 AER H . -2.38 -21.62 16.62
C11 AER H . 0.11 -21.63 15.78
C12 AER H . 1.47 -22.48 15.93
C13 AER H . 1.91 -22.44 17.44
C14 AER H . 0.79 -23.21 18.12
C15 AER H . 1.24 -23.31 19.45
C16 AER H . 2.43 -24.03 19.15
C17 AER H . 2.87 -23.53 17.92
C18 AER H . 2.24 -21.09 18.04
C19 AER H . -2.32 -20.12 16.72
C20 AER H . 4.01 -24.07 17.42
C21 AER H . 4.43 -25.23 17.99
N22 AER H . 5.61 -25.82 17.59
C23 AER H . 6.47 -25.19 16.74
C24 AER H . 6.15 -23.98 16.25
C25 AER H . 4.95 -23.41 16.63
H1 AER H . -2.11 -21.59 14.47
H1A AER H . -2.84 -23.09 15.10
H2 AER H . -4.49 -21.75 13.81
H2A AER H . -4.26 -20.39 14.94
H3 AER H . -5.08 -23.22 15.75
HO3 AER H . -6.57 -20.73 15.55
H4 AER H . -5.40 -22.18 17.97
H4A AER H . -4.80 -20.62 17.32
H6 AER H . -3.74 -23.60 19.05
H7 AER H . -1.46 -24.30 17.74
H7A AER H . -1.36 -23.76 19.42
H8 AER H . -0.61 -21.44 18.56
H9 AER H . -1.03 -23.34 16.32
H11 AER H . -0.22 -21.62 14.74
H11A AER H . 0.27 -20.60 16.12
H12 AER H . 1.28 -23.52 15.63
H12A AER H . 2.24 -22.06 15.30
H14 AER H . 0.67 -24.21 17.67
H15 AER H . 0.55 -23.90 20.07
H15A AER H . 1.44 -22.32 19.88
H16 AER H . 2.90 -24.81 19.74
H18 AER H . 3.25 -20.81 17.76
H18A AER H . 2.16 -21.15 19.13
H18B AER H . 1.53 -20.35 17.66
H19 AER H . -3.33 -19.72 16.67
H19A AER H . -1.72 -19.73 15.89
H19B AER H . -1.85 -19.84 17.66
H21 AER H . 3.76 -25.78 18.65
H23 AER H . 7.41 -25.67 16.47
H24 AER H . 6.82 -23.47 15.55
H25 AER H . 4.68 -22.44 16.20
CHA HEM I . -2.83 25.34 18.61
CHB HEM I . -5.90 25.62 22.29
CHC HEM I . -9.52 26.26 19.21
CHD HEM I . -6.41 26.68 15.60
C1A HEM I . -3.38 25.26 19.86
C2A HEM I . -2.70 24.76 21.03
C3A HEM I . -3.56 24.84 22.04
C4A HEM I . -4.79 25.38 21.55
CMA HEM I . -3.31 24.42 23.49
CAA HEM I . -1.27 24.18 21.09
CBA HEM I . -0.14 25.13 21.42
CGA HEM I . 1.10 24.28 21.46
O1A HEM I . 2.08 24.62 22.16
O2A HEM I . 1.12 23.20 20.81
C1B HEM I . -7.15 25.76 21.77
C2B HEM I . -8.37 25.75 22.53
C3B HEM I . -9.37 25.92 21.70
C4B HEM I . -8.82 26.06 20.36
CMB HEM I . -8.50 25.57 24.05
CAB HEM I . -10.83 25.96 22.16
CBB HEM I . -11.84 26.07 21.30
C1C HEM I . -8.97 26.52 18.00
C2C HEM I . -9.71 27.02 16.86
C3C HEM I . -8.87 27.14 15.85
C4C HEM I . -7.57 26.73 16.32
CMC HEM I . -11.20 27.38 16.81
CAC HEM I . -9.34 27.67 14.48
CBC HEM I . -8.49 27.96 13.49
C1D HEM I . -5.17 26.30 16.07
C2D HEM I . -4.01 26.12 15.24
C3D HEM I . -2.89 25.70 16.16
C4D HEM I . -3.50 25.67 17.47
CMD HEM I . -3.88 26.29 13.72
CAD HEM I . -1.44 25.38 15.75
CBD HEM I . -0.52 26.57 15.99
CGD HEM I . 0.91 26.23 15.65
O1D HEM I . 1.27 25.04 15.74
O2D HEM I . 1.70 27.13 15.29
NA HEM I . -4.65 25.64 20.20
NB HEM I . -7.45 25.95 20.44
NC HEM I . -7.67 26.35 17.63
ND HEM I . -4.84 26.04 17.38
FE HEM I . -6.14 25.97 18.96
HHB HEM I . -5.76 25.93 23.21
HHC HEM I . -10.48 26.21 19.27
HHD HEM I . -6.45 26.95 14.66
HMA HEM I . -3.08 23.46 23.53
HMAA HEM I . -4.12 24.58 24.03
HMAB HEM I . -2.57 24.94 23.85
HAA HEM I . -1.08 23.78 20.22
HAAA HEM I . -1.27 23.47 21.75
HBA HEM I . -0.29 25.54 22.29
HBAA HEM I . -0.06 25.81 20.73
HMB HEM I . -8.11 24.72 24.31
HMBA HEM I . -9.42 25.60 24.31
HMBB HEM I . -8.01 26.28 24.50
HAB HEM I . -11.03 25.93 23.10
HBB HEM I . -12.76 26.09 21.64
HBBA HEM I . -11.67 26.12 20.36
HMC HEM I . -11.44 27.68 15.92
HMCA HEM I . -11.40 28.07 17.46
HMCB HEM I . -11.73 26.58 17.01
HAC HEM I . -10.28 27.79 14.32
HBC HEM I . -8.83 28.29 12.65
HBCA HEM I . -7.54 27.84 13.62
HMD HEM I . -2.95 26.09 13.45
HMDA HEM I . -4.10 27.21 13.48
HMDB HEM I . -4.49 25.67 13.26
HAD HEM I . -1.42 25.14 14.81
HADA HEM I . -1.13 24.62 16.27
HBD HEM I . -0.58 26.83 16.91
HBDA HEM I . -0.81 27.31 15.43
HHA HEM I . -1.91 25.02 18.52
C1 AER J . -9.68 17.37 12.81
C2 AER J . -10.33 16.25 11.96
C3 AER J . -9.98 16.65 10.52
O3 AER J . -10.57 15.76 9.58
C4 AER J . -8.44 16.70 10.36
C5 AER J . -7.94 17.64 11.25
C6 AER J . -7.17 18.74 10.84
C7 AER J . -6.72 19.59 11.88
C8 AER J . -6.46 19.03 13.25
C9 AER J . -7.79 18.70 13.59
C10 AER J . -8.16 17.48 12.65
C11 AER J . -8.06 18.38 15.05
C12 AER J . -7.61 19.62 15.83
C13 AER J . -6.05 19.87 15.55
C14 AER J . -6.04 20.30 14.10
C15 AER J . -4.71 20.77 13.90
C16 AER J . -4.80 21.78 14.91
C17 AER J . -5.60 21.21 15.91
C18 AER J . -5.07 18.79 15.96
C19 AER J . -7.57 16.17 13.12
C20 AER J . -5.94 21.84 17.05
C21 AER J . -5.74 23.20 17.25
N22 AER J . -6.04 23.80 18.48
C23 AER J . -6.34 23.06 19.59
C24 AER J . -6.40 21.67 19.45
C25 AER J . -6.17 21.09 18.20
H1 AER J . -9.90 17.18 13.87
H1A AER J . -10.13 18.32 12.54
H2 AER J . -11.41 16.23 12.10
H2A AER J . -9.89 15.28 12.20
H3 AER J . -10.38 17.66 10.33
HO3 AER J . -10.25 14.82 9.75
H4 AER J . -8.19 16.98 9.34
H4A AER J . -8.03 15.72 10.59
H6 AER J . -6.94 18.93 9.79
H7 AER J . -7.44 20.38 11.99
H7A AER J . -5.79 20.03 11.55
H8 AER J . -5.76 18.19 13.28
H9 AER J . -8.42 19.55 13.32
H11 AER J . -9.12 18.20 15.20
H11A AER J . -7.49 17.50 15.35
H12 AER J . -8.18 20.49 15.51
H12A AER J . -7.76 19.45 16.90
H14 AER J . -6.75 21.12 13.95
H15 AER J . -4.58 21.17 12.90
H15A AER J . -3.98 19.99 14.14
H16 AER J . -4.33 22.76 14.91
H18 AER J . -4.93 18.82 17.04
H18A AER J . -4.12 18.96 15.46
H18B AER J . -5.46 17.81 15.67
H19 AER J . -7.86 15.37 12.43
H19A AER J . -7.93 15.94 14.12
H19B AER J . -6.48 16.25 13.14
H21 AER J . -5.53 23.84 16.39
H23 AER J . -6.53 23.53 20.56
H24 AER J . -6.66 21.04 20.30
H25 AER J . -6.23 20.00 18.11
CHA HEM K . 24.00 14.10 -14.83
CHB HEM K . 26.14 12.36 -18.75
CHC HEM K . 28.60 9.31 -15.97
CHD HEM K . 26.98 11.49 -12.02
C1A HEM K . 24.31 13.83 -16.12
C2A HEM K . 23.59 14.37 -17.24
C3A HEM K . 24.17 13.90 -18.33
C4A HEM K . 25.27 13.05 -17.93
CMA HEM K . 23.73 14.19 -19.78
CAA HEM K . 22.37 15.28 -17.08
CBA HEM K . 22.37 16.52 -17.95
CGA HEM K . 21.11 17.30 -17.63
O1A HEM K . 21.01 18.49 -18.02
O2A HEM K . 20.19 16.76 -16.98
C1B HEM K . 26.95 11.36 -18.32
C2B HEM K . 27.70 10.46 -19.18
C3B HEM K . 28.38 9.62 -18.39
C4B HEM K . 28.08 9.98 -17.04
CMB HEM K . 27.66 10.54 -20.72
CAB HEM K . 29.34 8.45 -18.71
CBB HEM K . 29.72 8.12 -19.94
C1C HEM K . 28.43 9.67 -14.68
C2C HEM K . 29.16 9.11 -13.59
C3C HEM K . 28.75 9.71 -12.48
C4C HEM K . 27.71 10.66 -12.84
CMC HEM K . 30.25 8.03 -13.71
CAC HEM K . 29.32 9.36 -11.08
CBC HEM K . 29.15 10.17 -10.05
C1D HEM K . 25.98 12.34 -12.42
C2D HEM K . 25.12 13.08 -11.53
C3D HEM K . 24.19 13.90 -12.41
C4D HEM K . 24.60 13.56 -13.74
CMD HEM K . 25.11 13.06 -10.01
CAD HEM K . 23.05 14.88 -12.00
CBD HEM K . 23.56 16.31 -11.83
CGD HEM K . 22.46 17.27 -11.40
O1D HEM K . 21.26 16.93 -11.55
O2D HEM K . 22.75 18.39 -10.89
NA HEM K . 25.33 13.03 -16.57
NB HEM K . 27.22 11.04 -17.01
NC HEM K . 27.55 10.60 -14.20
ND HEM K . 25.64 12.65 -13.72
FE HEM K . 26.32 11.74 -15.39
HHB HEM K . 26.37 12.79 -19.61
HHC HEM K . 29.30 8.64 -16.16
HHD HEM K . 27.14 11.40 -11.06
HMA HEM K . 22.81 13.88 -19.92
HMAA HEM K . 24.33 13.71 -20.40
HMAB HEM K . 23.79 15.14 -19.96
HAA HEM K . 22.30 15.55 -16.16
HAAA HEM K . 21.57 14.76 -17.30
HBA HEM K . 22.38 16.27 -18.89
HBAA HEM K . 23.15 17.06 -17.76
HMB HEM K . 26.75 10.41 -21.02
HMBA HEM K . 28.23 9.85 -21.09
HMBB HEM K . 27.98 11.40 -21.01
HAB HEM K . 29.69 7.94 -17.97
HBB HEM K . 30.33 7.37 -20.08
HBBA HEM K . 29.39 8.62 -20.71
HMC HEM K . 30.60 7.82 -12.83
HMCA HEM K . 30.97 8.36 -14.28
HMCB HEM K . 29.86 7.24 -14.10
HAC HEM K . 29.80 8.54 -10.97
HBC HEM K . 29.51 9.94 -9.19
HBCA HEM K . 28.66 11.01 -10.16
HMD HEM K . 24.41 13.66 -9.67
HMDA HEM K . 25.99 13.35 -9.67
HMDB HEM K . 24.92 12.16 -9.69
HAD HEM K . 22.67 14.58 -11.16
HADA HEM K . 22.36 14.87 -12.69
HBD HEM K . 23.94 16.62 -12.67
HBDA HEM K . 24.26 16.31 -11.15
HHA HEM K . 23.29 14.75 -14.67
C1 AER L . 20.58 2.95 -10.65
C2 AER L . 19.94 1.71 -10.00
C3 AER L . 20.33 1.91 -8.52
O3 AER L . 19.97 0.74 -7.71
C4 AER L . 19.66 3.22 -8.01
C5 AER L . 20.18 4.29 -8.75
C6 AER L . 20.90 5.33 -8.19
C7 AER L . 21.37 6.31 -9.09
C8 AER L . 20.62 6.60 -10.34
C9 AER L . 20.85 5.37 -10.97
C10 AER L . 20.01 4.33 -10.14
C11 AER L . 20.54 5.30 -12.46
C12 AER L . 21.38 6.40 -13.13
C13 AER L . 20.99 7.81 -12.47
C14 AER L . 21.52 7.69 -11.08
C15 AER L . 21.39 9.02 -10.59
C16 AER L . 22.23 9.61 -11.58
C17 AER L . 21.96 8.87 -12.73
C18 AER L . 19.54 8.31 -12.60
C19 AER L . 18.55 4.44 -10.48
C20 AER L . 22.54 9.08 -13.92
C21 AER L . 23.61 9.96 -14.11
N22 AER L . 24.14 10.22 -15.42
C23 AER L . 23.47 9.72 -16.55
C24 AER L . 22.31 8.95 -16.38
C25 AER L . 21.84 8.68 -15.07
H1 AER L . 20.42 2.90 -11.73
H1A AER L . 21.65 2.93 -10.45
H2 AER L . 20.37 0.79 -10.40
H2A AER L . 18.86 1.71 -10.13
H3 AER L . 21.41 2.02 -8.46
HO3 AER L . 18.99 0.60 -7.76
H4 AER L . 19.88 3.37 -6.96
H4A AER L . 18.58 3.17 -8.15
H6 AER L . 21.10 5.39 -7.12
H7 AER L . 22.38 6.02 -9.39
H7A AER L . 21.43 7.24 -8.55
H8 AER L . 19.58 6.86 -10.20
H9 AER L . 21.91 5.12 -10.84
H11 AER L . 20.81 4.32 -12.86
H11A AER L . 19.48 5.49 -12.63
H12 AER L . 22.44 6.20 -12.98
H12A AER L . 21.17 6.42 -14.20
H14 AER L . 22.57 7.39 -11.09
H15 AER L . 21.80 9.13 -9.59
H15A AER L . 20.35 9.37 -10.67
H16 AER L . 22.90 10.46 -11.48
H18 AER L . 19.38 8.69 -13.61
H18A AER L . 19.38 9.12 -11.89
H18B AER L . 18.85 7.50 -12.40
H19 AER L . 17.98 3.71 -9.89
H19A AER L . 18.40 4.24 -11.54
H19B AER L . 18.19 5.45 -10.25
H21 AER L . 24.15 10.32 -13.24
H23 AER L . 23.85 9.94 -17.55
H24 AER L . 21.79 8.54 -17.25
H25 AER L . 20.96 8.05 -14.96
#